data_9MJ9
#
_entry.id   9MJ9
#
loop_
_entity.id
_entity.type
_entity.pdbx_description
1 polymer 'Fatty acid synthase'
2 polymer 'Fatty acid synthase'
#
loop_
_entity_poly.entity_id
_entity_poly.type
_entity_poly.pdbx_seq_one_letter_code
_entity_poly.pdbx_strand_id
1 'polypeptide(L)'
;MEEVVIAGMSGKLPESENLQEFWDNLIGGVDMVTDDDRRWKAGLYGLPRRSGKLKDLSRFDASFFGVHPKQAHTMDPQLR
LLLEVTYEAIVDGGINPDSLRGTHTGVWVGVSGSETSEALSRDPETLVGYSMVGCQRAMMANRLSFFFDFRGPSIALDTA
CSSSLMALQNAYQAIHSGQCPAAIVGGINVLLKPNTSVQFLRLGMLSPEGTCKAFDTAGNGYCRSEGVVAVLLTKKSLAR
RVYATILNAGTNTDGFKEQGVTFPSGDIQEQLIRSLYQSAGVAPESFEYIEAHGTGTKVGDPQELNGITRALCATRQEPL
LIGSTKSNMGHPEPASGLAALAKVLLSLEHGLWAPNLHFHSPNPEIPALLDGRLQVVDQPLPVRGGNVGINSFGFGGSNV
HIILRPNTQPPPAPAPHATLPRLLRASGRTPEAVQKLLEQGLRHSQDLAFLSMLNDIAAVPATAMPFRGYAVLGGERGGP
EVQQVPAGERPLWFICSGMGTQWRGMGLSLMRLDRFRDSILRSDEAVKPFGLKVSQLLLSTDESTFDDIVHSFVSLTAIQ
IGLIDLLSCMGLRPDGIVGHSLGEVACGYADGCLSQEEAVLAAYWRGQCIKEAHLPPGAMAAVGLSWEECKQRCPPGVVP
ACHNSKDTVTISGPQAPVFEFVEQLRKEGVFAKEVRTGGMAFHSYFMEAIAPPLLQELKKVIREPKPRSARWLSTSIPEA
QWHSSLARTSSAEYNVNNLVSPVLFQEALWHVPEHAVVLEIAPHALLQAVLKRGLKPSCTIIPLMKKDHRDNLEFFLAGI
GRLHLSGIDANPNALFPPVEFPAPRGTPLISPLIKWDHSLAWDVPAAEDFPNGS
;
A,B
2 'polypeptide(L)' D(4HH)LMSVEVRQTLEREL C
#
# COMPACT_ATOMS: atom_id res chain seq x y z
N MET A 1 -0.06 10.60 -12.00
CA MET A 1 -0.23 11.48 -13.15
C MET A 1 -1.62 11.31 -13.76
N GLU A 2 -2.43 10.44 -13.18
CA GLU A 2 -3.79 10.20 -13.66
C GLU A 2 -4.77 10.75 -12.64
N GLU A 3 -5.88 11.31 -13.11
CA GLU A 3 -6.92 11.75 -12.20
C GLU A 3 -7.77 10.56 -11.76
N VAL A 4 -8.12 10.55 -10.47
CA VAL A 4 -8.86 9.45 -9.86
C VAL A 4 -10.24 9.98 -9.45
N VAL A 5 -11.29 9.27 -9.83
CA VAL A 5 -12.65 9.69 -9.57
C VAL A 5 -13.38 8.56 -8.85
N ILE A 6 -14.45 8.91 -8.15
CA ILE A 6 -15.33 7.92 -7.56
C ILE A 6 -16.49 7.67 -8.51
N ALA A 7 -16.65 6.43 -8.95
CA ALA A 7 -17.56 6.10 -10.04
C ALA A 7 -18.82 5.39 -9.55
N GLY A 8 -18.69 4.53 -8.54
CA GLY A 8 -19.81 3.75 -8.08
C GLY A 8 -19.92 3.67 -6.59
N MET A 9 -21.11 3.35 -6.09
CA MET A 9 -21.39 3.32 -4.66
C MET A 9 -22.51 2.35 -4.38
N SER A 10 -22.35 1.54 -3.34
CA SER A 10 -23.42 0.72 -2.83
C SER A 10 -23.14 0.42 -1.36
N GLY A 11 -24.19 0.05 -0.64
CA GLY A 11 -23.98 -0.19 0.78
C GLY A 11 -25.17 -0.82 1.45
N LYS A 12 -24.91 -1.37 2.63
CA LYS A 12 -25.94 -1.90 3.52
C LYS A 12 -25.60 -1.38 4.91
N LEU A 13 -26.43 -0.44 5.40
CA LEU A 13 -26.15 0.20 6.71
C LEU A 13 -27.38 0.00 7.62
N PRO A 14 -27.27 0.23 8.94
CA PRO A 14 -28.40 -0.02 9.86
C PRO A 14 -29.72 0.59 9.44
N GLU A 15 -30.76 -0.26 9.38
CA GLU A 15 -32.10 0.20 8.96
C GLU A 15 -31.98 0.81 7.55
N SER A 16 -30.92 0.43 6.82
CA SER A 16 -30.68 0.98 5.46
C SER A 16 -30.28 -0.14 4.51
N GLU A 17 -31.25 -0.91 4.01
CA GLU A 17 -30.97 -2.02 3.07
C GLU A 17 -30.31 -1.44 1.81
N ASN A 18 -30.82 -0.33 1.30
CA ASN A 18 -30.27 0.29 0.06
C ASN A 18 -29.63 1.65 0.40
N LEU A 19 -28.87 2.22 -0.53
CA LEU A 19 -28.17 3.51 -0.26
C LEU A 19 -29.21 4.62 -0.10
N GLN A 20 -30.35 4.50 -0.79
CA GLN A 20 -31.40 5.55 -0.68
C GLN A 20 -32.04 5.46 0.71
N GLU A 21 -32.39 4.25 1.16
CA GLU A 21 -32.92 4.12 2.54
C GLU A 21 -31.94 4.78 3.51
N PHE A 22 -30.63 4.54 3.33
CA PHE A 22 -29.61 5.19 4.20
C PHE A 22 -29.82 6.70 4.17
N TRP A 23 -29.75 7.30 2.98
CA TRP A 23 -29.90 8.77 2.86
C TRP A 23 -31.16 9.23 3.58
N ASP A 24 -32.28 8.55 3.34
CA ASP A 24 -33.59 8.99 3.92
C ASP A 24 -33.45 8.99 5.45
N ASN A 25 -32.93 7.90 6.03
CA ASN A 25 -32.80 7.81 7.51
C ASN A 25 -31.88 8.94 7.99
N LEU A 26 -30.83 9.23 7.22
CA LEU A 26 -29.85 10.28 7.60
C LEU A 26 -30.52 11.66 7.64
N ILE A 27 -31.29 12.01 6.61
CA ILE A 27 -31.92 13.37 6.53
C ILE A 27 -33.24 13.34 7.34
N GLY A 28 -33.80 12.15 7.57
CA GLY A 28 -35.04 12.05 8.36
C GLY A 28 -34.76 12.33 9.82
N GLY A 29 -33.50 12.23 10.24
CA GLY A 29 -33.13 12.45 11.65
C GLY A 29 -33.53 11.28 12.51
N VAL A 30 -33.77 10.12 11.88
CA VAL A 30 -34.18 8.89 12.64
C VAL A 30 -32.94 8.33 13.36
N ASP A 31 -33.12 7.83 14.58
CA ASP A 31 -31.99 7.20 15.33
C ASP A 31 -31.81 5.76 14.82
N MET A 32 -30.92 5.57 13.84
CA MET A 32 -30.73 4.25 13.26
C MET A 32 -30.22 3.23 14.26
N VAL A 33 -29.95 3.63 15.49
CA VAL A 33 -29.57 2.69 16.54
C VAL A 33 -30.82 2.30 17.31
N THR A 34 -30.91 1.02 17.67
CA THR A 34 -32.13 0.45 18.23
C THR A 34 -31.80 -0.34 19.48
N ASP A 35 -32.84 -0.65 20.25
CA ASP A 35 -32.66 -1.48 21.48
C ASP A 35 -33.45 -2.77 21.30
N ASP A 36 -32.95 -3.69 20.46
CA ASP A 36 -33.68 -4.95 20.17
C ASP A 36 -32.75 -6.14 20.37
N ASP A 37 -33.29 -7.30 20.76
CA ASP A 37 -32.45 -8.52 20.91
C ASP A 37 -32.31 -9.17 19.52
N ARG A 38 -31.58 -8.52 18.62
CA ARG A 38 -31.44 -9.04 17.24
C ARG A 38 -30.14 -9.87 17.13
N ARG A 39 -29.26 -9.76 18.13
CA ARG A 39 -28.01 -10.52 18.09
C ARG A 39 -27.67 -11.16 19.43
N TRP A 40 -27.89 -10.45 20.54
CA TRP A 40 -27.85 -11.08 21.85
C TRP A 40 -28.95 -10.45 22.67
N LYS A 41 -28.91 -10.65 23.99
CA LYS A 41 -29.94 -10.13 24.88
C LYS A 41 -29.84 -8.61 25.00
N ALA A 42 -30.73 -8.05 25.82
CA ALA A 42 -30.82 -6.60 25.92
C ALA A 42 -29.61 -6.01 26.63
N GLY A 43 -29.33 -6.48 27.83
CA GLY A 43 -28.27 -5.87 28.60
C GLY A 43 -27.38 -6.85 29.33
N LEU A 44 -27.13 -8.02 28.74
CA LEU A 44 -26.35 -9.03 29.41
C LEU A 44 -24.89 -8.61 29.51
N TYR A 45 -24.24 -9.06 30.59
CA TYR A 45 -22.88 -8.71 31.01
C TYR A 45 -22.73 -7.22 31.28
N GLY A 46 -23.82 -6.50 31.54
CA GLY A 46 -23.75 -5.07 31.73
C GLY A 46 -23.53 -4.26 30.48
N LEU A 47 -23.78 -4.83 29.31
CA LEU A 47 -23.56 -4.12 28.06
C LEU A 47 -24.63 -3.05 27.84
N PRO A 48 -24.33 -2.02 27.06
CA PRO A 48 -25.39 -1.06 26.68
C PRO A 48 -26.45 -1.73 25.82
N ARG A 49 -27.68 -1.28 26.01
CA ARG A 49 -28.79 -1.91 25.31
C ARG A 49 -28.91 -1.46 23.86
N ARG A 50 -28.30 -0.34 23.50
CA ARG A 50 -28.50 0.25 22.19
C ARG A 50 -27.33 -0.05 21.27
N SER A 51 -27.63 -0.39 20.03
CA SER A 51 -26.63 -0.65 19.03
C SER A 51 -27.29 -0.51 17.66
N GLY A 52 -26.45 -0.27 16.64
CA GLY A 52 -26.93 -0.18 15.27
C GLY A 52 -26.64 -1.47 14.53
N LYS A 53 -27.69 -2.09 14.00
CA LYS A 53 -27.52 -3.37 13.35
C LYS A 53 -28.28 -3.41 12.03
N LEU A 54 -27.81 -4.29 11.15
CA LEU A 54 -28.37 -4.43 9.82
C LEU A 54 -29.75 -5.07 9.90
N LYS A 55 -30.53 -4.89 8.82
CA LYS A 55 -31.90 -5.36 8.81
C LYS A 55 -31.96 -6.88 8.68
N ASP A 56 -31.17 -7.46 7.78
CA ASP A 56 -31.13 -8.90 7.58
C ASP A 56 -29.69 -9.32 7.37
N LEU A 57 -29.43 -10.59 7.68
CA LEU A 57 -28.07 -11.11 7.62
C LEU A 57 -27.98 -12.49 6.99
N SER A 58 -29.09 -13.08 6.55
CA SER A 58 -29.13 -14.48 6.13
C SER A 58 -29.55 -14.64 4.67
N ARG A 59 -29.45 -13.59 3.86
CA ARG A 59 -29.91 -13.61 2.49
C ARG A 59 -28.71 -13.57 1.55
N PHE A 60 -28.71 -14.45 0.56
CA PHE A 60 -27.59 -14.54 -0.38
C PHE A 60 -28.07 -15.26 -1.63
N ASP A 61 -27.71 -14.72 -2.78
CA ASP A 61 -28.03 -15.31 -4.08
C ASP A 61 -26.88 -16.22 -4.46
N ALA A 62 -26.93 -17.46 -3.98
CA ALA A 62 -25.77 -18.35 -4.08
C ALA A 62 -25.56 -18.86 -5.50
N SER A 63 -26.64 -19.01 -6.27
CA SER A 63 -26.51 -19.55 -7.63
C SER A 63 -25.85 -18.56 -8.59
N PHE A 64 -26.08 -17.26 -8.39
CA PHE A 64 -25.48 -16.25 -9.26
C PHE A 64 -23.96 -16.21 -9.09
N PHE A 65 -23.49 -16.29 -7.86
CA PHE A 65 -22.08 -16.18 -7.58
C PHE A 65 -21.39 -17.53 -7.63
N GLY A 66 -22.11 -18.58 -7.96
CA GLY A 66 -21.56 -19.89 -8.21
C GLY A 66 -20.96 -20.58 -7.00
N VAL A 67 -21.59 -20.46 -5.84
CA VAL A 67 -21.14 -21.18 -4.66
C VAL A 67 -22.12 -22.31 -4.40
N HIS A 68 -21.57 -23.44 -3.93
CA HIS A 68 -22.37 -24.60 -3.62
C HIS A 68 -23.19 -24.31 -2.36
N PRO A 69 -24.43 -24.82 -2.28
CA PRO A 69 -25.26 -24.56 -1.09
C PRO A 69 -24.67 -25.07 0.21
N LYS A 70 -23.90 -26.14 0.18
CA LYS A 70 -23.21 -26.58 1.38
C LYS A 70 -22.05 -25.67 1.74
N GLN A 71 -21.39 -25.07 0.77
CA GLN A 71 -20.37 -24.06 1.02
C GLN A 71 -20.96 -22.72 1.44
N ALA A 72 -22.18 -22.39 1.02
CA ALA A 72 -22.79 -21.12 1.38
C ALA A 72 -23.23 -21.06 2.83
N HIS A 73 -23.58 -22.20 3.44
CA HIS A 73 -23.93 -22.21 4.85
C HIS A 73 -22.75 -21.95 5.75
N THR A 74 -21.56 -22.36 5.34
CA THR A 74 -20.35 -22.22 6.14
C THR A 74 -19.50 -21.03 5.71
N MET A 75 -20.14 -20.01 5.18
CA MET A 75 -19.50 -18.79 4.72
C MET A 75 -19.72 -17.68 5.76
N ASP A 76 -18.82 -16.71 5.80
CA ASP A 76 -18.95 -15.51 6.62
C ASP A 76 -20.09 -14.69 6.02
N PRO A 77 -21.10 -14.29 6.80
CA PRO A 77 -22.21 -13.49 6.23
C PRO A 77 -21.77 -12.17 5.62
N GLN A 78 -20.72 -11.60 6.20
CA GLN A 78 -20.19 -10.32 5.75
C GLN A 78 -19.52 -10.45 4.38
N LEU A 79 -19.00 -11.64 4.04
CA LEU A 79 -18.48 -11.86 2.70
C LEU A 79 -19.61 -12.01 1.68
N ARG A 80 -20.71 -12.66 2.06
CA ARG A 80 -21.86 -12.75 1.16
C ARG A 80 -22.45 -11.38 0.84
N LEU A 81 -22.63 -10.57 1.88
CA LEU A 81 -23.11 -9.21 1.69
C LEU A 81 -22.14 -8.37 0.87
N LEU A 82 -20.83 -8.57 1.09
CA LEU A 82 -19.84 -7.83 0.32
C LEU A 82 -19.84 -8.21 -1.15
N LEU A 83 -20.06 -9.48 -1.48
CA LEU A 83 -20.20 -9.89 -2.89
C LEU A 83 -21.38 -9.22 -3.56
N GLU A 84 -22.53 -9.17 -2.89
CA GLU A 84 -23.70 -8.53 -3.49
C GLU A 84 -23.52 -7.01 -3.65
N VAL A 85 -23.01 -6.32 -2.63
CA VAL A 85 -22.86 -4.87 -2.75
C VAL A 85 -21.72 -4.51 -3.68
N THR A 86 -20.76 -5.42 -3.87
CA THR A 86 -19.69 -5.19 -4.82
C THR A 86 -20.19 -5.25 -6.25
N TYR A 87 -21.11 -6.18 -6.54
CA TYR A 87 -21.77 -6.15 -7.84
C TYR A 87 -22.59 -4.87 -8.02
N GLU A 88 -23.30 -4.46 -6.97
CA GLU A 88 -24.19 -3.31 -7.07
C GLU A 88 -23.42 -2.01 -7.30
N ALA A 89 -22.20 -1.92 -6.76
CA ALA A 89 -21.36 -0.73 -6.96
C ALA A 89 -20.89 -0.56 -8.41
N ILE A 90 -20.45 -1.66 -9.02
CA ILE A 90 -20.03 -1.65 -10.42
C ILE A 90 -21.21 -1.28 -11.31
N VAL A 91 -22.38 -1.85 -11.02
CA VAL A 91 -23.58 -1.54 -11.81
C VAL A 91 -24.02 -0.09 -11.60
N ASP A 92 -23.85 0.44 -10.37
CA ASP A 92 -24.12 1.85 -10.11
C ASP A 92 -23.20 2.77 -10.88
N GLY A 93 -21.99 2.30 -11.21
CA GLY A 93 -21.09 3.13 -11.99
C GLY A 93 -21.50 3.30 -13.43
N GLY A 94 -22.45 2.50 -13.90
CA GLY A 94 -22.83 2.47 -15.29
C GLY A 94 -21.97 1.54 -16.13
N ILE A 95 -21.12 0.75 -15.49
CA ILE A 95 -20.17 -0.11 -16.19
C ILE A 95 -20.65 -1.55 -16.08
N ASN A 96 -20.69 -2.24 -17.22
CA ASN A 96 -20.92 -3.67 -17.21
C ASN A 96 -19.72 -4.36 -16.58
N PRO A 97 -19.91 -5.26 -15.61
CA PRO A 97 -18.76 -5.93 -14.97
C PRO A 97 -17.98 -6.83 -15.91
N ASP A 98 -18.55 -7.24 -17.04
CA ASP A 98 -17.85 -8.08 -17.98
C ASP A 98 -16.77 -7.35 -18.76
N SER A 99 -16.75 -6.02 -18.71
CA SER A 99 -15.70 -5.25 -19.36
C SER A 99 -14.44 -5.13 -18.49
N LEU A 100 -14.45 -5.67 -17.29
CA LEU A 100 -13.29 -5.66 -16.42
C LEU A 100 -12.76 -7.07 -16.14
N ARG A 101 -13.12 -8.05 -16.97
CA ARG A 101 -12.86 -9.46 -16.68
C ARG A 101 -11.40 -9.87 -16.85
N GLY A 102 -10.57 -9.07 -17.50
CA GLY A 102 -9.20 -9.51 -17.65
C GLY A 102 -8.21 -8.47 -17.22
N THR A 103 -8.72 -7.36 -16.71
CA THR A 103 -7.94 -6.17 -16.46
C THR A 103 -7.18 -6.30 -15.15
N HIS A 104 -6.36 -5.30 -14.87
CA HIS A 104 -5.47 -5.29 -13.71
C HIS A 104 -6.05 -4.51 -12.54
N THR A 105 -7.36 -4.59 -12.32
CA THR A 105 -7.98 -3.82 -11.24
C THR A 105 -7.77 -4.52 -9.90
N GLY A 106 -7.59 -3.72 -8.85
CA GLY A 106 -7.28 -4.24 -7.54
C GLY A 106 -8.44 -4.21 -6.56
N VAL A 107 -8.30 -4.97 -5.49
CA VAL A 107 -9.29 -5.03 -4.41
C VAL A 107 -8.59 -4.74 -3.10
N TRP A 108 -9.13 -3.81 -2.32
CA TRP A 108 -8.64 -3.48 -0.99
C TRP A 108 -9.82 -3.46 -0.04
N VAL A 109 -9.81 -4.33 0.97
CA VAL A 109 -10.91 -4.46 1.92
C VAL A 109 -10.39 -4.18 3.32
N GLY A 110 -11.10 -3.34 4.07
CA GLY A 110 -10.79 -3.10 5.46
C GLY A 110 -11.65 -3.91 6.41
N VAL A 111 -11.04 -4.93 7.02
CA VAL A 111 -11.78 -5.79 8.00
C VAL A 111 -11.10 -5.58 9.36
N SER A 112 -11.72 -6.09 10.44
CA SER A 112 -11.08 -6.00 11.78
C SER A 112 -11.42 -7.26 12.58
N GLY A 113 -12.46 -8.01 12.20
CA GLY A 113 -12.83 -9.16 12.99
C GLY A 113 -13.28 -10.30 12.14
N SER A 114 -13.06 -11.52 12.63
CA SER A 114 -13.57 -12.73 12.03
C SER A 114 -14.12 -13.61 13.16
N GLU A 115 -15.37 -13.37 13.53
CA GLU A 115 -16.02 -14.15 14.57
C GLU A 115 -16.68 -15.42 14.03
N THR A 116 -17.11 -15.40 12.77
CA THR A 116 -17.65 -16.59 12.13
C THR A 116 -16.60 -17.68 11.99
N SER A 117 -15.34 -17.29 11.81
CA SER A 117 -14.26 -18.26 11.71
C SER A 117 -14.07 -19.02 13.01
N GLU A 118 -14.15 -18.33 14.15
CA GLU A 118 -13.96 -19.02 15.41
C GLU A 118 -15.24 -19.66 15.92
N ALA A 119 -16.40 -19.26 15.41
CA ALA A 119 -17.61 -19.99 15.74
C ALA A 119 -17.71 -21.29 14.96
N LEU A 120 -17.18 -21.33 13.74
CA LEU A 120 -17.28 -22.50 12.89
C LEU A 120 -16.16 -23.50 13.12
N SER A 121 -15.20 -23.19 13.99
CA SER A 121 -14.09 -24.10 14.27
C SER A 121 -14.04 -24.52 15.74
N ARG A 122 -15.17 -24.46 16.45
CA ARG A 122 -15.16 -24.80 17.86
C ARG A 122 -15.16 -26.31 18.10
N ASP A 123 -15.71 -27.09 17.19
CA ASP A 123 -15.80 -28.53 17.38
C ASP A 123 -14.85 -29.23 16.42
N PRO A 124 -13.71 -29.75 16.88
CA PRO A 124 -12.75 -30.37 15.97
C PRO A 124 -13.13 -31.76 15.50
N GLU A 125 -14.28 -32.29 15.90
CA GLU A 125 -14.73 -33.58 15.42
C GLU A 125 -15.73 -33.46 14.27
N THR A 126 -16.47 -32.36 14.18
CA THR A 126 -17.43 -32.14 13.10
C THR A 126 -17.04 -30.97 12.21
N LEU A 127 -15.75 -30.70 12.08
CA LEU A 127 -15.27 -29.64 11.21
C LEU A 127 -15.45 -30.00 9.75
N VAL A 128 -15.48 -28.97 8.91
CA VAL A 128 -15.42 -29.11 7.47
C VAL A 128 -14.30 -28.22 6.97
N GLY A 129 -13.74 -28.56 5.81
CA GLY A 129 -12.66 -27.77 5.25
C GLY A 129 -13.10 -26.48 4.62
N TYR A 130 -14.37 -26.35 4.27
CA TYR A 130 -14.85 -25.16 3.56
C TYR A 130 -14.90 -23.93 4.46
N SER A 131 -14.88 -24.13 5.78
CA SER A 131 -14.90 -23.00 6.69
C SER A 131 -13.59 -22.23 6.65
N MET A 132 -12.50 -22.86 6.21
CA MET A 132 -11.27 -22.12 5.99
C MET A 132 -11.37 -21.23 4.76
N VAL A 133 -11.98 -21.75 3.70
CA VAL A 133 -12.10 -21.02 2.45
C VAL A 133 -13.10 -19.86 2.56
N GLY A 134 -14.16 -20.01 3.33
CA GLY A 134 -15.17 -18.97 3.38
C GLY A 134 -15.05 -17.98 4.52
N CYS A 135 -14.12 -18.18 5.45
CA CYS A 135 -14.05 -17.32 6.64
C CYS A 135 -12.68 -16.74 6.94
N GLN A 136 -11.63 -17.16 6.24
CA GLN A 136 -10.31 -16.57 6.44
C GLN A 136 -10.31 -15.13 5.96
N ARG A 137 -9.57 -14.27 6.68
CA ARG A 137 -9.65 -12.82 6.45
C ARG A 137 -9.11 -12.40 5.09
N ALA A 138 -8.15 -13.16 4.53
CA ALA A 138 -7.67 -12.83 3.18
C ALA A 138 -8.69 -13.17 2.12
N MET A 139 -9.63 -14.07 2.44
CA MET A 139 -10.60 -14.49 1.44
C MET A 139 -11.66 -13.44 1.21
N MET A 140 -11.79 -12.46 2.11
CA MET A 140 -12.71 -11.34 1.92
C MET A 140 -12.35 -10.50 0.71
N ALA A 141 -11.07 -10.46 0.33
CA ALA A 141 -10.66 -9.87 -0.93
C ALA A 141 -10.42 -10.89 -2.03
N ASN A 142 -9.94 -12.08 -1.68
CA ASN A 142 -9.59 -13.06 -2.70
C ASN A 142 -10.81 -13.66 -3.39
N ARG A 143 -11.94 -13.81 -2.68
CA ARG A 143 -13.15 -14.31 -3.33
C ARG A 143 -13.73 -13.28 -4.29
N LEU A 144 -13.60 -11.99 -3.97
CA LEU A 144 -14.03 -10.94 -4.88
C LEU A 144 -13.20 -10.95 -6.15
N SER A 145 -11.87 -11.06 -5.99
CA SER A 145 -11.01 -11.15 -7.16
C SER A 145 -11.24 -12.42 -7.95
N PHE A 146 -11.63 -13.51 -7.29
CA PHE A 146 -11.90 -14.76 -7.99
C PHE A 146 -13.18 -14.68 -8.79
N PHE A 147 -14.26 -14.15 -8.21
CA PHE A 147 -15.53 -14.11 -8.93
C PHE A 147 -15.50 -13.09 -10.06
N PHE A 148 -14.98 -11.89 -9.80
CA PHE A 148 -15.03 -10.86 -10.81
C PHE A 148 -13.89 -10.94 -11.81
N ASP A 149 -12.95 -11.87 -11.61
CA ASP A 149 -11.79 -12.11 -12.48
C ASP A 149 -10.91 -10.87 -12.58
N PHE A 150 -10.37 -10.46 -11.44
CA PHE A 150 -9.52 -9.28 -11.33
C PHE A 150 -8.07 -9.73 -11.16
N ARG A 151 -7.17 -9.11 -11.93
CA ARG A 151 -5.77 -9.51 -11.92
C ARG A 151 -4.87 -8.60 -11.09
N GLY A 152 -5.41 -7.59 -10.44
CA GLY A 152 -4.58 -6.66 -9.69
C GLY A 152 -4.31 -7.16 -8.29
N PRO A 153 -3.74 -6.29 -7.43
CA PRO A 153 -3.49 -6.68 -6.05
C PRO A 153 -4.78 -6.93 -5.28
N SER A 154 -4.74 -7.90 -4.38
CA SER A 154 -5.92 -8.32 -3.63
C SER A 154 -5.55 -8.41 -2.16
N ILE A 155 -5.78 -7.35 -1.40
CA ILE A 155 -5.26 -7.20 -0.04
C ILE A 155 -6.40 -6.94 0.94
N ALA A 156 -6.38 -7.64 2.06
CA ALA A 156 -7.21 -7.33 3.21
C ALA A 156 -6.33 -6.74 4.31
N LEU A 157 -6.70 -5.57 4.81
CA LEU A 157 -5.85 -4.87 5.76
C LEU A 157 -6.65 -4.43 6.99
N ASP A 158 -5.99 -4.39 8.13
CA ASP A 158 -6.59 -4.02 9.41
C ASP A 158 -5.78 -2.91 10.04
N THR A 159 -6.40 -1.77 10.27
CA THR A 159 -5.70 -0.60 10.78
C THR A 159 -6.63 0.07 11.82
N ALA A 160 -7.34 -0.78 12.55
CA ALA A 160 -8.36 -0.45 13.59
C ALA A 160 -9.47 0.38 12.92
N CYS A 161 -9.84 1.53 13.48
CA CYS A 161 -11.00 2.28 13.02
C CYS A 161 -10.79 2.97 11.68
N SER A 162 -9.55 3.20 11.25
CA SER A 162 -9.30 3.88 9.99
C SER A 162 -9.08 2.92 8.84
N SER A 163 -9.56 1.68 8.97
CA SER A 163 -9.19 0.61 8.06
C SER A 163 -9.82 0.79 6.69
N SER A 164 -11.03 1.32 6.64
CA SER A 164 -11.73 1.47 5.36
C SER A 164 -11.17 2.62 4.54
N LEU A 165 -10.80 3.71 5.21
CA LEU A 165 -10.26 4.85 4.50
C LEU A 165 -8.81 4.61 4.10
N MET A 166 -8.09 3.77 4.85
CA MET A 166 -6.73 3.39 4.46
C MET A 166 -6.74 2.57 3.18
N ALA A 167 -7.75 1.73 3.00
CA ALA A 167 -7.90 0.97 1.77
C ALA A 167 -8.17 1.90 0.58
N LEU A 168 -8.98 2.93 0.81
CA LEU A 168 -9.24 3.94 -0.21
C LEU A 168 -7.98 4.70 -0.56
N GLN A 169 -7.13 4.99 0.45
CA GLN A 169 -5.89 5.71 0.20
C GLN A 169 -4.92 4.88 -0.64
N ASN A 170 -4.81 3.58 -0.37
CA ASN A 170 -3.95 2.71 -1.16
C ASN A 170 -4.47 2.50 -2.57
N ALA A 171 -5.78 2.36 -2.74
CA ALA A 171 -6.37 2.27 -4.07
C ALA A 171 -6.17 3.56 -4.85
N TYR A 172 -6.19 4.71 -4.17
CA TYR A 172 -5.86 5.99 -4.80
C TYR A 172 -4.45 6.01 -5.35
N GLN A 173 -3.49 5.51 -4.57
CA GLN A 173 -2.10 5.52 -5.01
C GLN A 173 -1.85 4.54 -6.14
N ALA A 174 -2.60 3.45 -6.18
CA ALA A 174 -2.47 2.52 -7.30
C ALA A 174 -2.96 3.12 -8.62
N ILE A 175 -4.10 3.83 -8.61
CA ILE A 175 -4.60 4.45 -9.84
C ILE A 175 -3.74 5.63 -10.23
N HIS A 176 -3.28 6.41 -9.24
CA HIS A 176 -2.49 7.61 -9.50
C HIS A 176 -1.15 7.29 -10.15
N SER A 177 -0.54 6.18 -9.75
CA SER A 177 0.76 5.80 -10.30
C SER A 177 0.65 5.15 -11.68
N GLY A 178 -0.55 4.83 -12.15
CA GLY A 178 -0.70 4.12 -13.39
C GLY A 178 -0.56 2.62 -13.27
N GLN A 179 -0.47 2.09 -12.05
CA GLN A 179 -0.39 0.65 -11.86
C GLN A 179 -1.70 -0.04 -12.20
N CYS A 180 -2.83 0.53 -11.77
CA CYS A 180 -4.12 -0.10 -11.91
C CYS A 180 -5.05 0.81 -12.72
N PRO A 181 -5.92 0.26 -13.56
CA PRO A 181 -6.92 1.13 -14.21
C PRO A 181 -8.13 1.42 -13.34
N ALA A 182 -8.52 0.49 -12.47
CA ALA A 182 -9.67 0.66 -11.60
C ALA A 182 -9.37 -0.05 -10.29
N ALA A 183 -10.27 0.13 -9.32
CA ALA A 183 -10.08 -0.48 -8.01
C ALA A 183 -11.43 -0.61 -7.33
N ILE A 184 -11.47 -1.50 -6.34
CA ILE A 184 -12.65 -1.69 -5.50
C ILE A 184 -12.22 -1.59 -4.05
N VAL A 185 -12.88 -0.72 -3.30
CA VAL A 185 -12.61 -0.49 -1.89
C VAL A 185 -13.81 -0.96 -1.09
N GLY A 186 -13.57 -1.76 -0.06
CA GLY A 186 -14.65 -2.28 0.75
C GLY A 186 -14.41 -2.04 2.22
N GLY A 187 -15.48 -2.15 3.00
CA GLY A 187 -15.42 -2.07 4.44
C GLY A 187 -16.56 -2.83 5.09
N ILE A 188 -16.28 -3.70 6.04
CA ILE A 188 -17.26 -4.62 6.59
C ILE A 188 -17.12 -4.67 8.10
N ASN A 189 -18.26 -4.69 8.80
CA ASN A 189 -18.28 -4.88 10.24
C ASN A 189 -19.62 -5.51 10.62
N VAL A 190 -19.58 -6.58 11.41
CA VAL A 190 -20.77 -7.28 11.85
C VAL A 190 -20.59 -7.64 13.32
N LEU A 191 -21.59 -7.38 14.15
CA LEU A 191 -21.55 -7.66 15.58
C LEU A 191 -22.17 -9.01 15.87
N LEU A 192 -21.34 -10.00 16.20
CA LEU A 192 -21.86 -11.35 16.47
C LEU A 192 -21.59 -11.81 17.89
N LYS A 193 -20.40 -11.61 18.43
CA LYS A 193 -20.24 -12.12 19.78
C LYS A 193 -20.12 -10.98 20.79
N PRO A 194 -20.73 -11.12 21.97
CA PRO A 194 -20.73 -10.02 22.94
C PRO A 194 -19.44 -9.85 23.72
N ASN A 195 -18.49 -10.78 23.59
CA ASN A 195 -17.25 -10.70 24.34
C ASN A 195 -16.39 -9.52 23.88
N THR A 196 -16.44 -9.20 22.58
CA THR A 196 -15.76 -8.02 22.05
C THR A 196 -16.34 -6.74 22.62
N SER A 197 -17.66 -6.68 22.76
CA SER A 197 -18.29 -5.51 23.37
C SER A 197 -17.95 -5.40 24.84
N VAL A 198 -17.76 -6.54 25.52
CA VAL A 198 -17.34 -6.49 26.93
C VAL A 198 -15.91 -5.98 27.03
N GLN A 199 -15.05 -6.36 26.08
CA GLN A 199 -13.68 -5.82 26.03
C GLN A 199 -13.68 -4.31 25.83
N PHE A 200 -14.51 -3.82 24.91
CA PHE A 200 -14.58 -2.39 24.68
C PHE A 200 -15.20 -1.65 25.86
N LEU A 201 -16.12 -2.30 26.57
CA LEU A 201 -16.70 -1.71 27.77
C LEU A 201 -15.66 -1.59 28.89
N ARG A 202 -14.83 -2.61 29.07
CA ARG A 202 -13.82 -2.56 30.11
C ARG A 202 -12.69 -1.61 29.76
N LEU A 203 -12.46 -1.37 28.47
CA LEU A 203 -11.48 -0.35 28.09
C LEU A 203 -11.97 1.06 28.36
N GLY A 204 -13.27 1.26 28.53
CA GLY A 204 -13.81 2.59 28.76
C GLY A 204 -14.20 3.35 27.52
N MET A 205 -14.38 2.68 26.39
CA MET A 205 -14.65 3.36 25.13
C MET A 205 -16.13 3.40 24.77
N LEU A 206 -16.98 2.62 25.41
CA LEU A 206 -18.38 2.56 25.06
C LEU A 206 -19.20 3.49 25.95
N SER A 207 -20.11 4.22 25.32
CA SER A 207 -21.03 5.06 26.06
C SER A 207 -22.06 4.19 26.79
N PRO A 208 -22.39 4.52 28.04
CA PRO A 208 -23.46 3.77 28.72
C PRO A 208 -24.83 3.97 28.10
N GLU A 209 -25.07 5.10 27.46
CA GLU A 209 -26.36 5.36 26.82
C GLU A 209 -26.42 4.85 25.38
N GLY A 210 -25.31 4.38 24.83
CA GLY A 210 -25.27 3.90 23.47
C GLY A 210 -25.49 4.97 22.42
N THR A 211 -24.91 6.15 22.61
CA THR A 211 -25.13 7.29 21.73
C THR A 211 -23.79 7.98 21.45
N CYS A 212 -23.56 8.36 20.20
CA CYS A 212 -22.41 9.19 19.85
C CYS A 212 -22.86 10.65 19.91
N LYS A 213 -22.69 11.27 21.08
CA LYS A 213 -23.01 12.69 21.25
C LYS A 213 -21.82 13.48 20.71
N ALA A 214 -21.78 13.63 19.39
CA ALA A 214 -20.64 14.26 18.75
C ALA A 214 -20.62 15.76 19.00
N PHE A 215 -19.44 16.26 19.39
CA PHE A 215 -19.17 17.68 19.68
C PHE A 215 -20.02 18.23 20.80
N ASP A 216 -20.49 17.37 21.70
CA ASP A 216 -21.44 17.72 22.74
C ASP A 216 -20.75 17.69 24.10
N THR A 217 -21.32 18.42 25.05
CA THR A 217 -20.78 18.43 26.41
C THR A 217 -20.96 17.09 27.10
N ALA A 218 -22.02 16.37 26.77
CA ALA A 218 -22.37 15.13 27.45
C ALA A 218 -21.77 13.90 26.78
N GLY A 219 -20.78 14.06 25.91
CA GLY A 219 -20.22 12.91 25.22
C GLY A 219 -19.35 12.08 26.12
N ASN A 220 -19.60 10.76 26.14
CA ASN A 220 -18.85 9.87 27.02
C ASN A 220 -18.49 8.54 26.36
N GLY A 221 -18.48 8.46 25.05
CA GLY A 221 -18.15 7.22 24.38
C GLY A 221 -18.93 7.11 23.08
N TYR A 222 -18.78 5.95 22.44
CA TYR A 222 -19.47 5.72 21.18
C TYR A 222 -20.37 4.50 21.28
N CYS A 223 -21.09 4.25 20.19
CA CYS A 223 -22.03 3.14 20.08
C CYS A 223 -21.59 2.25 18.93
N ARG A 224 -21.53 0.95 19.17
CA ARG A 224 -21.05 0.02 18.16
C ARG A 224 -22.11 -0.23 17.09
N SER A 225 -21.67 -0.34 15.85
CA SER A 225 -22.59 -0.48 14.72
C SER A 225 -22.05 -1.45 13.70
N GLU A 226 -22.89 -1.77 12.72
CA GLU A 226 -22.56 -2.67 11.62
C GLU A 226 -22.58 -1.90 10.31
N GLY A 227 -22.11 -2.55 9.25
CA GLY A 227 -22.14 -1.93 7.94
C GLY A 227 -21.30 -2.61 6.88
N VAL A 228 -21.80 -2.66 5.65
CA VAL A 228 -21.10 -3.26 4.52
C VAL A 228 -21.18 -2.25 3.39
N VAL A 229 -20.06 -1.60 3.05
CA VAL A 229 -19.99 -0.55 2.04
C VAL A 229 -18.94 -0.92 1.01
N ALA A 230 -19.22 -0.63 -0.26
CA ALA A 230 -18.24 -0.76 -1.34
C ALA A 230 -18.33 0.43 -2.28
N VAL A 231 -17.18 0.91 -2.77
CA VAL A 231 -17.13 1.96 -3.78
C VAL A 231 -16.24 1.48 -4.92
N LEU A 232 -16.44 2.08 -6.09
CA LEU A 232 -15.66 1.78 -7.28
C LEU A 232 -14.86 3.00 -7.67
N LEU A 233 -13.54 2.85 -7.76
CA LEU A 233 -12.63 3.90 -8.15
C LEU A 233 -12.09 3.60 -9.54
N THR A 234 -11.87 4.64 -10.33
CA THR A 234 -11.38 4.45 -11.68
C THR A 234 -10.63 5.70 -12.13
N LYS A 235 -9.87 5.55 -13.20
CA LYS A 235 -9.30 6.71 -13.87
C LYS A 235 -10.41 7.48 -14.58
N LYS A 236 -10.10 8.72 -14.95
CA LYS A 236 -11.12 9.65 -15.44
C LYS A 236 -11.69 9.21 -16.79
N SER A 237 -10.87 8.60 -17.65
CA SER A 237 -11.31 8.26 -18.99
C SER A 237 -12.27 7.07 -19.01
N LEU A 238 -12.27 6.25 -17.96
CA LEU A 238 -13.17 5.10 -17.94
C LEU A 238 -14.50 5.39 -17.28
N ALA A 239 -14.68 6.57 -16.70
CA ALA A 239 -15.83 6.84 -15.84
C ALA A 239 -17.02 7.27 -16.66
N ARG A 240 -18.13 6.54 -16.52
CA ARG A 240 -19.41 6.96 -17.06
C ARG A 240 -20.13 7.90 -16.11
N ARG A 241 -19.87 7.76 -14.82
CA ARG A 241 -20.51 8.52 -13.76
C ARG A 241 -19.44 8.99 -12.79
N VAL A 242 -19.51 10.26 -12.39
CA VAL A 242 -18.55 10.83 -11.45
C VAL A 242 -19.30 11.43 -10.29
N TYR A 243 -19.02 10.95 -9.08
CA TYR A 243 -19.52 11.61 -7.87
C TYR A 243 -18.61 12.73 -7.43
N ALA A 244 -17.30 12.48 -7.38
CA ALA A 244 -16.31 13.47 -6.98
C ALA A 244 -14.96 13.04 -7.50
N THR A 245 -14.01 13.98 -7.47
CA THR A 245 -12.63 13.74 -7.84
C THR A 245 -11.75 13.81 -6.61
N ILE A 246 -10.94 12.78 -6.38
CA ILE A 246 -10.04 12.75 -5.23
C ILE A 246 -8.85 13.64 -5.55
N LEU A 247 -8.74 14.77 -4.85
CA LEU A 247 -7.62 15.67 -5.09
C LEU A 247 -6.35 15.15 -4.45
N ASN A 248 -6.43 14.62 -3.23
CA ASN A 248 -5.26 14.11 -2.53
C ASN A 248 -5.72 13.14 -1.45
N ALA A 249 -4.78 12.31 -1.00
CA ALA A 249 -5.03 11.33 0.04
C ALA A 249 -3.71 10.93 0.66
N GLY A 250 -3.69 10.83 1.99
CA GLY A 250 -2.44 10.53 2.69
C GLY A 250 -2.69 9.99 4.07
N THR A 251 -1.60 9.60 4.72
CA THR A 251 -1.69 8.97 6.04
C THR A 251 -0.41 9.23 6.83
N ASN A 252 -0.52 9.14 8.16
CA ASN A 252 0.64 9.11 9.04
C ASN A 252 0.25 8.39 10.33
N THR A 253 1.13 8.41 11.32
CA THR A 253 0.91 7.78 12.61
C THR A 253 1.39 8.73 13.70
N ASP A 254 0.79 8.61 14.89
CA ASP A 254 1.09 9.52 15.99
C ASP A 254 2.51 9.33 16.51
N GLY A 255 2.97 8.09 16.57
CA GLY A 255 4.28 7.83 17.17
C GLY A 255 4.18 7.67 18.67
N PHE A 256 5.23 8.10 19.37
CA PHE A 256 5.26 7.99 20.81
C PHE A 256 4.47 9.12 21.46
N LYS A 257 3.66 8.77 22.45
CA LYS A 257 2.90 9.72 23.23
C LYS A 257 3.09 9.42 24.70
N GLU A 258 3.27 10.46 25.52
CA GLU A 258 3.46 10.26 26.95
C GLU A 258 2.18 9.79 27.63
N GLN A 259 1.02 10.11 27.06
CA GLN A 259 -0.25 9.84 27.71
C GLN A 259 -0.64 8.36 27.61
N GLY A 260 -0.25 7.69 26.54
CA GLY A 260 -0.60 6.30 26.38
C GLY A 260 -0.73 5.95 24.91
N VAL A 261 -1.00 4.68 24.61
CA VAL A 261 -1.17 4.27 23.19
C VAL A 261 -2.55 4.73 22.69
N THR A 262 -3.58 4.53 23.51
CA THR A 262 -4.98 4.88 23.13
C THR A 262 -5.19 6.36 22.92
N PHE A 263 -4.57 7.25 23.72
CA PHE A 263 -4.94 8.69 23.65
C PHE A 263 -4.66 9.33 22.30
N PRO A 264 -5.63 10.14 21.78
CA PRO A 264 -5.45 10.86 20.52
C PRO A 264 -4.47 12.04 20.57
N SER A 265 -3.77 12.32 19.48
CA SER A 265 -2.88 13.52 19.45
C SER A 265 -3.29 14.44 18.28
N GLY A 266 -3.82 15.63 18.58
CA GLY A 266 -4.28 16.49 17.51
C GLY A 266 -3.20 17.18 16.71
N ASP A 267 -1.96 17.19 17.22
CA ASP A 267 -0.87 17.88 16.54
C ASP A 267 -0.45 17.13 15.28
N ILE A 268 -0.35 15.80 15.36
CA ILE A 268 0.01 14.99 14.19
C ILE A 268 -1.11 15.00 13.16
N GLN A 269 -2.37 15.03 13.62
CA GLN A 269 -3.50 15.15 12.70
C GLN A 269 -3.50 16.49 11.98
N GLU A 270 -3.17 17.57 12.71
CA GLU A 270 -3.06 18.89 12.11
C GLU A 270 -1.95 18.93 11.07
N GLN A 271 -0.82 18.27 11.37
CA GLN A 271 0.28 18.18 10.41
C GLN A 271 -0.13 17.43 9.15
N LEU A 272 -0.90 16.34 9.31
CA LEU A 272 -1.36 15.57 8.17
C LEU A 272 -2.28 16.40 7.27
N ILE A 273 -3.22 17.13 7.87
CA ILE A 273 -4.15 17.96 7.12
C ILE A 273 -3.41 19.07 6.36
N ARG A 274 -2.47 19.74 7.04
CA ARG A 274 -1.75 20.84 6.39
C ARG A 274 -0.82 20.34 5.28
N SER A 275 -0.18 19.19 5.47
CA SER A 275 0.71 18.66 4.45
C SER A 275 -0.06 18.22 3.21
N LEU A 276 -1.26 17.66 3.43
CA LEU A 276 -2.12 17.19 2.31
C LEU A 276 -2.50 18.37 1.42
N TYR A 277 -3.18 19.38 1.98
CA TYR A 277 -3.70 20.49 1.12
C TYR A 277 -2.51 21.24 0.46
N GLN A 278 -1.39 21.34 1.17
CA GLN A 278 -0.18 21.99 0.56
C GLN A 278 0.24 21.20 -0.67
N SER A 279 0.56 19.91 -0.49
CA SER A 279 0.93 19.07 -1.61
C SER A 279 -0.13 19.03 -2.69
N ALA A 280 -1.42 19.13 -2.34
CA ALA A 280 -2.46 19.18 -3.36
C ALA A 280 -2.54 20.52 -4.08
N GLY A 281 -2.09 21.60 -3.46
CA GLY A 281 -2.15 22.90 -4.07
C GLY A 281 -3.46 23.63 -3.91
N VAL A 282 -4.28 23.27 -2.93
CA VAL A 282 -5.57 23.91 -2.70
C VAL A 282 -5.46 24.84 -1.50
N ALA A 283 -6.11 25.97 -1.58
CA ALA A 283 -6.12 26.89 -0.47
C ALA A 283 -7.08 26.42 0.61
N PRO A 284 -6.80 26.71 1.89
CA PRO A 284 -7.75 26.37 2.96
C PRO A 284 -9.02 27.20 2.95
N GLU A 285 -9.08 28.28 2.17
CA GLU A 285 -10.30 29.07 2.09
C GLU A 285 -11.34 28.38 1.24
N SER A 286 -10.93 27.46 0.37
CA SER A 286 -11.82 26.84 -0.61
C SER A 286 -12.64 25.70 -0.02
N PHE A 287 -12.41 25.34 1.22
CA PHE A 287 -13.20 24.31 1.88
C PHE A 287 -14.53 24.88 2.36
N GLU A 288 -15.56 24.05 2.32
CA GLU A 288 -16.83 24.41 2.94
C GLU A 288 -17.36 23.41 3.93
N TYR A 289 -16.88 22.17 3.93
CA TYR A 289 -17.38 21.16 4.83
C TYR A 289 -16.25 20.21 5.17
N ILE A 290 -16.22 19.74 6.41
CA ILE A 290 -15.29 18.68 6.79
C ILE A 290 -16.05 17.67 7.62
N GLU A 291 -16.02 16.41 7.20
CA GLU A 291 -16.60 15.32 7.97
C GLU A 291 -15.54 14.88 8.97
N ALA A 292 -15.76 15.20 10.24
CA ALA A 292 -14.83 14.87 11.29
C ALA A 292 -14.93 13.39 11.64
N HIS A 293 -13.97 12.90 12.41
CA HIS A 293 -14.09 11.55 12.98
C HIS A 293 -15.28 11.48 13.92
N GLY A 294 -15.34 12.40 14.89
CA GLY A 294 -16.56 12.67 15.64
C GLY A 294 -17.14 11.53 16.44
N THR A 295 -16.30 10.79 17.15
CA THR A 295 -16.77 9.61 17.85
C THR A 295 -17.50 9.93 19.14
N GLY A 296 -17.40 11.15 19.65
CA GLY A 296 -18.14 11.53 20.83
C GLY A 296 -17.46 11.26 22.14
N THR A 297 -16.16 11.02 22.15
CA THR A 297 -15.43 10.76 23.39
C THR A 297 -15.09 12.07 24.10
N LYS A 298 -14.67 11.93 25.35
CA LYS A 298 -14.43 13.11 26.19
C LYS A 298 -13.13 13.81 25.83
N VAL A 299 -12.09 13.06 25.49
CA VAL A 299 -10.79 13.64 25.19
C VAL A 299 -10.46 13.64 23.70
N GLY A 300 -11.22 12.92 22.88
CA GLY A 300 -10.90 12.86 21.47
C GLY A 300 -11.45 14.03 20.68
N ASP A 301 -12.68 14.43 21.02
CA ASP A 301 -13.33 15.52 20.29
C ASP A 301 -12.63 16.87 20.44
N PRO A 302 -12.20 17.35 21.64
CA PRO A 302 -11.43 18.60 21.65
C PRO A 302 -10.09 18.53 20.94
N GLN A 303 -9.41 17.38 20.99
CA GLN A 303 -8.13 17.26 20.29
C GLN A 303 -8.30 17.33 18.78
N GLU A 304 -9.28 16.60 18.24
CA GLU A 304 -9.53 16.62 16.80
C GLU A 304 -10.02 17.99 16.35
N LEU A 305 -10.94 18.61 17.08
CA LEU A 305 -11.51 19.86 16.60
C LEU A 305 -10.54 21.02 16.77
N ASN A 306 -9.66 20.98 17.78
CA ASN A 306 -8.65 22.01 17.91
C ASN A 306 -7.55 21.83 16.87
N GLY A 307 -7.24 20.59 16.48
CA GLY A 307 -6.34 20.39 15.36
C GLY A 307 -6.92 20.90 14.05
N ILE A 308 -8.22 20.68 13.85
CA ILE A 308 -8.88 21.18 12.64
C ILE A 308 -8.89 22.70 12.62
N THR A 309 -9.20 23.35 13.75
CA THR A 309 -9.22 24.80 13.76
C THR A 309 -7.83 25.43 13.75
N ARG A 310 -6.77 24.67 14.05
CA ARG A 310 -5.43 25.21 13.85
C ARG A 310 -4.98 25.04 12.40
N ALA A 311 -5.30 23.91 11.79
CA ALA A 311 -4.86 23.67 10.41
C ALA A 311 -5.67 24.45 9.39
N LEU A 312 -6.92 24.76 9.70
CA LEU A 312 -7.86 25.25 8.70
C LEU A 312 -8.42 26.63 8.97
N CYS A 313 -8.75 26.96 10.21
CA CYS A 313 -9.50 28.17 10.52
C CYS A 313 -8.60 29.31 10.97
N ALA A 314 -7.39 29.40 10.42
CA ALA A 314 -6.47 30.45 10.84
C ALA A 314 -6.83 31.79 10.22
N THR A 315 -6.76 31.88 8.90
CA THR A 315 -7.18 33.09 8.16
C THR A 315 -8.24 32.64 7.17
N ARG A 316 -9.50 32.64 7.59
CA ARG A 316 -10.53 32.03 6.75
C ARG A 316 -11.65 33.01 6.42
N GLN A 317 -12.07 33.80 7.42
CA GLN A 317 -13.12 34.82 7.39
C GLN A 317 -14.51 34.26 7.10
N GLU A 318 -14.72 32.95 7.16
CA GLU A 318 -16.01 32.31 6.94
C GLU A 318 -16.15 31.16 7.93
N PRO A 319 -17.37 30.84 8.34
CA PRO A 319 -17.57 29.63 9.14
C PRO A 319 -17.32 28.39 8.31
N LEU A 320 -16.76 27.37 8.94
CA LEU A 320 -16.52 26.08 8.32
C LEU A 320 -17.51 25.07 8.87
N LEU A 321 -18.27 24.43 8.00
CA LEU A 321 -19.27 23.47 8.43
C LEU A 321 -18.61 22.16 8.82
N ILE A 322 -19.11 21.56 9.89
CA ILE A 322 -18.57 20.32 10.42
C ILE A 322 -19.73 19.39 10.77
N GLY A 323 -19.52 18.09 10.56
CA GLY A 323 -20.56 17.13 10.87
C GLY A 323 -19.97 15.77 11.15
N SER A 324 -20.83 14.84 11.55
CA SER A 324 -20.41 13.49 11.87
C SER A 324 -21.59 12.54 11.69
N THR A 325 -21.40 11.54 10.85
CA THR A 325 -22.45 10.56 10.58
C THR A 325 -22.60 9.53 11.71
N LYS A 326 -21.65 9.48 12.64
CA LYS A 326 -21.77 8.55 13.75
C LYS A 326 -22.84 8.97 14.74
N SER A 327 -23.18 10.25 14.77
CA SER A 327 -24.32 10.69 15.58
C SER A 327 -25.64 10.20 15.02
N ASN A 328 -25.74 10.01 13.71
CA ASN A 328 -26.95 9.45 13.12
C ASN A 328 -26.97 7.93 13.17
N MET A 329 -25.81 7.31 13.02
CA MET A 329 -25.73 5.89 12.73
C MET A 329 -25.08 5.06 13.82
N GLY A 330 -24.21 5.63 14.64
CA GLY A 330 -23.32 4.83 15.45
C GLY A 330 -22.00 4.66 14.74
N HIS A 331 -21.11 3.91 15.37
CA HIS A 331 -19.73 3.82 14.89
C HIS A 331 -19.39 2.38 14.51
N PRO A 332 -19.40 2.06 13.22
CA PRO A 332 -18.79 0.82 12.77
C PRO A 332 -17.29 1.01 12.76
N GLU A 333 -16.54 0.11 13.40
CA GLU A 333 -15.13 0.42 13.59
C GLU A 333 -14.32 0.36 12.30
N PRO A 334 -14.14 -0.77 11.60
CA PRO A 334 -13.30 -0.71 10.39
C PRO A 334 -14.02 -0.25 9.14
N ALA A 335 -15.25 0.27 9.24
CA ALA A 335 -16.00 0.66 8.06
C ALA A 335 -16.55 2.07 8.23
N SER A 336 -15.94 2.84 9.12
CA SER A 336 -16.40 4.19 9.42
C SER A 336 -16.07 5.19 8.33
N GLY A 337 -14.99 4.98 7.59
CA GLY A 337 -14.61 5.91 6.55
C GLY A 337 -15.53 5.88 5.35
N LEU A 338 -15.87 4.68 4.89
CA LEU A 338 -16.70 4.58 3.69
C LEU A 338 -18.15 4.92 3.98
N ALA A 339 -18.60 4.72 5.22
CA ALA A 339 -19.95 5.15 5.58
C ALA A 339 -20.07 6.66 5.60
N ALA A 340 -19.06 7.35 6.14
CA ALA A 340 -19.03 8.81 6.11
C ALA A 340 -18.90 9.33 4.69
N LEU A 341 -18.12 8.64 3.85
CA LEU A 341 -18.00 9.03 2.45
C LEU A 341 -19.32 8.86 1.72
N ALA A 342 -20.06 7.79 2.05
CA ALA A 342 -21.39 7.59 1.47
C ALA A 342 -22.36 8.69 1.86
N LYS A 343 -22.32 9.11 3.13
CA LYS A 343 -23.18 10.21 3.57
C LYS A 343 -22.82 11.51 2.86
N VAL A 344 -21.53 11.78 2.70
CA VAL A 344 -21.07 13.00 2.04
C VAL A 344 -21.47 13.01 0.57
N LEU A 345 -21.32 11.88 -0.12
CA LEU A 345 -21.66 11.83 -1.55
C LEU A 345 -23.16 11.88 -1.78
N LEU A 346 -23.95 11.29 -0.88
CA LEU A 346 -25.40 11.42 -0.98
C LEU A 346 -25.85 12.86 -0.74
N SER A 347 -25.21 13.54 0.23
CA SER A 347 -25.51 14.94 0.49
C SER A 347 -25.16 15.83 -0.70
N LEU A 348 -24.05 15.52 -1.37
CA LEU A 348 -23.69 16.29 -2.56
C LEU A 348 -24.63 16.00 -3.72
N GLU A 349 -25.11 14.77 -3.84
CA GLU A 349 -26.00 14.44 -4.94
C GLU A 349 -27.38 15.06 -4.77
N HIS A 350 -27.86 15.17 -3.53
CA HIS A 350 -29.19 15.72 -3.32
C HIS A 350 -29.19 17.22 -3.01
N GLY A 351 -28.03 17.85 -2.89
CA GLY A 351 -27.95 19.28 -2.72
C GLY A 351 -28.14 19.79 -1.30
N LEU A 352 -28.30 18.91 -0.33
CA LEU A 352 -28.57 19.30 1.05
C LEU A 352 -27.62 18.57 1.99
N TRP A 353 -27.09 19.28 2.98
CA TRP A 353 -26.25 18.65 3.98
C TRP A 353 -27.11 17.98 5.04
N ALA A 354 -26.88 16.71 5.30
CA ALA A 354 -27.67 15.98 6.28
C ALA A 354 -27.30 16.41 7.69
N PRO A 355 -28.26 16.64 8.58
CA PRO A 355 -27.95 17.21 9.89
C PRO A 355 -27.38 16.17 10.84
N ASN A 356 -26.82 16.68 11.93
CA ASN A 356 -26.36 15.87 13.05
C ASN A 356 -27.50 15.66 14.03
N LEU A 357 -27.39 14.58 14.81
CA LEU A 357 -28.32 14.32 15.89
C LEU A 357 -27.58 14.50 17.21
N HIS A 358 -28.39 14.68 18.28
CA HIS A 358 -27.92 14.71 19.67
C HIS A 358 -26.91 15.81 19.95
N PHE A 359 -27.07 16.95 19.30
CA PHE A 359 -26.21 18.11 19.54
C PHE A 359 -27.04 19.21 20.17
N HIS A 360 -26.77 19.52 21.42
CA HIS A 360 -27.54 20.53 22.15
C HIS A 360 -26.69 21.69 22.62
N SER A 361 -25.57 21.44 23.28
CA SER A 361 -24.69 22.50 23.74
C SER A 361 -23.25 22.17 23.37
N PRO A 362 -22.45 23.17 23.03
CA PRO A 362 -21.08 22.91 22.60
C PRO A 362 -20.19 22.47 23.75
N ASN A 363 -19.14 21.75 23.41
CA ASN A 363 -18.11 21.39 24.37
C ASN A 363 -17.33 22.64 24.75
N PRO A 364 -17.21 22.97 26.05
CA PRO A 364 -16.51 24.19 26.45
C PRO A 364 -15.01 24.16 26.21
N GLU A 365 -14.41 23.01 26.00
CA GLU A 365 -12.98 22.91 25.73
C GLU A 365 -12.64 23.16 24.27
N ILE A 366 -13.62 23.38 23.42
CA ILE A 366 -13.37 23.71 22.02
C ILE A 366 -13.78 25.15 21.79
N PRO A 367 -12.84 26.10 21.82
CA PRO A 367 -13.22 27.52 21.69
C PRO A 367 -13.66 27.92 20.30
N ALA A 368 -13.38 27.12 19.27
CA ALA A 368 -13.83 27.46 17.94
C ALA A 368 -15.32 27.24 17.74
N LEU A 369 -15.94 26.42 18.59
CA LEU A 369 -17.38 26.20 18.54
C LEU A 369 -18.17 27.31 19.22
N LEU A 370 -17.51 28.18 19.97
CA LEU A 370 -18.19 29.20 20.76
C LEU A 370 -18.14 30.57 20.11
N ASP A 371 -17.30 30.78 19.10
CA ASP A 371 -17.21 32.07 18.43
C ASP A 371 -17.59 32.03 16.97
N GLY A 372 -17.97 30.88 16.43
CA GLY A 372 -18.51 30.80 15.10
C GLY A 372 -17.54 30.39 14.02
N ARG A 373 -16.29 30.07 14.36
CA ARG A 373 -15.35 29.64 13.33
C ARG A 373 -15.65 28.23 12.85
N LEU A 374 -16.26 27.42 13.70
CA LEU A 374 -16.76 26.11 13.31
C LEU A 374 -18.26 26.08 13.56
N GLN A 375 -19.01 25.55 12.62
CA GLN A 375 -20.46 25.51 12.71
C GLN A 375 -20.93 24.08 12.49
N VAL A 376 -21.68 23.55 13.45
CA VAL A 376 -22.22 22.20 13.37
C VAL A 376 -23.50 22.23 12.58
N VAL A 377 -23.62 21.32 11.61
CA VAL A 377 -24.83 21.19 10.81
C VAL A 377 -25.86 20.44 11.63
N ASP A 378 -26.81 21.17 12.22
CA ASP A 378 -27.90 20.56 12.96
C ASP A 378 -29.24 20.74 12.28
N GLN A 379 -29.31 21.47 11.18
CA GLN A 379 -30.49 21.63 10.35
C GLN A 379 -30.09 21.35 8.90
N PRO A 380 -31.03 20.94 8.05
CA PRO A 380 -30.69 20.77 6.63
C PRO A 380 -30.43 22.10 5.95
N LEU A 381 -29.21 22.33 5.50
CA LEU A 381 -28.88 23.58 4.82
C LEU A 381 -28.25 23.27 3.47
N PRO A 382 -28.47 24.12 2.47
CA PRO A 382 -28.08 23.76 1.09
C PRO A 382 -26.57 23.80 0.88
N VAL A 383 -26.15 23.04 -0.13
CA VAL A 383 -24.75 23.00 -0.55
C VAL A 383 -24.47 24.22 -1.40
N ARG A 384 -23.44 24.98 -1.02
CA ARG A 384 -23.07 26.20 -1.71
C ARG A 384 -21.96 25.99 -2.72
N GLY A 385 -20.83 25.42 -2.30
CA GLY A 385 -19.73 25.17 -3.21
C GLY A 385 -18.39 25.12 -2.51
N GLY A 386 -17.48 24.27 -3.02
CA GLY A 386 -16.14 24.17 -2.42
C GLY A 386 -15.71 22.73 -2.18
N ASN A 387 -14.67 22.51 -1.37
CA ASN A 387 -14.14 21.13 -1.20
C ASN A 387 -14.63 20.53 0.12
N VAL A 388 -14.56 19.20 0.25
CA VAL A 388 -15.00 18.51 1.49
C VAL A 388 -13.85 17.63 2.00
N GLY A 389 -13.52 17.72 3.28
CA GLY A 389 -12.45 16.90 3.87
C GLY A 389 -13.01 15.76 4.70
N ILE A 390 -12.45 14.56 4.56
CA ILE A 390 -12.94 13.38 5.34
C ILE A 390 -11.74 12.76 6.07
N ASN A 391 -11.79 12.71 7.40
CA ASN A 391 -10.71 12.08 8.15
C ASN A 391 -11.27 11.01 9.07
N SER A 392 -10.50 9.93 9.24
CA SER A 392 -10.82 8.87 10.17
C SER A 392 -9.55 8.45 10.88
N PHE A 393 -9.60 8.36 12.20
CA PHE A 393 -8.43 8.11 13.03
C PHE A 393 -8.65 6.83 13.82
N GLY A 394 -7.72 5.88 13.69
CA GLY A 394 -7.80 4.67 14.47
C GLY A 394 -7.31 4.88 15.89
N PHE A 395 -7.73 4.00 16.79
CA PHE A 395 -7.32 4.15 18.18
C PHE A 395 -5.91 3.63 18.44
N GLY A 396 -5.31 2.94 17.46
CA GLY A 396 -3.90 2.61 17.57
C GLY A 396 -3.00 3.78 17.24
N GLY A 397 -3.54 4.76 16.50
CA GLY A 397 -2.78 5.95 16.20
C GLY A 397 -2.63 6.24 14.73
N SER A 398 -3.33 5.47 13.89
CA SER A 398 -3.25 5.66 12.42
C SER A 398 -4.17 6.80 11.99
N ASN A 399 -3.64 7.79 11.26
CA ASN A 399 -4.45 8.95 10.84
C ASN A 399 -4.52 8.99 9.30
N VAL A 400 -5.73 9.13 8.75
CA VAL A 400 -5.92 9.19 7.27
C VAL A 400 -6.81 10.40 6.93
N HIS A 401 -6.50 11.10 5.84
CA HIS A 401 -7.30 12.25 5.44
C HIS A 401 -7.47 12.28 3.93
N ILE A 402 -8.66 12.64 3.47
CA ILE A 402 -9.00 12.69 2.05
C ILE A 402 -9.47 14.10 1.73
N ILE A 403 -9.06 14.61 0.57
CA ILE A 403 -9.60 15.84 0.00
C ILE A 403 -10.28 15.47 -1.31
N LEU A 404 -11.56 15.82 -1.45
CA LEU A 404 -12.27 15.51 -2.68
C LEU A 404 -13.06 16.70 -3.16
N ARG A 405 -13.11 16.88 -4.47
CA ARG A 405 -13.78 17.99 -5.12
C ARG A 405 -15.03 17.51 -5.82
N PRO A 406 -16.21 18.00 -5.46
CA PRO A 406 -17.44 17.51 -6.07
C PRO A 406 -17.57 18.00 -7.51
N ASN A 407 -18.25 17.21 -8.32
CA ASN A 407 -18.49 17.57 -9.71
C ASN A 407 -19.79 18.35 -9.78
N THR A 408 -19.80 19.38 -10.63
CA THR A 408 -20.90 20.34 -10.72
C THR A 408 -21.32 20.42 -12.19
N GLN A 409 -21.49 19.27 -12.81
CA GLN A 409 -21.91 19.27 -14.19
C GLN A 409 -23.39 19.60 -14.30
N PRO A 410 -23.75 20.64 -15.02
CA PRO A 410 -25.17 21.02 -15.15
C PRO A 410 -25.89 20.07 -16.08
N PRO A 411 -27.22 20.02 -16.02
CA PRO A 411 -27.98 19.26 -17.00
C PRO A 411 -27.84 19.86 -18.38
N PRO A 412 -27.87 19.04 -19.44
CA PRO A 412 -27.54 19.54 -20.77
C PRO A 412 -28.63 20.43 -21.35
N ALA A 413 -28.24 21.19 -22.37
CA ALA A 413 -29.17 22.02 -23.10
C ALA A 413 -30.13 21.16 -23.91
N PRO A 414 -31.39 21.59 -24.06
CA PRO A 414 -32.34 20.81 -24.85
C PRO A 414 -31.96 20.77 -26.32
N ALA A 415 -32.25 19.64 -26.94
CA ALA A 415 -31.92 19.35 -28.33
C ALA A 415 -33.14 18.75 -29.02
N PRO A 416 -33.26 18.90 -30.35
CA PRO A 416 -34.42 18.34 -31.05
C PRO A 416 -34.50 16.82 -31.04
N HIS A 417 -33.38 16.12 -30.82
CA HIS A 417 -33.43 14.66 -30.74
C HIS A 417 -33.89 14.16 -29.39
N ALA A 418 -34.04 15.03 -28.40
CA ALA A 418 -34.50 14.62 -27.08
C ALA A 418 -36.01 14.37 -27.02
N THR A 419 -36.75 14.82 -28.03
CA THR A 419 -38.19 14.58 -28.09
C THR A 419 -38.54 13.25 -28.74
N LEU A 420 -37.57 12.59 -29.38
CA LEU A 420 -37.83 11.30 -30.00
C LEU A 420 -37.99 10.23 -28.93
N PRO A 421 -38.82 9.21 -29.19
CA PRO A 421 -38.92 8.10 -28.25
C PRO A 421 -37.65 7.27 -28.19
N ARG A 422 -37.38 6.71 -27.02
CA ARG A 422 -36.21 5.89 -26.79
C ARG A 422 -36.62 4.49 -26.38
N LEU A 423 -35.66 3.57 -26.40
CA LEU A 423 -35.83 2.20 -25.94
C LEU A 423 -35.11 2.00 -24.62
N LEU A 424 -35.69 1.15 -23.77
CA LEU A 424 -35.06 0.80 -22.50
C LEU A 424 -35.18 -0.72 -22.36
N ARG A 425 -34.04 -1.39 -22.22
CA ARG A 425 -34.01 -2.82 -21.98
C ARG A 425 -33.51 -3.10 -20.58
N ALA A 426 -33.94 -4.23 -20.01
CA ALA A 426 -33.58 -4.58 -18.65
C ALA A 426 -33.39 -6.09 -18.53
N SER A 427 -32.70 -6.49 -17.46
CA SER A 427 -32.47 -7.90 -17.16
C SER A 427 -32.45 -8.07 -15.65
N GLY A 428 -32.74 -9.27 -15.19
CA GLY A 428 -32.76 -9.50 -13.75
C GLY A 428 -32.93 -10.97 -13.42
N ARG A 429 -32.74 -11.27 -12.14
CA ARG A 429 -32.87 -12.66 -11.68
C ARG A 429 -34.33 -13.07 -11.54
N THR A 430 -35.22 -12.12 -11.30
CA THR A 430 -36.63 -12.35 -11.04
C THR A 430 -37.43 -11.41 -11.92
N PRO A 431 -38.72 -11.70 -12.16
CA PRO A 431 -39.57 -10.72 -12.83
C PRO A 431 -39.73 -9.40 -12.09
N GLU A 432 -39.62 -9.41 -10.76
CA GLU A 432 -39.78 -8.20 -9.97
C GLU A 432 -38.61 -7.24 -10.18
N ALA A 433 -37.41 -7.78 -10.42
CA ALA A 433 -36.25 -6.93 -10.68
C ALA A 433 -36.39 -6.21 -12.01
N VAL A 434 -36.85 -6.91 -13.04
CA VAL A 434 -37.10 -6.30 -14.35
C VAL A 434 -38.21 -5.27 -14.26
N GLN A 435 -39.27 -5.58 -13.49
CA GLN A 435 -40.35 -4.62 -13.28
C GLN A 435 -39.87 -3.36 -12.57
N LYS A 436 -39.00 -3.53 -11.56
CA LYS A 436 -38.45 -2.39 -10.83
C LYS A 436 -37.62 -1.49 -11.75
N LEU A 437 -36.76 -2.08 -12.56
CA LEU A 437 -35.94 -1.30 -13.49
C LEU A 437 -36.78 -0.58 -14.53
N LEU A 438 -37.81 -1.27 -15.06
CA LEU A 438 -38.63 -0.65 -16.10
C LEU A 438 -39.52 0.47 -15.55
N GLU A 439 -40.05 0.31 -14.33
CA GLU A 439 -40.87 1.36 -13.77
C GLU A 439 -40.04 2.56 -13.33
N GLN A 440 -38.79 2.32 -12.91
CA GLN A 440 -37.94 3.45 -12.58
C GLN A 440 -37.45 4.17 -13.83
N GLY A 441 -37.27 3.45 -14.93
CA GLY A 441 -37.01 4.10 -16.20
C GLY A 441 -38.20 4.89 -16.71
N LEU A 442 -39.41 4.40 -16.48
CA LEU A 442 -40.61 5.15 -16.84
C LEU A 442 -40.76 6.42 -16.01
N ARG A 443 -40.36 6.37 -14.74
CA ARG A 443 -40.45 7.55 -13.89
C ARG A 443 -39.50 8.67 -14.32
N HIS A 444 -38.39 8.33 -14.97
CA HIS A 444 -37.38 9.30 -15.35
C HIS A 444 -37.14 9.31 -16.85
N SER A 445 -38.23 9.38 -17.63
CA SER A 445 -38.18 9.17 -19.08
C SER A 445 -37.41 10.25 -19.83
N GLN A 446 -37.21 11.42 -19.22
CA GLN A 446 -36.52 12.51 -19.90
C GLN A 446 -35.04 12.59 -19.58
N ASP A 447 -34.53 11.70 -18.73
CA ASP A 447 -33.13 11.72 -18.32
C ASP A 447 -32.33 10.82 -19.25
N LEU A 448 -31.57 11.43 -20.16
CA LEU A 448 -30.90 10.66 -21.21
C LEU A 448 -29.70 9.87 -20.69
N ALA A 449 -28.91 10.44 -19.79
CA ALA A 449 -27.74 9.74 -19.25
C ALA A 449 -28.15 8.54 -18.40
N PHE A 450 -29.24 8.69 -17.63
CA PHE A 450 -29.76 7.60 -16.82
C PHE A 450 -30.18 6.42 -17.69
N LEU A 451 -30.89 6.70 -18.78
CA LEU A 451 -31.31 5.64 -19.70
C LEU A 451 -30.13 5.04 -20.43
N SER A 452 -29.09 5.83 -20.72
CA SER A 452 -27.90 5.28 -21.37
C SER A 452 -27.15 4.30 -20.47
N MET A 453 -26.97 4.64 -19.19
CA MET A 453 -26.30 3.68 -18.31
C MET A 453 -27.18 2.46 -18.02
N LEU A 454 -28.50 2.65 -17.95
CA LEU A 454 -29.39 1.49 -17.80
C LEU A 454 -29.35 0.57 -19.00
N ASN A 455 -29.23 1.12 -20.21
CA ASN A 455 -29.07 0.28 -21.39
C ASN A 455 -27.69 -0.37 -21.42
N ASP A 456 -26.69 0.28 -20.85
CA ASP A 456 -25.34 -0.30 -20.85
C ASP A 456 -25.24 -1.50 -19.91
N ILE A 457 -25.95 -1.48 -18.79
CA ILE A 457 -25.76 -2.56 -17.82
C ILE A 457 -26.63 -3.78 -18.11
N ALA A 458 -27.38 -3.76 -19.21
CA ALA A 458 -28.37 -4.80 -19.46
C ALA A 458 -27.86 -5.96 -20.29
N ALA A 459 -26.60 -5.95 -20.72
CA ALA A 459 -26.08 -7.00 -21.60
C ALA A 459 -25.49 -8.14 -20.75
N VAL A 460 -26.38 -8.92 -20.16
CA VAL A 460 -26.00 -10.08 -19.35
C VAL A 460 -26.49 -11.33 -20.05
N PRO A 461 -25.74 -12.43 -20.06
CA PRO A 461 -26.23 -13.67 -20.66
C PRO A 461 -27.44 -14.25 -19.94
N ALA A 462 -28.25 -14.99 -20.69
CA ALA A 462 -29.50 -15.53 -20.18
C ALA A 462 -29.29 -16.61 -19.13
N THR A 463 -28.12 -17.22 -19.07
CA THR A 463 -27.84 -18.18 -18.01
C THR A 463 -27.63 -17.49 -16.67
N ALA A 464 -27.13 -16.26 -16.69
CA ALA A 464 -26.94 -15.53 -15.44
C ALA A 464 -28.23 -14.88 -14.97
N MET A 465 -28.87 -14.08 -15.82
CA MET A 465 -30.15 -13.47 -15.48
C MET A 465 -31.23 -13.93 -16.47
N PRO A 466 -32.14 -14.79 -16.05
CA PRO A 466 -33.06 -15.44 -16.99
C PRO A 466 -34.33 -14.67 -17.33
N PHE A 467 -34.49 -13.45 -16.85
CA PHE A 467 -35.68 -12.66 -17.13
C PHE A 467 -35.24 -11.34 -17.76
N ARG A 468 -35.75 -11.05 -18.95
CA ARG A 468 -35.45 -9.81 -19.63
C ARG A 468 -36.74 -9.07 -19.93
N GLY A 469 -36.64 -7.76 -20.16
CA GLY A 469 -37.80 -6.95 -20.41
C GLY A 469 -37.45 -5.70 -21.18
N TYR A 470 -38.48 -5.04 -21.71
CA TYR A 470 -38.28 -3.80 -22.44
C TYR A 470 -39.49 -2.91 -22.28
N ALA A 471 -39.28 -1.62 -22.55
CA ALA A 471 -40.33 -0.62 -22.54
C ALA A 471 -39.92 0.52 -23.45
N VAL A 472 -40.85 1.01 -24.25
CA VAL A 472 -40.61 2.13 -25.15
C VAL A 472 -41.08 3.40 -24.44
N LEU A 473 -40.15 4.31 -24.19
CA LEU A 473 -40.43 5.53 -23.44
C LEU A 473 -40.54 6.72 -24.39
N GLY A 474 -41.38 7.67 -24.01
CA GLY A 474 -41.61 8.83 -24.84
C GLY A 474 -42.63 8.63 -25.94
N GLY A 475 -43.19 7.43 -26.08
CA GLY A 475 -44.25 7.18 -27.02
C GLY A 475 -45.61 7.43 -26.38
N GLU A 476 -46.66 7.04 -27.10
CA GLU A 476 -47.99 7.23 -26.56
C GLU A 476 -48.61 5.93 -26.06
N ARG A 477 -48.16 4.79 -26.57
CA ARG A 477 -48.73 3.53 -26.10
C ARG A 477 -48.10 3.08 -24.78
N GLY A 478 -46.80 2.80 -24.80
CA GLY A 478 -46.11 2.34 -23.61
C GLY A 478 -46.47 0.93 -23.21
N GLY A 479 -46.01 0.50 -22.04
CA GLY A 479 -46.32 -0.82 -21.54
C GLY A 479 -45.10 -1.70 -21.46
N PRO A 480 -44.69 -2.04 -20.24
CA PRO A 480 -43.57 -2.98 -20.08
C PRO A 480 -43.96 -4.39 -20.49
N GLU A 481 -43.00 -5.10 -21.07
CA GLU A 481 -43.18 -6.48 -21.51
C GLU A 481 -42.08 -7.32 -20.90
N VAL A 482 -42.44 -8.26 -20.03
CA VAL A 482 -41.48 -9.09 -19.30
C VAL A 482 -41.75 -10.55 -19.63
N GLN A 483 -40.70 -11.29 -19.98
CA GLN A 483 -40.83 -12.71 -20.23
C GLN A 483 -39.51 -13.40 -19.90
N GLN A 484 -39.58 -14.72 -19.76
CA GLN A 484 -38.40 -15.53 -19.46
C GLN A 484 -37.74 -15.97 -20.76
N VAL A 485 -36.44 -15.71 -20.87
CA VAL A 485 -35.71 -16.04 -22.09
C VAL A 485 -35.17 -17.46 -21.98
N PRO A 486 -35.36 -18.30 -23.01
CA PRO A 486 -34.71 -19.61 -23.00
C PRO A 486 -33.21 -19.49 -23.19
N ALA A 487 -32.48 -20.36 -22.51
CA ALA A 487 -31.03 -20.33 -22.56
C ALA A 487 -30.51 -20.91 -23.87
N GLY A 488 -29.30 -20.51 -24.22
CA GLY A 488 -28.66 -20.97 -25.44
C GLY A 488 -28.56 -19.86 -26.48
N GLU A 489 -27.94 -20.23 -27.60
CA GLU A 489 -27.76 -19.33 -28.73
C GLU A 489 -28.87 -19.58 -29.73
N ARG A 490 -29.41 -18.52 -30.31
CA ARG A 490 -30.42 -18.62 -31.35
C ARG A 490 -29.91 -17.91 -32.60
N PRO A 491 -29.95 -18.54 -33.77
CA PRO A 491 -29.46 -17.87 -34.97
C PRO A 491 -30.39 -16.76 -35.44
N LEU A 492 -29.79 -15.73 -36.02
CA LEU A 492 -30.51 -14.56 -36.49
C LEU A 492 -30.55 -14.58 -38.00
N TRP A 493 -31.75 -14.46 -38.58
CA TRP A 493 -31.95 -14.58 -40.01
C TRP A 493 -32.61 -13.34 -40.57
N PHE A 494 -32.18 -12.93 -41.75
CA PHE A 494 -32.67 -11.73 -42.41
C PHE A 494 -33.51 -12.15 -43.61
N ILE A 495 -34.75 -11.69 -43.66
CA ILE A 495 -35.61 -11.88 -44.83
C ILE A 495 -36.13 -10.53 -45.27
N CYS A 496 -35.85 -10.18 -46.52
CA CYS A 496 -36.31 -8.92 -47.08
C CYS A 496 -37.21 -9.20 -48.29
N SER A 497 -38.40 -8.62 -48.27
CA SER A 497 -39.44 -8.93 -49.23
C SER A 497 -39.22 -8.19 -50.54
N GLY A 498 -40.12 -8.41 -51.49
CA GLY A 498 -40.00 -7.81 -52.80
C GLY A 498 -40.90 -6.61 -53.00
N MET A 499 -41.58 -6.58 -54.14
CA MET A 499 -42.40 -5.43 -54.51
C MET A 499 -43.83 -5.62 -54.00
N GLY A 500 -44.66 -4.62 -54.21
CA GLY A 500 -46.02 -4.66 -53.73
C GLY A 500 -46.22 -4.25 -52.28
N THR A 501 -45.19 -3.70 -51.65
CA THR A 501 -45.27 -3.31 -50.24
C THR A 501 -45.07 -1.82 -50.03
N GLN A 502 -45.14 -1.02 -51.09
CA GLN A 502 -44.97 0.42 -50.95
C GLN A 502 -46.29 1.08 -50.57
N TRP A 503 -46.19 2.29 -50.02
CA TRP A 503 -47.36 3.05 -49.61
C TRP A 503 -47.00 4.53 -49.60
N ARG A 504 -47.92 5.35 -49.10
CA ARG A 504 -47.73 6.80 -49.10
C ARG A 504 -47.01 7.24 -47.85
N GLY A 505 -45.73 7.60 -47.99
CA GLY A 505 -44.91 7.97 -46.81
C GLY A 505 -44.08 6.80 -46.35
N MET A 506 -43.07 6.40 -47.15
CA MET A 506 -42.26 5.20 -46.82
C MET A 506 -41.08 5.57 -45.90
N GLY A 507 -41.18 5.28 -44.59
CA GLY A 507 -40.04 5.50 -43.68
C GLY A 507 -39.88 6.93 -43.17
N LEU A 508 -40.85 7.80 -43.44
CA LEU A 508 -40.78 9.21 -42.99
C LEU A 508 -40.57 9.29 -41.47
N SER A 509 -41.39 8.56 -40.70
CA SER A 509 -41.33 8.62 -39.24
C SER A 509 -39.93 8.38 -38.72
N LEU A 510 -39.17 7.48 -39.34
CA LEU A 510 -37.80 7.22 -38.93
C LEU A 510 -36.78 7.91 -39.82
N MET A 511 -37.20 8.97 -40.53
CA MET A 511 -36.24 9.88 -41.14
C MET A 511 -35.61 10.79 -40.10
N ARG A 512 -36.21 10.90 -38.91
CA ARG A 512 -35.64 11.68 -37.81
C ARG A 512 -34.37 11.06 -37.25
N LEU A 513 -34.18 9.76 -37.41
CA LEU A 513 -32.92 9.15 -37.03
C LEU A 513 -31.82 9.60 -37.98
N ASP A 514 -30.63 9.85 -37.43
CA ASP A 514 -29.58 10.49 -38.22
C ASP A 514 -28.94 9.51 -39.20
N ARG A 515 -28.75 8.26 -38.79
CA ARG A 515 -28.06 7.31 -39.64
C ARG A 515 -28.93 6.85 -40.81
N PHE A 516 -30.24 6.72 -40.58
CA PHE A 516 -31.16 6.42 -41.67
C PHE A 516 -31.19 7.56 -42.68
N ARG A 517 -31.20 8.80 -42.19
CA ARG A 517 -31.19 9.95 -43.09
C ARG A 517 -29.89 10.04 -43.87
N ASP A 518 -28.77 9.68 -43.23
CA ASP A 518 -27.48 9.67 -43.92
C ASP A 518 -27.45 8.61 -45.01
N SER A 519 -28.02 7.43 -44.75
CA SER A 519 -28.10 6.40 -45.78
C SER A 519 -29.00 6.82 -46.93
N ILE A 520 -30.12 7.49 -46.62
CA ILE A 520 -31.04 7.97 -47.64
C ILE A 520 -30.37 9.02 -48.52
N LEU A 521 -29.62 9.95 -47.91
CA LEU A 521 -28.92 10.96 -48.70
C LEU A 521 -27.75 10.38 -49.48
N ARG A 522 -27.12 9.32 -48.98
CA ARG A 522 -26.09 8.64 -49.76
C ARG A 522 -26.67 7.99 -51.00
N SER A 523 -27.81 7.31 -50.86
CA SER A 523 -28.51 6.78 -52.03
C SER A 523 -29.00 7.89 -52.94
N ASP A 524 -29.35 9.04 -52.35
CA ASP A 524 -29.80 10.19 -53.13
C ASP A 524 -28.69 10.74 -54.02
N GLU A 525 -27.50 10.93 -53.45
CA GLU A 525 -26.38 11.50 -54.25
C GLU A 525 -25.95 10.46 -55.29
N ALA A 526 -26.21 9.18 -55.02
CA ALA A 526 -25.87 8.10 -55.99
C ALA A 526 -26.80 8.19 -57.20
N VAL A 527 -28.09 8.44 -56.97
CA VAL A 527 -29.08 8.50 -58.08
C VAL A 527 -29.24 9.96 -58.54
N LYS A 528 -28.61 10.89 -57.83
CA LYS A 528 -28.73 12.34 -58.16
C LYS A 528 -28.42 12.58 -59.65
N PRO A 529 -27.27 12.14 -60.21
CA PRO A 529 -26.95 12.42 -61.60
C PRO A 529 -27.98 11.80 -62.54
N PHE A 530 -28.55 10.67 -62.14
CA PHE A 530 -29.52 9.95 -63.02
C PHE A 530 -30.89 10.65 -62.95
N GLY A 531 -30.89 11.99 -63.08
CA GLY A 531 -32.16 12.71 -63.09
C GLY A 531 -33.17 12.28 -62.04
N LEU A 532 -32.71 11.82 -60.88
CA LEU A 532 -33.62 11.36 -59.84
C LEU A 532 -33.10 11.74 -58.47
N LYS A 533 -34.03 11.93 -57.54
CA LYS A 533 -33.72 12.11 -56.11
C LYS A 533 -34.86 11.54 -55.29
N VAL A 534 -34.54 10.63 -54.36
CA VAL A 534 -35.57 9.93 -53.61
C VAL A 534 -36.08 10.73 -52.43
N SER A 535 -35.54 11.93 -52.20
CA SER A 535 -36.01 12.76 -51.10
C SER A 535 -37.41 13.32 -51.38
N GLN A 536 -37.70 13.72 -52.62
CA GLN A 536 -39.07 14.12 -52.92
C GLN A 536 -39.99 12.92 -53.05
N LEU A 537 -39.45 11.74 -53.35
CA LEU A 537 -40.26 10.52 -53.30
C LEU A 537 -40.59 10.12 -51.87
N LEU A 538 -39.86 10.66 -50.89
CA LEU A 538 -40.10 10.44 -49.48
C LEU A 538 -41.04 11.50 -48.90
N LEU A 539 -40.65 12.77 -49.04
CA LEU A 539 -41.42 13.88 -48.45
C LEU A 539 -42.61 14.30 -49.30
N SER A 540 -42.40 14.46 -50.61
CA SER A 540 -43.43 15.05 -51.49
C SER A 540 -44.24 13.99 -52.20
N THR A 541 -44.49 12.87 -51.52
CA THR A 541 -45.21 11.76 -52.12
C THR A 541 -46.69 12.09 -52.27
N ASP A 542 -47.23 11.80 -53.45
CA ASP A 542 -48.67 11.71 -53.67
C ASP A 542 -48.93 10.44 -54.47
N GLU A 543 -50.15 10.28 -54.96
CA GLU A 543 -50.52 9.07 -55.66
C GLU A 543 -50.14 9.08 -57.14
N SER A 544 -49.46 10.13 -57.61
CA SER A 544 -48.94 10.15 -58.96
C SER A 544 -47.48 9.68 -59.03
N THR A 545 -46.90 9.25 -57.92
CA THR A 545 -45.47 8.94 -57.88
C THR A 545 -45.17 7.46 -57.77
N PHE A 546 -45.84 6.74 -56.86
CA PHE A 546 -45.51 5.35 -56.61
C PHE A 546 -46.28 4.38 -57.50
N ASP A 547 -47.21 4.87 -58.32
CA ASP A 547 -47.76 4.05 -59.39
C ASP A 547 -46.73 3.84 -60.50
N ASP A 548 -45.77 4.74 -60.63
CA ASP A 548 -44.57 4.45 -61.40
C ASP A 548 -43.77 3.35 -60.70
N ILE A 549 -43.07 2.57 -61.51
CA ILE A 549 -42.35 1.41 -61.02
C ILE A 549 -40.87 1.69 -60.80
N VAL A 550 -40.34 2.73 -61.44
CA VAL A 550 -38.95 3.13 -61.20
C VAL A 550 -38.80 3.71 -59.80
N HIS A 551 -39.71 4.63 -59.44
CA HIS A 551 -39.70 5.25 -58.12
C HIS A 551 -39.96 4.22 -57.03
N SER A 552 -40.84 3.25 -57.31
CA SER A 552 -41.10 2.17 -56.36
C SER A 552 -39.86 1.31 -56.15
N PHE A 553 -39.10 1.07 -57.22
CA PHE A 553 -37.91 0.24 -57.13
C PHE A 553 -36.83 0.92 -56.28
N VAL A 554 -36.56 2.20 -56.55
CA VAL A 554 -35.52 2.88 -55.78
C VAL A 554 -35.98 3.14 -54.35
N SER A 555 -37.28 3.40 -54.14
CA SER A 555 -37.81 3.64 -52.81
C SER A 555 -38.05 2.36 -52.03
N LEU A 556 -37.95 1.22 -52.66
CA LEU A 556 -37.81 -0.01 -51.90
C LEU A 556 -36.38 -0.30 -51.52
N THR A 557 -35.44 -0.18 -52.48
CA THR A 557 -34.06 -0.57 -52.21
C THR A 557 -33.40 0.39 -51.22
N ALA A 558 -33.71 1.69 -51.30
CA ALA A 558 -33.12 2.66 -50.38
C ALA A 558 -33.59 2.44 -48.95
N ILE A 559 -34.88 2.15 -48.76
CA ILE A 559 -35.42 1.90 -47.43
C ILE A 559 -34.84 0.62 -46.84
N GLN A 560 -34.70 -0.43 -47.67
CA GLN A 560 -34.12 -1.67 -47.17
C GLN A 560 -32.65 -1.50 -46.84
N ILE A 561 -31.91 -0.71 -47.62
CA ILE A 561 -30.51 -0.44 -47.35
C ILE A 561 -30.36 0.37 -46.05
N GLY A 562 -31.26 1.34 -45.84
CA GLY A 562 -31.22 2.11 -44.60
C GLY A 562 -31.56 1.28 -43.37
N LEU A 563 -32.51 0.36 -43.50
CA LEU A 563 -32.82 -0.55 -42.40
C LEU A 563 -31.64 -1.47 -42.09
N ILE A 564 -30.97 -1.97 -43.13
CA ILE A 564 -29.82 -2.84 -42.93
C ILE A 564 -28.67 -2.05 -42.29
N ASP A 565 -28.51 -0.78 -42.66
CA ASP A 565 -27.49 0.06 -42.03
C ASP A 565 -27.80 0.33 -40.56
N LEU A 566 -29.07 0.57 -40.23
CA LEU A 566 -29.46 0.72 -38.84
C LEU A 566 -29.21 -0.54 -38.05
N LEU A 567 -29.49 -1.70 -38.63
CA LEU A 567 -29.23 -2.97 -37.96
C LEU A 567 -27.73 -3.25 -37.85
N SER A 568 -26.93 -2.73 -38.78
CA SER A 568 -25.49 -2.95 -38.74
C SER A 568 -24.81 -2.09 -37.69
N CYS A 569 -25.25 -0.84 -37.54
CA CYS A 569 -24.72 -0.02 -36.44
C CYS A 569 -25.22 -0.47 -35.10
N MET A 570 -26.31 -1.26 -35.08
CA MET A 570 -26.89 -1.80 -33.87
C MET A 570 -25.98 -2.83 -33.23
N GLY A 571 -25.02 -3.37 -33.98
CA GLY A 571 -24.13 -4.39 -33.52
C GLY A 571 -24.42 -5.78 -34.03
N LEU A 572 -25.36 -5.95 -34.95
CA LEU A 572 -25.92 -7.25 -35.30
C LEU A 572 -25.38 -7.74 -36.63
N ARG A 573 -24.95 -8.99 -36.63
CA ARG A 573 -24.35 -9.65 -37.78
C ARG A 573 -25.20 -10.86 -38.13
N PRO A 574 -25.82 -10.92 -39.31
CA PRO A 574 -26.77 -12.00 -39.59
C PRO A 574 -26.08 -13.33 -39.83
N ASP A 575 -26.81 -14.41 -39.51
CA ASP A 575 -26.32 -15.77 -39.73
C ASP A 575 -26.85 -16.37 -41.03
N GLY A 576 -28.00 -15.93 -41.50
CA GLY A 576 -28.54 -16.42 -42.76
C GLY A 576 -29.36 -15.36 -43.45
N ILE A 577 -29.16 -15.22 -44.76
CA ILE A 577 -29.85 -14.20 -45.56
C ILE A 577 -30.61 -14.92 -46.67
N VAL A 578 -31.89 -14.56 -46.84
CA VAL A 578 -32.71 -15.10 -47.91
C VAL A 578 -33.72 -14.02 -48.31
N GLY A 579 -33.78 -13.71 -49.60
CA GLY A 579 -34.61 -12.64 -50.07
C GLY A 579 -35.66 -13.09 -51.07
N HIS A 580 -36.32 -12.11 -51.67
CA HIS A 580 -37.44 -12.33 -52.56
C HIS A 580 -37.38 -11.25 -53.63
N SER A 581 -36.83 -11.60 -54.80
CA SER A 581 -36.73 -10.74 -56.00
C SER A 581 -35.95 -9.52 -55.51
N LEU A 582 -36.47 -8.30 -55.69
CA LEU A 582 -35.76 -7.11 -55.21
C LEU A 582 -35.22 -7.17 -53.79
N GLY A 583 -35.87 -7.96 -52.94
CA GLY A 583 -35.25 -8.31 -51.67
C GLY A 583 -33.94 -9.06 -51.87
N GLU A 584 -33.89 -9.94 -52.87
CA GLU A 584 -32.64 -10.64 -53.14
C GLU A 584 -31.61 -9.71 -53.78
N VAL A 585 -32.08 -8.62 -54.40
CA VAL A 585 -31.15 -7.57 -54.83
C VAL A 585 -30.54 -6.88 -53.61
N ALA A 586 -31.36 -6.54 -52.61
CA ALA A 586 -30.83 -5.93 -51.38
C ALA A 586 -30.03 -6.92 -50.53
N CYS A 587 -30.18 -8.23 -50.79
CA CYS A 587 -29.38 -9.24 -50.09
C CYS A 587 -27.90 -9.13 -50.41
N GLY A 588 -27.57 -8.53 -51.56
CA GLY A 588 -26.17 -8.30 -51.88
C GLY A 588 -25.53 -7.30 -50.93
N TYR A 589 -26.22 -6.21 -50.62
CA TYR A 589 -25.73 -5.29 -49.61
C TYR A 589 -25.80 -5.91 -48.22
N ALA A 590 -26.79 -6.77 -47.97
CA ALA A 590 -26.87 -7.45 -46.68
C ALA A 590 -25.69 -8.39 -46.47
N ASP A 591 -25.23 -9.05 -47.53
CA ASP A 591 -24.11 -9.98 -47.47
C ASP A 591 -22.76 -9.30 -47.53
N GLY A 592 -22.70 -8.07 -48.01
CA GLY A 592 -21.44 -7.38 -48.19
C GLY A 592 -20.81 -7.56 -49.55
N CYS A 593 -21.42 -8.36 -50.42
CA CYS A 593 -20.87 -8.54 -51.77
C CYS A 593 -21.26 -7.38 -52.69
N LEU A 594 -22.19 -6.54 -52.27
CA LEU A 594 -22.54 -5.32 -53.00
C LEU A 594 -22.27 -4.11 -52.11
N SER A 595 -22.31 -2.93 -52.72
CA SER A 595 -22.25 -1.68 -51.98
C SER A 595 -23.54 -0.89 -52.22
N GLN A 596 -23.57 0.35 -51.73
CA GLN A 596 -24.76 1.19 -51.85
C GLN A 596 -25.07 1.52 -53.30
N GLU A 597 -24.07 2.06 -54.01
CA GLU A 597 -24.30 2.62 -55.34
C GLU A 597 -24.65 1.56 -56.37
N GLU A 598 -24.00 0.39 -56.31
CA GLU A 598 -24.30 -0.67 -57.25
C GLU A 598 -25.71 -1.22 -57.04
N ALA A 599 -26.15 -1.33 -55.79
CA ALA A 599 -27.49 -1.81 -55.49
C ALA A 599 -28.56 -0.82 -55.98
N VAL A 600 -28.37 0.47 -55.71
CA VAL A 600 -29.37 1.46 -56.11
C VAL A 600 -29.42 1.61 -57.64
N LEU A 601 -28.25 1.63 -58.30
CA LEU A 601 -28.25 1.71 -59.75
C LEU A 601 -28.77 0.43 -60.40
N ALA A 602 -28.56 -0.74 -59.79
CA ALA A 602 -29.11 -1.97 -60.33
C ALA A 602 -30.63 -1.99 -60.24
N ALA A 603 -31.18 -1.54 -59.12
CA ALA A 603 -32.64 -1.44 -58.98
C ALA A 603 -33.22 -0.43 -59.97
N TYR A 604 -32.56 0.73 -60.11
CA TYR A 604 -33.08 1.75 -61.02
C TYR A 604 -32.97 1.28 -62.47
N TRP A 605 -31.92 0.53 -62.80
CA TRP A 605 -31.76 0.09 -64.18
C TRP A 605 -32.71 -1.04 -64.51
N ARG A 606 -33.07 -1.87 -63.53
CA ARG A 606 -34.14 -2.84 -63.72
C ARG A 606 -35.45 -2.14 -64.03
N GLY A 607 -35.77 -1.11 -63.23
CA GLY A 607 -36.98 -0.33 -63.50
C GLY A 607 -36.93 0.41 -64.83
N GLN A 608 -35.75 0.93 -65.19
CA GLN A 608 -35.62 1.70 -66.42
C GLN A 608 -35.74 0.82 -67.66
N CYS A 609 -35.14 -0.37 -67.63
CA CYS A 609 -35.27 -1.28 -68.75
C CYS A 609 -36.68 -1.83 -68.88
N ILE A 610 -37.33 -2.09 -67.74
CA ILE A 610 -38.72 -2.54 -67.76
C ILE A 610 -39.65 -1.46 -68.32
N LYS A 611 -39.41 -0.21 -67.93
CA LYS A 611 -40.28 0.90 -68.38
C LYS A 611 -39.87 1.33 -69.79
N GLU A 612 -38.66 0.97 -70.22
CA GLU A 612 -38.19 1.31 -71.60
C GLU A 612 -39.01 0.50 -72.60
N ALA A 613 -38.83 -0.82 -72.63
CA ALA A 613 -39.59 -1.68 -73.56
C ALA A 613 -41.02 -1.85 -73.04
N HIS A 614 -41.93 -2.35 -73.89
CA HIS A 614 -43.35 -2.51 -73.49
C HIS A 614 -43.84 -3.90 -73.89
N LEU A 615 -44.47 -4.62 -72.96
CA LEU A 615 -45.00 -5.98 -73.25
C LEU A 615 -46.47 -6.04 -72.85
N PRO A 616 -47.28 -7.01 -73.32
CA PRO A 616 -48.71 -7.06 -73.01
C PRO A 616 -48.96 -6.99 -71.50
N PRO A 617 -49.95 -6.20 -71.02
CA PRO A 617 -50.19 -6.05 -69.58
C PRO A 617 -50.29 -7.42 -68.91
N GLY A 618 -49.62 -7.59 -67.77
CA GLY A 618 -49.60 -8.91 -67.10
C GLY A 618 -50.44 -8.95 -65.85
N ALA A 619 -50.52 -10.11 -65.20
CA ALA A 619 -51.30 -10.28 -63.98
C ALA A 619 -50.55 -11.10 -62.94
N MET A 620 -50.92 -10.87 -61.67
CA MET A 620 -50.43 -11.62 -60.52
C MET A 620 -51.59 -12.07 -59.63
N ALA A 621 -52.55 -12.77 -60.22
CA ALA A 621 -53.55 -13.46 -59.44
C ALA A 621 -52.88 -14.53 -58.56
N ALA A 622 -53.42 -14.69 -57.36
CA ALA A 622 -52.92 -15.67 -56.41
C ALA A 622 -54.03 -16.69 -56.14
N VAL A 623 -53.66 -17.97 -56.18
CA VAL A 623 -54.63 -19.05 -56.09
C VAL A 623 -54.31 -19.92 -54.89
N GLY A 624 -55.32 -20.63 -54.42
CA GLY A 624 -55.16 -21.55 -53.31
C GLY A 624 -54.82 -22.95 -53.76
N LEU A 625 -53.71 -23.09 -54.48
CA LEU A 625 -53.28 -24.36 -55.04
C LEU A 625 -51.79 -24.54 -54.77
N SER A 626 -51.35 -25.80 -54.78
CA SER A 626 -49.94 -26.08 -54.53
C SER A 626 -49.12 -25.85 -55.80
N TRP A 627 -47.81 -26.08 -55.68
CA TRP A 627 -46.89 -25.84 -56.79
C TRP A 627 -47.09 -26.85 -57.91
N GLU A 628 -47.35 -28.11 -57.56
CA GLU A 628 -47.50 -29.15 -58.57
C GLU A 628 -48.86 -29.09 -59.27
N GLU A 629 -49.92 -28.70 -58.57
CA GLU A 629 -51.24 -28.65 -59.20
C GLU A 629 -51.37 -27.44 -60.13
N CYS A 630 -50.54 -26.42 -59.91
CA CYS A 630 -50.63 -25.23 -60.75
C CYS A 630 -50.05 -25.43 -62.14
N LYS A 631 -49.10 -26.35 -62.30
CA LYS A 631 -48.51 -26.59 -63.62
C LYS A 631 -49.47 -27.31 -64.54
N GLN A 632 -50.36 -28.14 -64.00
CA GLN A 632 -51.26 -28.95 -64.81
C GLN A 632 -52.60 -28.30 -65.05
N ARG A 633 -52.88 -27.16 -64.41
CA ARG A 633 -54.18 -26.50 -64.54
C ARG A 633 -54.07 -25.12 -65.21
N CYS A 634 -52.87 -24.67 -65.53
CA CYS A 634 -52.71 -23.43 -66.27
C CYS A 634 -52.85 -23.70 -67.76
N PRO A 635 -53.30 -22.74 -68.56
CA PRO A 635 -53.20 -22.86 -70.01
C PRO A 635 -51.75 -22.75 -70.45
N PRO A 636 -51.40 -23.28 -71.63
CA PRO A 636 -50.05 -23.07 -72.15
C PRO A 636 -49.73 -21.60 -72.40
N GLY A 637 -48.49 -21.24 -72.14
CA GLY A 637 -48.07 -19.85 -72.14
C GLY A 637 -48.31 -19.13 -70.84
N VAL A 638 -48.78 -19.82 -69.80
CA VAL A 638 -49.05 -19.24 -68.49
C VAL A 638 -48.25 -20.04 -67.46
N VAL A 639 -47.37 -19.36 -66.73
CA VAL A 639 -46.38 -20.00 -65.88
C VAL A 639 -46.65 -19.61 -64.43
N PRO A 640 -46.55 -20.53 -63.47
CA PRO A 640 -46.54 -20.12 -62.06
C PRO A 640 -45.31 -19.29 -61.74
N ALA A 641 -45.48 -18.31 -60.87
CA ALA A 641 -44.47 -17.30 -60.65
C ALA A 641 -43.83 -17.38 -59.26
N CYS A 642 -44.62 -17.39 -58.21
CA CYS A 642 -44.09 -17.28 -56.86
C CYS A 642 -44.50 -18.48 -56.03
N HIS A 643 -43.51 -19.17 -55.46
CA HIS A 643 -43.76 -20.29 -54.56
C HIS A 643 -43.61 -19.83 -53.11
N ASN A 644 -44.63 -19.11 -52.65
CA ASN A 644 -44.61 -18.56 -51.28
C ASN A 644 -44.76 -19.67 -50.25
N SER A 645 -45.75 -20.54 -50.41
CA SER A 645 -46.04 -21.56 -49.42
C SER A 645 -46.61 -22.77 -50.13
N LYS A 646 -47.06 -23.75 -49.36
CA LYS A 646 -47.62 -24.97 -49.94
C LYS A 646 -49.04 -24.75 -50.45
N ASP A 647 -49.67 -23.66 -50.03
CA ASP A 647 -51.05 -23.39 -50.42
C ASP A 647 -51.21 -22.09 -51.20
N THR A 648 -50.16 -21.25 -51.27
CA THR A 648 -50.23 -19.96 -51.95
C THR A 648 -49.21 -19.95 -53.08
N VAL A 649 -49.69 -19.89 -54.31
CA VAL A 649 -48.83 -19.83 -55.50
C VAL A 649 -49.38 -18.73 -56.41
N THR A 650 -48.51 -17.80 -56.80
CA THR A 650 -48.91 -16.70 -57.67
C THR A 650 -48.77 -17.10 -59.12
N ILE A 651 -49.81 -16.84 -59.91
CA ILE A 651 -49.83 -17.13 -61.34
C ILE A 651 -49.48 -15.86 -62.10
N SER A 652 -48.98 -16.00 -63.32
CA SER A 652 -48.57 -14.88 -64.14
C SER A 652 -49.06 -15.06 -65.57
N GLY A 653 -49.61 -13.99 -66.15
CA GLY A 653 -50.11 -14.04 -67.51
C GLY A 653 -50.93 -12.83 -67.89
N PRO A 654 -51.53 -12.87 -69.09
CA PRO A 654 -52.32 -11.72 -69.55
C PRO A 654 -53.68 -11.65 -68.88
N GLN A 655 -54.51 -10.72 -69.39
CA GLN A 655 -55.81 -10.44 -68.77
C GLN A 655 -56.79 -11.59 -68.97
N ALA A 656 -56.77 -12.20 -70.15
CA ALA A 656 -57.71 -13.28 -70.42
C ALA A 656 -57.39 -14.59 -69.68
N PRO A 657 -56.14 -15.01 -69.47
CA PRO A 657 -55.91 -16.04 -68.45
C PRO A 657 -56.22 -15.59 -67.03
N VAL A 658 -56.10 -14.29 -66.74
CA VAL A 658 -56.51 -13.78 -65.43
C VAL A 658 -58.02 -13.85 -65.29
N PHE A 659 -58.76 -13.57 -66.36
CA PHE A 659 -60.20 -13.68 -66.32
C PHE A 659 -60.65 -15.14 -66.31
N GLU A 660 -59.78 -16.04 -66.76
CA GLU A 660 -60.11 -17.47 -66.78
C GLU A 660 -60.27 -18.03 -65.37
N PHE A 661 -59.41 -17.62 -64.44
CA PHE A 661 -59.44 -18.20 -63.10
C PHE A 661 -60.33 -17.43 -62.15
N VAL A 662 -61.03 -16.41 -62.66
CA VAL A 662 -62.09 -15.78 -61.87
C VAL A 662 -63.22 -16.78 -61.62
N GLU A 663 -63.58 -17.55 -62.64
CA GLU A 663 -64.66 -18.52 -62.51
C GLU A 663 -64.26 -19.68 -61.63
N GLN A 664 -62.99 -20.09 -61.70
CA GLN A 664 -62.53 -21.20 -60.86
C GLN A 664 -62.31 -20.75 -59.42
N LEU A 665 -62.21 -19.44 -59.20
CA LEU A 665 -62.15 -18.92 -57.83
C LEU A 665 -63.49 -19.07 -57.13
N ARG A 666 -64.58 -19.03 -57.90
CA ARG A 666 -65.90 -19.36 -57.36
C ARG A 666 -65.99 -20.83 -56.95
N LYS A 667 -65.30 -21.71 -57.66
CA LYS A 667 -65.35 -23.14 -57.43
C LYS A 667 -64.49 -23.48 -56.23
N GLU A 668 -65.09 -24.14 -55.23
CA GLU A 668 -64.47 -24.57 -53.99
C GLU A 668 -63.90 -23.46 -53.12
N GLY A 669 -62.77 -23.72 -52.46
CA GLY A 669 -62.11 -22.68 -51.69
C GLY A 669 -60.85 -22.29 -52.44
N VAL A 670 -60.97 -21.27 -53.29
CA VAL A 670 -59.86 -20.76 -54.08
C VAL A 670 -59.81 -19.25 -53.88
N PHE A 671 -58.64 -18.74 -53.51
CA PHE A 671 -58.43 -17.30 -53.33
C PHE A 671 -58.52 -16.60 -54.68
N ALA A 672 -59.10 -15.40 -54.66
CA ALA A 672 -59.24 -14.59 -55.86
C ALA A 672 -58.46 -13.29 -55.72
N LYS A 673 -57.35 -13.34 -54.99
CA LYS A 673 -56.50 -12.17 -54.83
C LYS A 673 -55.74 -11.90 -56.11
N GLU A 674 -56.13 -10.82 -56.80
CA GLU A 674 -55.55 -10.45 -58.08
C GLU A 674 -54.78 -9.13 -57.97
N VAL A 675 -53.99 -8.96 -56.92
CA VAL A 675 -53.23 -7.72 -56.75
C VAL A 675 -52.12 -7.66 -57.78
N ARG A 676 -52.07 -6.55 -58.51
CA ARG A 676 -51.06 -6.32 -59.53
C ARG A 676 -50.22 -5.11 -59.17
N THR A 677 -49.06 -5.01 -59.79
CA THR A 677 -48.19 -3.87 -59.63
C THR A 677 -47.86 -3.26 -60.99
N GLY A 678 -48.71 -2.35 -61.46
CA GLY A 678 -48.52 -1.73 -62.75
C GLY A 678 -48.96 -2.56 -63.93
N GLY A 679 -49.55 -3.73 -63.70
CA GLY A 679 -49.98 -4.59 -64.79
C GLY A 679 -48.83 -5.15 -65.62
N MET A 680 -47.80 -5.66 -64.97
CA MET A 680 -46.62 -6.18 -65.65
C MET A 680 -46.36 -7.58 -65.13
N ALA A 681 -46.02 -8.51 -66.04
CA ALA A 681 -45.86 -9.92 -65.68
C ALA A 681 -44.40 -10.23 -65.38
N PHE A 682 -43.95 -9.83 -64.18
CA PHE A 682 -42.67 -10.26 -63.65
C PHE A 682 -42.65 -11.77 -63.41
N HIS A 683 -41.44 -12.34 -63.45
CA HIS A 683 -41.15 -13.76 -63.27
C HIS A 683 -41.94 -14.62 -64.26
N SER A 684 -41.74 -14.34 -65.55
CA SER A 684 -42.57 -14.92 -66.59
C SER A 684 -41.73 -15.06 -67.86
N TYR A 685 -42.36 -15.57 -68.92
CA TYR A 685 -41.67 -15.75 -70.19
C TYR A 685 -41.76 -14.51 -71.08
N PHE A 686 -42.56 -13.52 -70.68
CA PHE A 686 -42.69 -12.30 -71.47
C PHE A 686 -41.47 -11.41 -71.39
N MET A 687 -40.58 -11.61 -70.41
CA MET A 687 -39.34 -10.85 -70.33
C MET A 687 -38.11 -11.65 -70.67
N GLU A 688 -38.21 -12.65 -71.55
CA GLU A 688 -36.99 -13.27 -72.07
C GLU A 688 -36.22 -12.31 -72.97
N ALA A 689 -36.91 -11.36 -73.59
CA ALA A 689 -36.25 -10.35 -74.40
C ALA A 689 -35.84 -9.11 -73.61
N ILE A 690 -36.29 -8.99 -72.37
CA ILE A 690 -35.96 -7.82 -71.55
C ILE A 690 -34.51 -7.89 -71.07
N ALA A 691 -34.02 -9.10 -70.79
CA ALA A 691 -32.66 -9.27 -70.27
C ALA A 691 -31.52 -8.80 -71.18
N PRO A 692 -31.48 -9.03 -72.50
CA PRO A 692 -30.28 -8.59 -73.29
C PRO A 692 -30.08 -7.07 -73.33
N PRO A 693 -31.11 -6.19 -73.37
CA PRO A 693 -30.85 -4.76 -73.25
C PRO A 693 -30.40 -4.48 -71.81
N LEU A 694 -31.07 -5.09 -70.84
CA LEU A 694 -30.75 -4.86 -69.41
C LEU A 694 -29.31 -5.32 -69.09
N LEU A 695 -28.94 -6.52 -69.55
CA LEU A 695 -27.59 -7.07 -69.23
C LEU A 695 -26.52 -6.07 -69.68
N GLN A 696 -26.68 -5.50 -70.88
CA GLN A 696 -25.68 -4.54 -71.42
C GLN A 696 -25.47 -3.40 -70.41
N GLU A 697 -26.56 -2.81 -69.93
CA GLU A 697 -26.46 -1.66 -68.98
C GLU A 697 -25.80 -2.12 -67.66
N LEU A 698 -26.10 -3.34 -67.22
CA LEU A 698 -25.59 -3.80 -65.90
C LEU A 698 -24.07 -4.01 -65.93
N LYS A 699 -23.50 -4.50 -67.03
CA LYS A 699 -22.08 -4.80 -67.05
C LYS A 699 -21.23 -3.59 -66.69
N LYS A 700 -21.81 -2.39 -66.71
CA LYS A 700 -21.07 -1.17 -66.44
C LYS A 700 -21.15 -0.73 -64.99
N VAL A 701 -21.80 -1.50 -64.13
CA VAL A 701 -21.98 -1.13 -62.73
C VAL A 701 -21.43 -2.20 -61.78
N ILE A 702 -21.71 -3.47 -62.04
CA ILE A 702 -21.31 -4.54 -61.14
C ILE A 702 -20.21 -5.31 -61.90
N ARG A 703 -19.40 -4.55 -62.63
CA ARG A 703 -18.13 -5.08 -63.12
C ARG A 703 -17.24 -5.48 -61.94
N GLU A 704 -16.36 -6.47 -62.21
CA GLU A 704 -15.54 -7.25 -61.28
C GLU A 704 -16.33 -7.67 -60.04
N PRO A 705 -17.24 -8.64 -60.16
CA PRO A 705 -18.11 -9.00 -59.03
C PRO A 705 -17.37 -9.79 -57.95
N LYS A 706 -17.99 -9.86 -56.78
CA LYS A 706 -17.51 -10.55 -55.59
C LYS A 706 -18.32 -11.83 -55.37
N PRO A 707 -17.72 -12.88 -54.81
CA PRO A 707 -18.47 -14.14 -54.63
C PRO A 707 -19.48 -14.05 -53.51
N ARG A 708 -20.58 -14.78 -53.69
CA ARG A 708 -21.60 -14.87 -52.66
C ARG A 708 -21.14 -15.78 -51.53
N SER A 709 -21.66 -15.52 -50.34
CA SER A 709 -21.28 -16.29 -49.16
C SER A 709 -22.21 -17.48 -48.98
N ALA A 710 -21.84 -18.35 -48.05
CA ALA A 710 -22.65 -19.53 -47.77
C ALA A 710 -23.90 -19.19 -46.97
N ARG A 711 -23.93 -18.04 -46.32
CA ARG A 711 -25.11 -17.63 -45.55
C ARG A 711 -26.25 -17.19 -46.45
N TRP A 712 -25.92 -16.62 -47.60
CA TRP A 712 -26.94 -16.20 -48.56
C TRP A 712 -27.50 -17.42 -49.27
N LEU A 713 -28.80 -17.66 -49.09
CA LEU A 713 -29.50 -18.76 -49.73
C LEU A 713 -30.25 -18.20 -50.94
N SER A 714 -29.89 -18.67 -52.12
CA SER A 714 -30.48 -18.14 -53.35
C SER A 714 -31.92 -18.59 -53.49
N THR A 715 -32.76 -17.72 -54.04
CA THR A 715 -34.15 -18.04 -54.28
C THR A 715 -34.53 -18.06 -55.76
N SER A 716 -33.64 -17.63 -56.64
CA SER A 716 -33.86 -17.73 -58.08
C SER A 716 -33.11 -18.90 -58.70
N ILE A 717 -32.32 -19.62 -57.92
CA ILE A 717 -31.52 -20.74 -58.39
C ILE A 717 -32.02 -22.00 -57.68
N PRO A 718 -32.29 -23.08 -58.40
CA PRO A 718 -32.69 -24.32 -57.74
C PRO A 718 -31.53 -24.92 -56.95
N GLU A 719 -31.90 -25.87 -56.07
CA GLU A 719 -30.96 -26.43 -55.09
C GLU A 719 -29.81 -27.18 -55.75
N ALA A 720 -30.09 -27.92 -56.83
CA ALA A 720 -29.06 -28.71 -57.48
C ALA A 720 -28.07 -27.85 -58.28
N GLN A 721 -28.41 -26.59 -58.56
CA GLN A 721 -27.52 -25.68 -59.27
C GLN A 721 -26.83 -24.69 -58.34
N TRP A 722 -26.78 -24.98 -57.04
CA TRP A 722 -26.20 -24.02 -56.09
C TRP A 722 -24.68 -23.97 -56.20
N HIS A 723 -24.05 -25.02 -56.71
CA HIS A 723 -22.60 -25.03 -56.85
C HIS A 723 -22.12 -24.59 -58.22
N SER A 724 -23.01 -24.15 -59.09
CA SER A 724 -22.65 -23.82 -60.47
C SER A 724 -21.88 -22.50 -60.51
N SER A 725 -21.33 -22.20 -61.70
CA SER A 725 -20.56 -20.98 -61.87
C SER A 725 -21.42 -19.73 -61.92
N LEU A 726 -22.73 -19.88 -62.15
CA LEU A 726 -23.60 -18.71 -62.20
C LEU A 726 -23.99 -18.24 -60.80
N ALA A 727 -24.06 -19.16 -59.83
CA ALA A 727 -24.58 -18.86 -58.51
C ALA A 727 -23.49 -18.75 -57.45
N ARG A 728 -22.23 -18.63 -57.86
CA ARG A 728 -21.18 -18.42 -56.86
C ARG A 728 -20.93 -16.92 -56.62
N THR A 729 -21.01 -16.13 -57.68
CA THR A 729 -20.81 -14.69 -57.59
C THR A 729 -22.10 -13.96 -57.86
N SER A 730 -22.18 -12.72 -57.37
CA SER A 730 -23.37 -11.88 -57.58
C SER A 730 -23.10 -10.93 -58.74
N SER A 731 -23.02 -11.52 -59.92
CA SER A 731 -22.65 -10.78 -61.13
C SER A 731 -23.87 -10.14 -61.76
N ALA A 732 -23.67 -9.58 -62.96
CA ALA A 732 -24.78 -9.03 -63.72
C ALA A 732 -25.69 -10.11 -64.27
N GLU A 733 -25.15 -11.28 -64.60
CA GLU A 733 -25.99 -12.37 -65.10
C GLU A 733 -26.82 -12.99 -63.97
N TYR A 734 -26.35 -12.86 -62.73
CA TYR A 734 -27.14 -13.31 -61.58
C TYR A 734 -28.40 -12.48 -61.41
N ASN A 735 -28.31 -11.17 -61.64
CA ASN A 735 -29.45 -10.29 -61.42
C ASN A 735 -30.46 -10.38 -62.55
N VAL A 736 -30.01 -10.58 -63.79
CA VAL A 736 -30.96 -10.69 -64.89
C VAL A 736 -31.63 -12.06 -64.92
N ASN A 737 -31.05 -13.06 -64.27
CA ASN A 737 -31.70 -14.35 -64.19
C ASN A 737 -32.81 -14.30 -63.15
N ASN A 738 -32.69 -13.39 -62.17
CA ASN A 738 -33.73 -13.21 -61.16
C ASN A 738 -35.04 -12.75 -61.76
N LEU A 739 -34.97 -11.92 -62.80
CA LEU A 739 -36.19 -11.41 -63.43
C LEU A 739 -36.87 -12.47 -64.29
N VAL A 740 -36.12 -13.38 -64.89
CA VAL A 740 -36.65 -14.31 -65.88
C VAL A 740 -36.90 -15.69 -65.29
N SER A 741 -36.76 -15.85 -63.97
CA SER A 741 -36.98 -17.14 -63.36
C SER A 741 -37.99 -17.01 -62.24
N PRO A 742 -38.77 -18.06 -61.96
CA PRO A 742 -39.69 -18.00 -60.82
C PRO A 742 -38.95 -18.00 -59.49
N VAL A 743 -39.52 -17.33 -58.51
CA VAL A 743 -38.91 -17.24 -57.18
C VAL A 743 -39.30 -18.46 -56.36
N LEU A 744 -38.30 -19.17 -55.84
CA LEU A 744 -38.49 -20.39 -55.07
C LEU A 744 -38.34 -20.04 -53.60
N PHE A 745 -39.44 -19.59 -52.99
CA PHE A 745 -39.44 -19.11 -51.61
C PHE A 745 -39.89 -20.18 -50.61
N GLN A 746 -39.87 -21.44 -51.00
CA GLN A 746 -40.25 -22.52 -50.11
C GLN A 746 -39.08 -23.42 -49.74
N GLU A 747 -38.29 -23.86 -50.71
CA GLU A 747 -37.16 -24.72 -50.45
C GLU A 747 -36.04 -23.98 -49.73
N ALA A 748 -35.98 -22.65 -49.86
CA ALA A 748 -35.04 -21.88 -49.05
C ALA A 748 -35.48 -21.84 -47.59
N LEU A 749 -36.79 -21.84 -47.35
CA LEU A 749 -37.32 -21.74 -46.00
C LEU A 749 -37.16 -23.02 -45.18
N TRP A 750 -37.01 -24.18 -45.82
CA TRP A 750 -36.82 -25.40 -45.06
C TRP A 750 -35.39 -25.58 -44.57
N HIS A 751 -34.46 -24.74 -45.02
CA HIS A 751 -33.10 -24.81 -44.51
C HIS A 751 -32.90 -23.95 -43.27
N VAL A 752 -33.93 -23.22 -42.85
CA VAL A 752 -33.83 -22.39 -41.64
C VAL A 752 -33.86 -23.30 -40.41
N PRO A 753 -32.97 -23.12 -39.44
CA PRO A 753 -32.92 -24.02 -38.28
C PRO A 753 -34.11 -23.88 -37.36
N GLU A 754 -34.05 -24.65 -36.28
CA GLU A 754 -35.21 -24.88 -35.43
C GLU A 754 -35.60 -23.66 -34.62
N HIS A 755 -34.63 -23.00 -33.98
CA HIS A 755 -34.91 -21.93 -33.04
C HIS A 755 -34.42 -20.58 -33.55
N ALA A 756 -34.56 -20.34 -34.84
CA ALA A 756 -34.07 -19.10 -35.43
C ALA A 756 -34.98 -17.94 -35.10
N VAL A 757 -34.38 -16.75 -35.06
CA VAL A 757 -35.12 -15.50 -34.90
C VAL A 757 -35.10 -14.80 -36.25
N VAL A 758 -36.27 -14.58 -36.81
CA VAL A 758 -36.40 -14.12 -38.18
C VAL A 758 -36.77 -12.64 -38.16
N LEU A 759 -35.99 -11.82 -38.84
CA LEU A 759 -36.21 -10.39 -38.94
C LEU A 759 -36.69 -10.08 -40.35
N GLU A 760 -37.77 -9.32 -40.46
CA GLU A 760 -38.32 -8.95 -41.76
C GLU A 760 -37.92 -7.53 -42.09
N ILE A 761 -37.18 -7.36 -43.18
CA ILE A 761 -36.70 -6.06 -43.62
C ILE A 761 -37.60 -5.63 -44.77
N ALA A 762 -38.61 -4.82 -44.47
CA ALA A 762 -39.58 -4.39 -45.46
C ALA A 762 -40.24 -3.12 -44.96
N PRO A 763 -40.64 -2.21 -45.86
CA PRO A 763 -41.44 -1.06 -45.43
C PRO A 763 -42.84 -1.41 -44.98
N HIS A 764 -43.33 -2.60 -45.32
CA HIS A 764 -44.56 -3.12 -44.74
C HIS A 764 -44.47 -4.63 -44.76
N ALA A 765 -44.68 -5.26 -43.61
CA ALA A 765 -44.48 -6.70 -43.45
C ALA A 765 -45.73 -7.43 -43.91
N LEU A 766 -45.86 -7.55 -45.23
CA LEU A 766 -46.95 -8.32 -45.83
C LEU A 766 -46.60 -9.79 -45.99
N LEU A 767 -45.36 -10.17 -45.74
CA LEU A 767 -44.92 -11.55 -45.79
C LEU A 767 -44.95 -12.23 -44.43
N GLN A 768 -45.55 -11.58 -43.43
CA GLN A 768 -45.54 -12.14 -42.08
C GLN A 768 -46.44 -13.36 -41.98
N ALA A 769 -47.59 -13.34 -42.66
CA ALA A 769 -48.48 -14.50 -42.62
C ALA A 769 -47.92 -15.66 -43.42
N VAL A 770 -47.17 -15.39 -44.49
CA VAL A 770 -46.54 -16.43 -45.28
C VAL A 770 -45.45 -17.12 -44.47
N LEU A 771 -44.64 -16.35 -43.74
CA LEU A 771 -43.56 -16.91 -42.95
C LEU A 771 -44.04 -17.69 -41.73
N LYS A 772 -45.24 -17.41 -41.24
CA LYS A 772 -45.74 -18.11 -40.07
C LYS A 772 -46.08 -19.57 -40.41
N ARG A 773 -46.79 -19.78 -41.52
CA ARG A 773 -47.15 -21.13 -41.91
C ARG A 773 -46.03 -21.81 -42.70
N GLY A 774 -45.06 -21.04 -43.19
CA GLY A 774 -44.00 -21.61 -43.99
C GLY A 774 -42.80 -22.08 -43.21
N LEU A 775 -42.64 -21.60 -41.98
CA LEU A 775 -41.49 -21.96 -41.16
C LEU A 775 -41.91 -22.89 -40.03
N LYS A 776 -40.89 -23.38 -39.32
CA LYS A 776 -41.12 -24.24 -38.17
C LYS A 776 -41.75 -23.43 -37.03
N PRO A 777 -42.58 -24.06 -36.19
CA PRO A 777 -43.28 -23.30 -35.14
C PRO A 777 -42.39 -22.86 -33.98
N SER A 778 -41.12 -23.26 -33.93
CA SER A 778 -40.20 -22.80 -32.90
C SER A 778 -39.39 -21.59 -33.35
N CYS A 779 -39.91 -20.81 -34.30
CA CYS A 779 -39.24 -19.63 -34.80
C CYS A 779 -40.06 -18.39 -34.45
N THR A 780 -39.35 -17.29 -34.26
CA THR A 780 -39.96 -16.00 -33.95
C THR A 780 -39.81 -15.08 -35.15
N ILE A 781 -40.92 -14.46 -35.56
CA ILE A 781 -40.93 -13.55 -36.69
C ILE A 781 -41.19 -12.15 -36.16
N ILE A 782 -40.27 -11.22 -36.42
CA ILE A 782 -40.39 -9.86 -35.94
C ILE A 782 -40.49 -8.90 -37.12
N PRO A 783 -41.60 -8.20 -37.28
CA PRO A 783 -41.68 -7.14 -38.29
C PRO A 783 -40.96 -5.88 -37.82
N LEU A 784 -40.61 -5.03 -38.78
CA LEU A 784 -39.93 -3.79 -38.48
C LEU A 784 -40.70 -2.55 -38.87
N MET A 785 -41.54 -2.61 -39.90
CA MET A 785 -42.38 -1.49 -40.28
C MET A 785 -43.79 -1.97 -40.56
N LYS A 786 -44.75 -1.06 -40.40
CA LYS A 786 -46.15 -1.36 -40.62
C LYS A 786 -46.75 -0.25 -41.47
N LYS A 787 -47.52 -0.63 -42.49
CA LYS A 787 -48.12 0.32 -43.41
C LYS A 787 -49.17 1.16 -42.69
N ASP A 788 -49.12 2.48 -42.93
CA ASP A 788 -50.06 3.47 -42.40
C ASP A 788 -50.07 3.49 -40.87
N HIS A 789 -48.86 3.49 -40.31
CA HIS A 789 -48.65 3.65 -38.88
C HIS A 789 -48.28 5.10 -38.60
N ARG A 790 -48.86 5.67 -37.55
CA ARG A 790 -48.67 7.09 -37.25
C ARG A 790 -47.24 7.39 -36.81
N ASP A 791 -46.67 6.52 -35.98
CA ASP A 791 -45.27 6.64 -35.56
C ASP A 791 -44.60 5.30 -35.83
N ASN A 792 -43.93 5.20 -36.98
CA ASN A 792 -43.26 3.97 -37.34
C ASN A 792 -41.93 3.81 -36.62
N LEU A 793 -41.44 4.88 -36.00
CA LEU A 793 -40.24 4.77 -35.18
C LEU A 793 -40.52 4.01 -33.89
N GLU A 794 -41.71 4.16 -33.32
CA GLU A 794 -42.09 3.37 -32.17
C GLU A 794 -42.27 1.90 -32.53
N PHE A 795 -42.73 1.63 -33.76
CA PHE A 795 -42.87 0.26 -34.20
C PHE A 795 -41.51 -0.40 -34.42
N PHE A 796 -40.54 0.37 -34.92
CA PHE A 796 -39.19 -0.15 -35.08
C PHE A 796 -38.53 -0.43 -33.73
N LEU A 797 -38.76 0.46 -32.77
CA LEU A 797 -38.13 0.30 -31.46
C LEU A 797 -38.74 -0.85 -30.67
N ALA A 798 -40.02 -1.15 -30.92
CA ALA A 798 -40.61 -2.32 -30.29
C ALA A 798 -40.07 -3.62 -30.86
N GLY A 799 -39.70 -3.62 -32.15
CA GLY A 799 -39.08 -4.80 -32.73
C GLY A 799 -37.70 -5.07 -32.17
N ILE A 800 -36.92 -4.01 -31.93
CA ILE A 800 -35.63 -4.15 -31.29
C ILE A 800 -35.79 -4.60 -29.85
N GLY A 801 -36.85 -4.14 -29.19
CA GLY A 801 -37.09 -4.53 -27.81
C GLY A 801 -37.45 -6.00 -27.66
N ARG A 802 -38.27 -6.53 -28.55
CA ARG A 802 -38.59 -7.95 -28.49
C ARG A 802 -37.48 -8.80 -29.09
N LEU A 803 -36.53 -8.19 -29.78
CA LEU A 803 -35.32 -8.90 -30.17
C LEU A 803 -34.41 -9.12 -28.96
N HIS A 804 -34.48 -8.22 -27.98
CA HIS A 804 -33.79 -8.42 -26.71
C HIS A 804 -34.45 -9.52 -25.90
N LEU A 805 -35.77 -9.68 -26.05
CA LEU A 805 -36.52 -10.69 -25.25
C LEU A 805 -36.32 -12.08 -25.84
N SER A 806 -35.81 -12.18 -27.07
CA SER A 806 -35.54 -13.50 -27.70
C SER A 806 -34.21 -14.04 -27.19
N GLY A 807 -33.22 -13.18 -27.01
CA GLY A 807 -31.92 -13.59 -26.53
C GLY A 807 -30.74 -12.97 -27.25
N ILE A 808 -31.01 -12.16 -28.27
CA ILE A 808 -29.96 -11.53 -29.06
C ILE A 808 -29.62 -10.18 -28.43
N ASP A 809 -28.35 -9.96 -28.13
CA ASP A 809 -27.92 -8.71 -27.51
C ASP A 809 -27.84 -7.61 -28.55
N ALA A 810 -28.48 -6.49 -28.27
CA ALA A 810 -28.59 -5.38 -29.21
C ALA A 810 -28.80 -4.09 -28.44
N ASN A 811 -27.81 -3.20 -28.47
CA ASN A 811 -27.78 -2.01 -27.63
C ASN A 811 -28.37 -0.82 -28.36
N PRO A 812 -29.53 -0.29 -27.96
CA PRO A 812 -30.14 0.80 -28.74
C PRO A 812 -29.51 2.16 -28.50
N ASN A 813 -28.42 2.25 -27.74
CA ASN A 813 -27.73 3.53 -27.57
C ASN A 813 -27.05 3.96 -28.87
N ALA A 814 -26.75 3.01 -29.76
CA ALA A 814 -26.02 3.33 -30.97
C ALA A 814 -26.90 4.04 -32.00
N LEU A 815 -28.22 3.98 -31.81
CA LEU A 815 -29.14 4.59 -32.77
C LEU A 815 -29.14 6.10 -32.64
N PHE A 816 -28.97 6.60 -31.42
CA PHE A 816 -29.11 8.00 -31.10
C PHE A 816 -27.74 8.64 -30.94
N PRO A 817 -27.65 9.99 -30.94
CA PRO A 817 -26.38 10.65 -30.62
C PRO A 817 -25.91 10.33 -29.22
N PRO A 818 -24.60 10.17 -29.02
CA PRO A 818 -24.10 9.75 -27.70
C PRO A 818 -24.18 10.86 -26.67
N VAL A 819 -24.23 10.44 -25.41
CA VAL A 819 -24.32 11.34 -24.27
C VAL A 819 -22.89 11.72 -23.88
N GLU A 820 -22.70 12.96 -23.41
CA GLU A 820 -21.41 13.46 -22.96
C GLU A 820 -20.90 12.69 -21.75
N PHE A 821 -19.57 12.57 -21.64
CA PHE A 821 -18.96 11.52 -20.83
C PHE A 821 -19.22 11.64 -19.32
N PRO A 822 -19.07 12.80 -18.67
CA PRO A 822 -19.53 12.87 -17.28
C PRO A 822 -21.04 13.09 -17.22
N ALA A 823 -21.72 12.24 -16.49
CA ALA A 823 -23.13 12.45 -16.27
C ALA A 823 -23.34 13.62 -15.32
N PRO A 824 -24.37 14.44 -15.53
CA PRO A 824 -24.62 15.56 -14.62
C PRO A 824 -25.07 15.08 -13.26
N ARG A 825 -24.77 15.88 -12.23
CA ARG A 825 -25.14 15.46 -10.88
C ARG A 825 -26.62 15.59 -10.66
N GLY A 826 -27.14 14.78 -9.76
CA GLY A 826 -28.57 14.61 -9.62
C GLY A 826 -29.15 13.52 -10.49
N THR A 827 -28.31 12.84 -11.26
CA THR A 827 -28.73 11.66 -11.98
C THR A 827 -29.12 10.59 -10.98
N PRO A 828 -30.28 9.92 -11.15
CA PRO A 828 -30.76 8.99 -10.12
C PRO A 828 -29.86 7.78 -9.92
N LEU A 829 -29.88 7.27 -8.70
CA LEU A 829 -29.04 6.16 -8.30
C LEU A 829 -29.50 4.88 -8.97
N ILE A 830 -28.56 3.97 -9.21
CA ILE A 830 -28.85 2.70 -9.87
C ILE A 830 -28.75 1.53 -8.90
N SER A 831 -27.79 1.57 -7.97
CA SER A 831 -27.64 0.48 -7.00
C SER A 831 -28.84 0.16 -6.09
N PRO A 832 -29.77 1.07 -5.76
CA PRO A 832 -31.00 0.60 -5.10
C PRO A 832 -31.99 -0.12 -6.01
N LEU A 833 -31.77 -0.15 -7.32
CA LEU A 833 -32.71 -0.75 -8.25
C LEU A 833 -32.39 -2.20 -8.57
N ILE A 834 -31.37 -2.78 -7.95
CA ILE A 834 -30.96 -4.14 -8.24
C ILE A 834 -31.54 -5.06 -7.20
N LYS A 835 -32.30 -6.06 -7.63
CA LYS A 835 -32.94 -7.02 -6.74
C LYS A 835 -32.46 -8.42 -7.06
N TRP A 836 -32.33 -9.23 -6.03
CA TRP A 836 -31.76 -10.56 -6.14
C TRP A 836 -32.82 -11.61 -5.84
N ASP A 837 -32.44 -12.87 -6.04
CA ASP A 837 -33.25 -14.03 -5.69
C ASP A 837 -32.93 -14.38 -4.25
N HIS A 838 -33.72 -13.87 -3.31
CA HIS A 838 -33.48 -14.05 -1.89
C HIS A 838 -34.52 -14.94 -1.24
N SER A 839 -34.91 -16.02 -1.91
CA SER A 839 -35.94 -16.90 -1.36
C SER A 839 -35.42 -17.88 -0.34
N LEU A 840 -34.11 -18.03 -0.20
CA LEU A 840 -33.51 -18.99 0.71
C LEU A 840 -32.86 -18.29 1.88
N ALA A 841 -32.73 -19.03 2.99
CA ALA A 841 -32.11 -18.54 4.21
C ALA A 841 -30.89 -19.37 4.53
N TRP A 842 -29.80 -18.70 4.88
CA TRP A 842 -28.52 -19.37 5.14
C TRP A 842 -28.15 -19.23 6.60
N ASP A 843 -27.17 -20.01 7.02
CA ASP A 843 -26.80 -20.09 8.42
C ASP A 843 -26.06 -18.84 8.89
N VAL A 844 -26.40 -18.38 10.08
CA VAL A 844 -25.74 -17.24 10.72
C VAL A 844 -25.40 -17.70 12.14
N PRO A 845 -24.19 -17.45 12.63
CA PRO A 845 -23.85 -17.85 14.01
C PRO A 845 -24.66 -17.08 15.04
N ALA A 846 -25.01 -17.79 16.11
CA ALA A 846 -25.76 -17.23 17.22
C ALA A 846 -24.82 -16.90 18.36
N ALA A 847 -25.35 -16.26 19.40
CA ALA A 847 -24.55 -15.92 20.56
C ALA A 847 -24.19 -17.13 21.41
N GLU A 848 -24.88 -18.25 21.23
CA GLU A 848 -24.62 -19.46 21.99
C GLU A 848 -23.45 -20.25 21.45
N ASP A 849 -22.93 -19.91 20.26
CA ASP A 849 -21.79 -20.60 19.67
C ASP A 849 -20.46 -19.99 20.09
N PHE A 850 -20.45 -19.19 21.14
CA PHE A 850 -19.26 -18.51 21.61
C PHE A 850 -19.08 -18.81 23.09
N PRO A 851 -17.85 -18.83 23.58
CA PRO A 851 -17.62 -19.22 24.99
C PRO A 851 -18.18 -18.19 25.95
N ASN A 852 -18.93 -18.66 26.94
CA ASN A 852 -19.52 -17.80 27.95
C ASN A 852 -18.93 -18.06 29.34
N GLY A 853 -17.79 -18.73 29.41
CA GLY A 853 -17.13 -18.94 30.67
C GLY A 853 -17.63 -20.17 31.40
N SER A 854 -18.35 -21.03 30.70
CA SER A 854 -18.88 -22.26 31.29
C SER A 854 -17.81 -23.34 31.37
N MET B 1 12.24 6.63 -7.79
CA MET B 1 13.45 7.25 -8.28
C MET B 1 14.61 7.08 -7.30
N GLU B 2 14.35 6.40 -6.18
CA GLU B 2 15.36 6.15 -5.17
C GLU B 2 15.69 4.67 -5.18
N GLU B 3 16.95 4.33 -4.95
CA GLU B 3 17.34 2.94 -4.80
C GLU B 3 17.02 2.44 -3.41
N VAL B 4 16.49 1.21 -3.34
CA VAL B 4 16.06 0.61 -2.09
C VAL B 4 16.98 -0.57 -1.79
N VAL B 5 17.50 -0.63 -0.57
CA VAL B 5 18.44 -1.66 -0.16
C VAL B 5 17.92 -2.34 1.10
N ILE B 6 18.39 -3.56 1.34
CA ILE B 6 18.11 -4.25 2.59
C ILE B 6 19.27 -4.01 3.55
N ALA B 7 18.97 -3.41 4.69
CA ALA B 7 19.99 -2.92 5.60
C ALA B 7 20.15 -3.78 6.84
N GLY B 8 19.05 -4.32 7.36
CA GLY B 8 19.11 -5.07 8.59
C GLY B 8 18.28 -6.34 8.56
N MET B 9 18.60 -7.28 9.44
CA MET B 9 17.95 -8.58 9.46
C MET B 9 18.00 -9.16 10.88
N SER B 10 16.89 -9.71 11.32
CA SER B 10 16.85 -10.49 12.55
C SER B 10 15.70 -11.46 12.49
N GLY B 11 15.75 -12.50 13.30
CA GLY B 11 14.70 -13.49 13.23
C GLY B 11 14.75 -14.50 14.34
N LYS B 12 13.63 -15.17 14.52
CA LYS B 12 13.50 -16.31 15.44
C LYS B 12 12.78 -17.40 14.67
N LEU B 13 13.51 -18.46 14.33
CA LEU B 13 12.93 -19.55 13.51
C LEU B 13 13.09 -20.88 14.26
N PRO B 14 12.39 -21.97 13.87
CA PRO B 14 12.46 -23.23 14.62
C PRO B 14 13.86 -23.73 14.92
N GLU B 15 14.12 -24.00 16.21
CA GLU B 15 15.47 -24.47 16.64
C GLU B 15 16.49 -23.41 16.22
N SER B 16 16.03 -22.18 16.01
CA SER B 16 16.93 -21.08 15.56
C SER B 16 16.64 -19.81 16.36
N GLU B 17 17.14 -19.72 17.59
CA GLU B 17 16.92 -18.52 18.44
C GLU B 17 17.50 -17.29 17.72
N ASN B 18 18.72 -17.42 17.16
CA ASN B 18 19.38 -16.27 16.47
C ASN B 18 19.48 -16.57 14.98
N LEU B 19 19.83 -15.56 14.17
CA LEU B 19 19.89 -15.75 12.70
C LEU B 19 21.04 -16.70 12.35
N GLN B 20 22.10 -16.70 13.16
CA GLN B 20 23.25 -17.59 12.91
C GLN B 20 22.83 -19.04 13.19
N GLU B 21 22.17 -19.28 14.33
CA GLU B 21 21.66 -20.65 14.59
C GLU B 21 20.81 -21.09 13.38
N PHE B 22 19.97 -20.21 12.86
CA PHE B 22 19.16 -20.55 11.66
C PHE B 22 20.08 -21.02 10.54
N TRP B 23 21.03 -20.17 10.14
CA TRP B 23 21.95 -20.51 9.04
C TRP B 23 22.60 -21.88 9.31
N ASP B 24 23.09 -22.10 10.53
CA ASP B 24 23.82 -23.35 10.85
C ASP B 24 22.87 -24.53 10.60
N ASN B 25 21.65 -24.47 11.14
CA ASN B 25 20.68 -25.58 10.98
C ASN B 25 20.40 -25.78 9.48
N LEU B 26 20.31 -24.68 8.74
CA LEU B 26 20.03 -24.75 7.28
C LEU B 26 21.14 -25.48 6.53
N ILE B 27 22.41 -25.12 6.79
CA ILE B 27 23.55 -25.73 6.05
C ILE B 27 23.92 -27.06 6.72
N GLY B 28 23.54 -27.24 7.99
CA GLY B 28 23.82 -28.51 8.70
C GLY B 28 22.97 -29.63 8.16
N GLY B 29 21.87 -29.29 7.47
CA GLY B 29 20.95 -30.31 6.93
C GLY B 29 20.10 -30.91 8.02
N VAL B 30 20.02 -30.23 9.17
CA VAL B 30 19.21 -30.75 10.33
C VAL B 30 17.72 -30.55 10.01
N ASP B 31 16.88 -31.53 10.38
CA ASP B 31 15.41 -31.39 10.17
C ASP B 31 14.84 -30.51 11.30
N MET B 32 14.73 -29.21 11.06
CA MET B 32 14.25 -28.30 12.08
C MET B 32 12.83 -28.59 12.52
N VAL B 33 12.16 -29.56 11.91
CA VAL B 33 10.84 -29.98 12.36
C VAL B 33 10.99 -31.17 13.30
N THR B 34 10.19 -31.18 14.35
CA THR B 34 10.35 -32.12 15.44
C THR B 34 9.02 -32.78 15.78
N ASP B 35 9.08 -33.87 16.55
CA ASP B 35 7.84 -34.56 16.98
C ASP B 35 7.79 -34.50 18.51
N ASP B 36 7.46 -33.33 19.06
CA ASP B 36 7.44 -33.16 20.54
C ASP B 36 6.11 -32.52 20.96
N ASP B 37 5.63 -32.84 22.16
CA ASP B 37 4.38 -32.21 22.68
C ASP B 37 4.74 -30.84 23.27
N ARG B 38 5.11 -29.88 22.42
CA ARG B 38 5.54 -28.55 22.91
C ARG B 38 4.35 -27.58 22.86
N ARG B 39 3.26 -27.97 22.18
CA ARG B 39 2.10 -27.11 22.09
C ARG B 39 0.79 -27.85 22.26
N TRP B 40 0.67 -29.05 21.71
CA TRP B 40 -0.42 -29.94 22.06
C TRP B 40 0.14 -31.35 22.08
N LYS B 41 -0.74 -32.35 22.08
CA LYS B 41 -0.31 -33.74 22.14
C LYS B 41 0.34 -34.18 20.83
N ALA B 42 0.74 -35.44 20.79
CA ALA B 42 1.50 -35.94 19.65
C ALA B 42 0.63 -36.04 18.40
N GLY B 43 -0.48 -36.77 18.49
CA GLY B 43 -1.28 -36.99 17.31
C GLY B 43 -2.77 -36.88 17.54
N LEU B 44 -3.19 -35.97 18.41
CA LEU B 44 -4.61 -35.86 18.72
C LEU B 44 -5.38 -35.30 17.54
N TYR B 45 -6.65 -35.72 17.42
CA TYR B 45 -7.57 -35.45 16.32
C TYR B 45 -7.04 -35.97 14.99
N GLY B 46 -6.12 -36.93 14.99
CA GLY B 46 -5.53 -37.41 13.76
C GLY B 46 -4.54 -36.49 13.11
N LEU B 47 -4.01 -35.51 13.83
CA LEU B 47 -3.08 -34.55 13.27
C LEU B 47 -1.72 -35.21 13.03
N PRO B 48 -0.92 -34.68 12.09
CA PRO B 48 0.46 -35.15 11.95
C PRO B 48 1.28 -34.83 13.19
N ARG B 49 2.20 -35.74 13.51
CA ARG B 49 2.98 -35.58 14.73
C ARG B 49 4.11 -34.57 14.59
N ARG B 50 4.50 -34.25 13.36
CA ARG B 50 5.68 -33.43 13.14
C ARG B 50 5.29 -32.00 12.81
N SER B 51 6.02 -31.06 13.39
CA SER B 51 5.81 -29.64 13.15
C SER B 51 7.07 -28.91 13.55
N GLY B 52 7.25 -27.70 13.00
CA GLY B 52 8.37 -26.85 13.33
C GLY B 52 7.94 -25.77 14.30
N LYS B 53 8.59 -25.73 15.46
CA LYS B 53 8.18 -24.79 16.49
C LYS B 53 9.40 -24.09 17.08
N LEU B 54 9.14 -22.90 17.63
CA LEU B 54 10.18 -22.08 18.22
C LEU B 54 10.69 -22.69 19.51
N LYS B 55 11.88 -22.26 19.91
CA LYS B 55 12.53 -22.84 21.08
C LYS B 55 11.85 -22.38 22.37
N ASP B 56 11.56 -21.09 22.48
CA ASP B 56 10.90 -20.54 23.66
C ASP B 56 9.87 -19.52 23.22
N LEU B 57 8.87 -19.31 24.06
CA LEU B 57 7.77 -18.43 23.73
C LEU B 57 7.36 -17.51 24.88
N SER B 58 8.01 -17.59 26.03
CA SER B 58 7.55 -16.91 27.24
C SER B 58 8.56 -15.89 27.76
N ARG B 59 9.49 -15.45 26.94
CA ARG B 59 10.56 -14.56 27.37
C ARG B 59 10.34 -13.18 26.75
N PHE B 60 10.45 -12.14 27.57
CA PHE B 60 10.22 -10.78 27.12
C PHE B 60 10.86 -9.82 28.10
N ASP B 61 11.55 -8.83 27.58
CA ASP B 61 12.20 -7.79 28.39
C ASP B 61 11.21 -6.65 28.52
N ALA B 62 10.32 -6.75 29.50
CA ALA B 62 9.18 -5.85 29.59
C ALA B 62 9.58 -4.45 30.04
N SER B 63 10.63 -4.34 30.85
CA SER B 63 11.04 -3.03 31.36
C SER B 63 11.67 -2.16 30.30
N PHE B 64 12.39 -2.76 29.33
CA PHE B 64 13.00 -2.00 28.27
C PHE B 64 11.97 -1.36 27.35
N PHE B 65 10.94 -2.10 27.01
CA PHE B 65 9.92 -1.62 26.09
C PHE B 65 8.81 -0.88 26.80
N GLY B 66 8.92 -0.73 28.12
CA GLY B 66 8.01 0.10 28.89
C GLY B 66 6.60 -0.40 28.99
N VAL B 67 6.40 -1.71 29.12
CA VAL B 67 5.07 -2.26 29.33
C VAL B 67 4.96 -2.70 30.79
N HIS B 68 3.77 -2.50 31.34
CA HIS B 68 3.50 -2.88 32.72
C HIS B 68 3.46 -4.40 32.81
N PRO B 69 3.93 -4.98 33.92
CA PRO B 69 3.93 -6.45 34.05
C PRO B 69 2.55 -7.08 33.99
N LYS B 70 1.52 -6.39 34.43
CA LYS B 70 0.17 -6.90 34.27
C LYS B 70 -0.32 -6.82 32.82
N GLN B 71 0.14 -5.83 32.07
CA GLN B 71 -0.14 -5.77 30.64
C GLN B 71 0.69 -6.76 29.83
N ALA B 72 1.88 -7.12 30.31
CA ALA B 72 2.73 -8.06 29.58
C ALA B 72 2.22 -9.49 29.62
N HIS B 73 1.50 -9.87 30.67
CA HIS B 73 0.94 -11.21 30.75
C HIS B 73 -0.21 -11.40 29.76
N THR B 74 -0.95 -10.34 29.47
CA THR B 74 -2.10 -10.40 28.58
C THR B 74 -1.77 -9.91 27.17
N MET B 75 -0.54 -10.07 26.75
CA MET B 75 -0.06 -9.68 25.44
C MET B 75 0.08 -10.91 24.55
N ASP B 76 -0.02 -10.72 23.24
CA ASP B 76 0.22 -11.77 22.25
C ASP B 76 1.71 -12.08 22.30
N PRO B 77 2.13 -13.35 22.46
CA PRO B 77 3.58 -13.65 22.49
C PRO B 77 4.31 -13.26 21.23
N GLN B 78 3.62 -13.34 20.11
CA GLN B 78 4.20 -13.01 18.81
C GLN B 78 4.48 -11.51 18.69
N LEU B 79 3.72 -10.67 19.40
CA LEU B 79 4.03 -9.25 19.43
C LEU B 79 5.26 -8.95 20.29
N ARG B 80 5.41 -9.67 21.41
CA ARG B 80 6.61 -9.52 22.24
C ARG B 80 7.87 -9.91 21.49
N LEU B 81 7.82 -11.05 20.81
CA LEU B 81 8.95 -11.49 20.00
C LEU B 81 9.22 -10.54 18.85
N LEU B 82 8.16 -9.98 18.25
CA LEU B 82 8.35 -9.03 17.16
C LEU B 82 8.99 -7.73 17.62
N LEU B 83 8.65 -7.25 18.83
CA LEU B 83 9.32 -6.08 19.39
C LEU B 83 10.82 -6.31 19.58
N GLU B 84 11.19 -7.46 20.13
CA GLU B 84 12.61 -7.75 20.33
C GLU B 84 13.37 -7.89 19.01
N VAL B 85 12.83 -8.65 18.04
CA VAL B 85 13.56 -8.84 16.78
C VAL B 85 13.53 -7.57 15.95
N THR B 86 12.56 -6.69 16.16
CA THR B 86 12.53 -5.42 15.47
C THR B 86 13.64 -4.51 15.96
N TYR B 87 13.90 -4.50 17.27
CA TYR B 87 15.08 -3.78 17.76
C TYR B 87 16.37 -4.39 17.20
N GLU B 88 16.44 -5.72 17.16
CA GLU B 88 17.66 -6.39 16.73
C GLU B 88 17.97 -6.13 15.25
N ALA B 89 16.94 -5.97 14.43
CA ALA B 89 17.13 -5.68 13.01
C ALA B 89 17.74 -4.29 12.77
N ILE B 90 17.22 -3.27 13.47
CA ILE B 90 17.77 -1.93 13.37
C ILE B 90 19.21 -1.90 13.84
N VAL B 91 19.50 -2.59 14.95
CA VAL B 91 20.87 -2.65 15.45
C VAL B 91 21.79 -3.42 14.49
N ASP B 92 21.26 -4.46 13.83
CA ASP B 92 22.02 -5.18 12.80
C ASP B 92 22.35 -4.30 11.62
N GLY B 93 21.52 -3.29 11.35
CA GLY B 93 21.81 -2.40 10.24
C GLY B 93 22.98 -1.47 10.49
N GLY B 94 23.44 -1.37 11.74
CA GLY B 94 24.45 -0.42 12.12
C GLY B 94 23.90 0.93 12.48
N ILE B 95 22.58 1.05 12.57
CA ILE B 95 21.92 2.32 12.82
C ILE B 95 21.42 2.36 14.26
N ASN B 96 21.74 3.44 14.96
CA ASN B 96 21.13 3.67 16.26
C ASN B 96 19.65 3.96 16.07
N PRO B 97 18.76 3.29 16.81
CA PRO B 97 17.31 3.54 16.63
C PRO B 97 16.87 4.93 17.03
N ASP B 98 17.66 5.66 17.82
CA ASP B 98 17.32 7.01 18.20
C ASP B 98 17.45 8.02 17.07
N SER B 99 18.10 7.65 15.97
CA SER B 99 18.19 8.53 14.82
C SER B 99 16.97 8.46 13.92
N LEU B 100 16.00 7.60 14.23
CA LEU B 100 14.76 7.49 13.47
C LEU B 100 13.54 7.90 14.29
N ARG B 101 13.74 8.64 15.38
CA ARG B 101 12.67 8.88 16.34
C ARG B 101 11.63 9.89 15.88
N GLY B 102 11.87 10.64 14.83
CA GLY B 102 10.86 11.59 14.42
C GLY B 102 10.51 11.49 12.96
N THR B 103 11.14 10.53 12.29
CA THR B 103 11.11 10.43 10.85
C THR B 103 9.81 9.78 10.39
N HIS B 104 9.64 9.72 9.07
CA HIS B 104 8.43 9.25 8.44
C HIS B 104 8.54 7.78 8.00
N THR B 105 9.20 6.94 8.79
CA THR B 105 9.39 5.55 8.40
C THR B 105 8.14 4.74 8.71
N GLY B 106 7.83 3.77 7.84
CA GLY B 106 6.63 3.00 7.95
C GLY B 106 6.84 1.59 8.47
N VAL B 107 5.74 0.97 8.90
CA VAL B 107 5.72 -0.40 9.40
C VAL B 107 4.68 -1.19 8.62
N TRP B 108 5.08 -2.34 8.09
CA TRP B 108 4.18 -3.26 7.39
C TRP B 108 4.40 -4.66 7.95
N VAL B 109 3.38 -5.25 8.54
CA VAL B 109 3.48 -6.56 9.17
C VAL B 109 2.50 -7.50 8.49
N GLY B 110 2.97 -8.70 8.13
CA GLY B 110 2.10 -9.73 7.62
C GLY B 110 1.69 -10.75 8.66
N VAL B 111 0.42 -10.68 9.09
CA VAL B 111 -0.11 -11.64 10.08
C VAL B 111 -1.21 -12.45 9.40
N SER B 112 -1.68 -13.52 10.05
CA SER B 112 -2.80 -14.32 9.47
C SER B 112 -3.70 -14.82 10.61
N GLY B 113 -3.20 -14.85 11.84
CA GLY B 113 -4.01 -15.42 12.91
C GLY B 113 -3.83 -14.65 14.19
N SER B 114 -4.89 -14.64 15.00
CA SER B 114 -4.85 -14.10 16.36
C SER B 114 -5.60 -15.08 17.26
N GLU B 115 -4.88 -16.09 17.74
CA GLU B 115 -5.46 -17.08 18.63
C GLU B 115 -5.39 -16.67 20.09
N THR B 116 -4.38 -15.86 20.45
CA THR B 116 -4.30 -15.32 21.81
C THR B 116 -5.46 -14.39 22.11
N SER B 117 -5.96 -13.69 21.11
CA SER B 117 -7.10 -12.80 21.28
C SER B 117 -8.35 -13.56 21.66
N GLU B 118 -8.58 -14.71 21.03
CA GLU B 118 -9.78 -15.46 21.35
C GLU B 118 -9.59 -16.39 22.54
N ALA B 119 -8.35 -16.68 22.92
CA ALA B 119 -8.14 -17.38 24.18
C ALA B 119 -8.31 -16.47 25.38
N LEU B 120 -7.97 -15.20 25.23
CA LEU B 120 -8.03 -14.26 26.35
C LEU B 120 -9.39 -13.61 26.49
N SER B 121 -10.35 -13.90 25.60
CA SER B 121 -11.68 -13.33 25.70
C SER B 121 -12.76 -14.39 25.85
N ARG B 122 -12.41 -15.56 26.36
CA ARG B 122 -13.40 -16.63 26.48
C ARG B 122 -14.31 -16.46 27.69
N ASP B 123 -13.86 -15.79 28.73
CA ASP B 123 -14.65 -15.62 29.95
C ASP B 123 -15.08 -14.17 30.08
N PRO B 124 -16.34 -13.83 29.80
CA PRO B 124 -16.76 -12.43 29.87
C PRO B 124 -16.97 -11.89 31.26
N GLU B 125 -16.74 -12.68 32.31
CA GLU B 125 -16.84 -12.19 33.68
C GLU B 125 -15.50 -11.80 34.26
N THR B 126 -14.40 -12.38 33.80
CA THR B 126 -13.06 -12.07 34.28
C THR B 126 -12.19 -11.43 33.19
N LEU B 127 -12.81 -10.73 32.25
CA LEU B 127 -12.07 -10.03 31.22
C LEU B 127 -11.31 -8.83 31.77
N VAL B 128 -10.29 -8.43 31.03
CA VAL B 128 -9.58 -7.19 31.27
C VAL B 128 -9.54 -6.42 29.96
N GLY B 129 -9.43 -5.10 30.04
CA GLY B 129 -9.40 -4.28 28.84
C GLY B 129 -8.09 -4.33 28.10
N TYR B 130 -6.99 -4.72 28.76
CA TYR B 130 -5.68 -4.70 28.13
C TYR B 130 -5.52 -5.78 27.07
N SER B 131 -6.38 -6.79 27.08
CA SER B 131 -6.30 -7.83 26.06
C SER B 131 -6.71 -7.31 24.69
N MET B 132 -7.49 -6.23 24.64
CA MET B 132 -7.78 -5.60 23.36
C MET B 132 -6.55 -4.87 22.83
N VAL B 133 -5.82 -4.18 23.71
CA VAL B 133 -4.65 -3.42 23.30
C VAL B 133 -3.47 -4.31 22.92
N GLY B 134 -3.31 -5.45 23.57
CA GLY B 134 -2.17 -6.29 23.29
C GLY B 134 -2.36 -7.41 22.29
N CYS B 135 -3.59 -7.64 21.82
CA CYS B 135 -3.86 -8.78 20.95
C CYS B 135 -4.62 -8.46 19.67
N GLN B 136 -5.11 -7.25 19.48
CA GLN B 136 -5.76 -6.87 18.24
C GLN B 136 -4.74 -6.84 17.10
N ARG B 137 -5.16 -7.27 15.91
CA ARG B 137 -4.24 -7.49 14.80
C ARG B 137 -3.59 -6.19 14.30
N ALA B 138 -4.28 -5.06 14.44
CA ALA B 138 -3.66 -3.79 14.04
C ALA B 138 -2.58 -3.37 15.01
N MET B 139 -2.62 -3.88 16.24
CA MET B 139 -1.67 -3.46 17.23
C MET B 139 -0.30 -4.09 17.01
N MET B 140 -0.22 -5.15 16.18
CA MET B 140 1.05 -5.75 15.82
C MET B 140 1.94 -4.78 15.05
N ALA B 141 1.36 -3.82 14.34
CA ALA B 141 2.12 -2.73 13.75
C ALA B 141 2.07 -1.45 14.57
N ASN B 142 0.94 -1.19 15.23
CA ASN B 142 0.78 0.08 15.94
C ASN B 142 1.64 0.15 17.20
N ARG B 143 1.89 -0.97 17.89
CA ARG B 143 2.78 -0.94 19.05
C ARG B 143 4.22 -0.71 18.64
N LEU B 144 4.62 -1.24 17.48
CA LEU B 144 5.96 -0.98 16.96
C LEU B 144 6.15 0.48 16.62
N SER B 145 5.15 1.08 15.95
CA SER B 145 5.21 2.50 15.66
C SER B 145 5.14 3.35 16.92
N PHE B 146 4.46 2.88 17.96
CA PHE B 146 4.38 3.63 19.20
C PHE B 146 5.70 3.60 19.96
N PHE B 147 6.33 2.43 20.07
CA PHE B 147 7.57 2.35 20.84
C PHE B 147 8.72 3.03 20.11
N PHE B 148 8.86 2.79 18.81
CA PHE B 148 10.01 3.32 18.10
C PHE B 148 9.80 4.75 17.63
N ASP B 149 8.60 5.32 17.83
CA ASP B 149 8.23 6.68 17.46
C ASP B 149 8.36 6.91 15.95
N PHE B 150 7.58 6.16 15.20
CA PHE B 150 7.60 6.20 13.73
C PHE B 150 6.35 6.93 13.27
N ARG B 151 6.51 7.86 12.33
CA ARG B 151 5.41 8.69 11.87
C ARG B 151 4.83 8.25 10.53
N GLY B 152 5.33 7.18 9.93
CA GLY B 152 4.87 6.75 8.63
C GLY B 152 3.63 5.89 8.71
N PRO B 153 3.25 5.27 7.60
CA PRO B 153 2.08 4.36 7.63
C PRO B 153 2.35 3.12 8.47
N SER B 154 1.32 2.65 9.15
CA SER B 154 1.43 1.53 10.08
C SER B 154 0.30 0.55 9.80
N ILE B 155 0.57 -0.45 8.98
CA ILE B 155 -0.45 -1.34 8.40
C ILE B 155 -0.14 -2.78 8.74
N ALA B 156 -1.16 -3.52 9.19
CA ALA B 156 -1.11 -4.98 9.28
C ALA B 156 -1.98 -5.56 8.18
N LEU B 157 -1.43 -6.46 7.38
CA LEU B 157 -2.15 -6.98 6.22
C LEU B 157 -2.11 -8.50 6.19
N ASP B 158 -3.16 -9.10 5.65
CA ASP B 158 -3.31 -10.54 5.56
C ASP B 158 -3.62 -10.92 4.12
N THR B 159 -2.75 -11.72 3.52
CA THR B 159 -2.87 -12.07 2.11
C THR B 159 -2.53 -13.57 1.99
N ALA B 160 -2.93 -14.32 3.01
CA ALA B 160 -2.69 -15.79 3.20
C ALA B 160 -1.18 -16.02 3.23
N CYS B 161 -0.67 -16.97 2.43
CA CYS B 161 0.73 -17.38 2.53
C CYS B 161 1.72 -16.34 1.99
N SER B 162 1.29 -15.42 1.16
CA SER B 162 2.19 -14.43 0.58
C SER B 162 2.21 -13.14 1.37
N SER B 163 1.80 -13.18 2.64
CA SER B 163 1.53 -11.96 3.39
C SER B 163 2.80 -11.21 3.75
N SER B 164 3.88 -11.94 4.01
CA SER B 164 5.12 -11.29 4.43
C SER B 164 5.83 -10.63 3.26
N LEU B 165 5.78 -11.25 2.09
CA LEU B 165 6.42 -10.68 0.93
C LEU B 165 5.60 -9.54 0.34
N MET B 166 4.28 -9.57 0.54
CA MET B 166 3.44 -8.47 0.12
C MET B 166 3.75 -7.21 0.93
N ALA B 167 4.05 -7.37 2.22
CA ALA B 167 4.45 -6.24 3.04
C ALA B 167 5.78 -5.66 2.58
N LEU B 168 6.70 -6.52 2.16
CA LEU B 168 7.98 -6.08 1.60
C LEU B 168 7.76 -5.33 0.29
N GLN B 169 6.80 -5.79 -0.53
CA GLN B 169 6.51 -5.12 -1.79
C GLN B 169 5.94 -3.72 -1.58
N ASN B 170 5.04 -3.57 -0.60
CA ASN B 170 4.48 -2.25 -0.30
C ASN B 170 5.51 -1.31 0.32
N ALA B 171 6.38 -1.83 1.19
CA ALA B 171 7.46 -1.03 1.74
C ALA B 171 8.44 -0.60 0.66
N TYR B 172 8.66 -1.45 -0.35
CA TYR B 172 9.48 -1.10 -1.50
C TYR B 172 8.90 0.09 -2.26
N GLN B 173 7.58 0.07 -2.48
CA GLN B 173 6.94 1.14 -3.24
C GLN B 173 6.91 2.44 -2.46
N ALA B 174 6.85 2.36 -1.13
CA ALA B 174 6.93 3.59 -0.32
C ALA B 174 8.30 4.25 -0.40
N ILE B 175 9.39 3.47 -0.33
CA ILE B 175 10.73 4.06 -0.42
C ILE B 175 11.01 4.53 -1.84
N HIS B 176 10.57 3.76 -2.83
CA HIS B 176 10.83 4.07 -4.24
C HIS B 176 10.18 5.38 -4.67
N SER B 177 8.98 5.66 -4.15
CA SER B 177 8.27 6.88 -4.51
C SER B 177 8.77 8.11 -3.78
N GLY B 178 9.64 7.95 -2.79
CA GLY B 178 10.07 9.07 -1.99
C GLY B 178 9.15 9.42 -0.85
N GLN B 179 8.12 8.60 -0.60
CA GLN B 179 7.21 8.86 0.50
C GLN B 179 7.89 8.63 1.85
N CYS B 180 8.65 7.56 1.98
CA CYS B 180 9.24 7.15 3.24
C CYS B 180 10.76 7.10 3.11
N PRO B 181 11.52 7.47 4.15
CA PRO B 181 12.97 7.27 4.07
C PRO B 181 13.39 5.86 4.43
N ALA B 182 12.67 5.18 5.31
CA ALA B 182 13.00 3.83 5.74
C ALA B 182 11.71 3.09 6.01
N ALA B 183 11.81 1.79 6.25
CA ALA B 183 10.64 0.97 6.52
C ALA B 183 11.04 -0.25 7.32
N ILE B 184 10.05 -0.86 7.96
CA ILE B 184 10.23 -2.09 8.70
C ILE B 184 9.18 -3.09 8.21
N VAL B 185 9.64 -4.26 7.79
CA VAL B 185 8.78 -5.33 7.30
C VAL B 185 8.86 -6.48 8.29
N GLY B 186 7.70 -7.00 8.69
CA GLY B 186 7.66 -8.09 9.64
C GLY B 186 6.79 -9.23 9.15
N GLY B 187 6.99 -10.40 9.76
CA GLY B 187 6.17 -11.56 9.51
C GLY B 187 6.14 -12.49 10.71
N ILE B 188 4.96 -12.90 11.16
CA ILE B 188 4.82 -13.63 12.40
C ILE B 188 3.84 -14.78 12.21
N ASN B 189 4.16 -15.93 12.80
CA ASN B 189 3.25 -17.08 12.82
C ASN B 189 3.57 -17.91 14.03
N VAL B 190 2.54 -18.27 14.80
CA VAL B 190 2.68 -19.08 16.01
C VAL B 190 1.54 -20.08 16.04
N LEU B 191 1.86 -21.35 16.30
CA LEU B 191 0.87 -22.43 16.35
C LEU B 191 0.41 -22.63 17.79
N LEU B 192 -0.82 -22.23 18.08
CA LEU B 192 -1.35 -22.38 19.45
C LEU B 192 -2.56 -23.28 19.53
N LYS B 193 -3.53 -23.15 18.62
CA LYS B 193 -4.65 -24.05 18.81
C LYS B 193 -4.71 -25.09 17.70
N PRO B 194 -5.06 -26.34 18.03
CA PRO B 194 -5.04 -27.41 17.03
C PRO B 194 -6.23 -27.43 16.08
N ASN B 195 -7.24 -26.60 16.31
CA ASN B 195 -8.42 -26.57 15.45
C ASN B 195 -8.09 -26.06 14.06
N THR B 196 -7.16 -25.11 13.97
CA THR B 196 -6.69 -24.62 12.68
C THR B 196 -5.97 -25.71 11.89
N SER B 197 -5.17 -26.52 12.58
CA SER B 197 -4.50 -27.64 11.93
C SER B 197 -5.51 -28.69 11.48
N VAL B 198 -6.60 -28.86 12.23
CA VAL B 198 -7.64 -29.80 11.81
C VAL B 198 -8.36 -29.28 10.56
N GLN B 199 -8.56 -27.97 10.48
CA GLN B 199 -9.13 -27.35 9.28
C GLN B 199 -8.24 -27.56 8.06
N PHE B 200 -6.93 -27.36 8.23
CA PHE B 200 -6.00 -27.58 7.13
C PHE B 200 -5.89 -29.05 6.75
N LEU B 201 -6.05 -29.95 7.72
CA LEU B 201 -6.05 -31.37 7.44
C LEU B 201 -7.28 -31.78 6.63
N ARG B 202 -8.45 -31.23 6.99
CA ARG B 202 -9.66 -31.58 6.26
C ARG B 202 -9.69 -30.94 4.87
N LEU B 203 -8.98 -29.83 4.68
CA LEU B 203 -8.86 -29.27 3.33
C LEU B 203 -7.97 -30.10 2.43
N GLY B 204 -7.13 -30.97 2.99
CA GLY B 204 -6.23 -31.77 2.19
C GLY B 204 -4.88 -31.15 1.92
N MET B 205 -4.47 -30.14 2.70
CA MET B 205 -3.23 -29.44 2.43
C MET B 205 -2.05 -29.92 3.26
N LEU B 206 -2.29 -30.69 4.32
CA LEU B 206 -1.23 -31.11 5.20
C LEU B 206 -0.72 -32.48 4.82
N SER B 207 0.61 -32.64 4.80
CA SER B 207 1.20 -33.94 4.56
C SER B 207 1.00 -34.84 5.77
N PRO B 208 0.66 -36.11 5.56
CA PRO B 208 0.58 -37.04 6.69
C PRO B 208 1.90 -37.30 7.38
N GLU B 209 3.02 -37.19 6.66
CA GLU B 209 4.34 -37.39 7.24
C GLU B 209 4.92 -36.12 7.86
N GLY B 210 4.28 -34.97 7.66
CA GLY B 210 4.78 -33.72 8.19
C GLY B 210 6.08 -33.25 7.55
N THR B 211 6.21 -33.41 6.24
CA THR B 211 7.43 -33.08 5.52
C THR B 211 7.09 -32.35 4.23
N CYS B 212 7.85 -31.29 3.93
CA CYS B 212 7.75 -30.63 2.63
C CYS B 212 8.76 -31.27 1.69
N LYS B 213 8.32 -32.30 0.97
CA LYS B 213 9.16 -32.95 -0.03
C LYS B 213 9.11 -32.10 -1.30
N ALA B 214 9.92 -31.05 -1.30
CA ALA B 214 9.87 -30.08 -2.39
C ALA B 214 10.49 -30.66 -3.65
N PHE B 215 9.78 -30.50 -4.77
CA PHE B 215 10.18 -30.94 -6.12
C PHE B 215 10.37 -32.45 -6.21
N ASP B 216 9.72 -33.20 -5.33
CA ASP B 216 9.91 -34.63 -5.19
C ASP B 216 8.69 -35.38 -5.70
N THR B 217 8.89 -36.64 -6.09
CA THR B 217 7.79 -37.47 -6.54
C THR B 217 6.81 -37.79 -5.42
N ALA B 218 7.30 -37.89 -4.19
CA ALA B 218 6.50 -38.30 -3.05
C ALA B 218 5.86 -37.14 -2.31
N GLY B 219 5.80 -35.96 -2.91
CA GLY B 219 5.24 -34.80 -2.23
C GLY B 219 3.73 -34.89 -2.13
N ASN B 220 3.20 -34.71 -0.92
CA ASN B 220 1.76 -34.80 -0.71
C ASN B 220 1.22 -33.75 0.24
N GLY B 221 1.91 -32.64 0.45
CA GLY B 221 1.43 -31.61 1.34
C GLY B 221 2.60 -30.93 2.01
N TYR B 222 2.28 -30.04 2.94
CA TYR B 222 3.32 -29.30 3.66
C TYR B 222 3.21 -29.54 5.15
N CYS B 223 4.14 -28.97 5.88
CA CYS B 223 4.24 -29.08 7.32
C CYS B 223 4.15 -27.68 7.93
N ARG B 224 3.30 -27.53 8.93
CA ARG B 224 3.08 -26.22 9.53
C ARG B 224 4.23 -25.83 10.45
N SER B 225 4.61 -24.55 10.42
CA SER B 225 5.76 -24.08 11.17
C SER B 225 5.47 -22.71 11.77
N GLU B 226 6.41 -22.28 12.62
CA GLU B 226 6.36 -20.98 13.29
C GLU B 226 7.52 -20.11 12.81
N GLY B 227 7.47 -18.83 13.19
CA GLY B 227 8.56 -17.95 12.84
C GLY B 227 8.26 -16.47 13.03
N VAL B 228 9.26 -15.71 13.48
CA VAL B 228 9.14 -14.27 13.70
C VAL B 228 10.36 -13.63 13.04
N VAL B 229 10.16 -12.95 11.91
CA VAL B 229 11.25 -12.36 11.12
C VAL B 229 10.96 -10.87 10.94
N ALA B 230 12.01 -10.05 10.99
CA ALA B 230 11.93 -8.63 10.65
C ALA B 230 13.14 -8.22 9.84
N VAL B 231 12.93 -7.34 8.84
CA VAL B 231 14.02 -6.75 8.08
C VAL B 231 13.85 -5.24 8.08
N LEU B 232 14.95 -4.55 7.83
CA LEU B 232 14.96 -3.09 7.76
C LEU B 232 15.31 -2.67 6.34
N LEU B 233 14.44 -1.86 5.74
CA LEU B 233 14.63 -1.34 4.40
C LEU B 233 14.90 0.15 4.48
N THR B 234 15.76 0.65 3.60
CA THR B 234 16.10 2.06 3.62
C THR B 234 16.54 2.48 2.22
N LYS B 235 16.58 3.79 2.03
CA LYS B 235 17.19 4.34 0.83
C LYS B 235 18.71 4.15 0.91
N LYS B 236 19.37 4.30 -0.25
CA LYS B 236 20.78 3.94 -0.36
C LYS B 236 21.68 4.85 0.45
N SER B 237 21.32 6.13 0.58
CA SER B 237 22.19 7.09 1.25
C SER B 237 22.19 6.91 2.77
N LEU B 238 21.17 6.26 3.34
CA LEU B 238 21.14 6.07 4.77
C LEU B 238 21.78 4.77 5.23
N ALA B 239 22.17 3.91 4.31
CA ALA B 239 22.55 2.53 4.64
C ALA B 239 24.02 2.48 5.06
N ARG B 240 24.26 1.98 6.27
CA ARG B 240 25.60 1.65 6.70
C ARG B 240 26.00 0.25 6.24
N ARG B 241 25.03 -0.63 6.08
CA ARG B 241 25.25 -2.02 5.70
C ARG B 241 24.26 -2.38 4.61
N VAL B 242 24.73 -3.05 3.57
CA VAL B 242 23.88 -3.47 2.45
C VAL B 242 24.01 -4.96 2.26
N TYR B 243 22.91 -5.69 2.36
CA TYR B 243 22.87 -7.09 1.99
C TYR B 243 22.62 -7.27 0.50
N ALA B 244 21.62 -6.56 -0.04
CA ALA B 244 21.28 -6.63 -1.45
C ALA B 244 20.49 -5.39 -1.82
N THR B 245 20.34 -5.17 -3.12
CA THR B 245 19.56 -4.08 -3.66
C THR B 245 18.34 -4.65 -4.35
N ILE B 246 17.14 -4.17 -3.99
CA ILE B 246 15.90 -4.63 -4.60
C ILE B 246 15.78 -3.98 -5.97
N LEU B 247 15.91 -4.77 -7.03
CA LEU B 247 15.79 -4.22 -8.37
C LEU B 247 14.34 -3.95 -8.75
N ASN B 248 13.44 -4.87 -8.40
CA ASN B 248 12.02 -4.69 -8.72
C ASN B 248 11.20 -5.57 -7.78
N ALA B 249 9.91 -5.23 -7.68
CA ALA B 249 8.97 -5.98 -6.85
C ALA B 249 7.56 -5.70 -7.34
N GLY B 250 6.75 -6.74 -7.42
CA GLY B 250 5.41 -6.59 -7.95
C GLY B 250 4.49 -7.71 -7.51
N THR B 251 3.22 -7.58 -7.89
CA THR B 251 2.21 -8.54 -7.47
C THR B 251 1.08 -8.59 -8.49
N ASN B 252 0.35 -9.71 -8.50
CA ASN B 252 -0.90 -9.83 -9.22
C ASN B 252 -1.77 -10.90 -8.55
N THR B 253 -2.87 -11.25 -9.18
CA THR B 253 -3.79 -12.26 -8.67
C THR B 253 -4.24 -13.14 -9.83
N ASP B 254 -4.58 -14.40 -9.53
CA ASP B 254 -4.93 -15.37 -10.55
C ASP B 254 -6.23 -15.01 -11.26
N GLY B 255 -7.21 -14.51 -10.52
CA GLY B 255 -8.51 -14.25 -11.11
C GLY B 255 -9.38 -15.49 -11.09
N PHE B 256 -10.21 -15.63 -12.11
CA PHE B 256 -11.12 -16.75 -12.19
C PHE B 256 -10.40 -17.98 -12.73
N LYS B 257 -10.62 -19.12 -12.09
CA LYS B 257 -10.08 -20.41 -12.53
C LYS B 257 -11.20 -21.42 -12.54
N GLU B 258 -11.23 -22.26 -13.58
CA GLU B 258 -12.27 -23.29 -13.68
C GLU B 258 -12.08 -24.38 -12.64
N GLN B 259 -10.85 -24.59 -12.18
CA GLN B 259 -10.55 -25.72 -11.31
C GLN B 259 -11.01 -25.46 -9.87
N GLY B 260 -10.99 -24.23 -9.44
CA GLY B 260 -11.41 -23.91 -8.08
C GLY B 260 -10.67 -22.70 -7.57
N VAL B 261 -10.98 -22.27 -6.34
CA VAL B 261 -10.28 -21.08 -5.76
C VAL B 261 -8.89 -21.52 -5.31
N THR B 262 -8.78 -22.66 -4.64
CA THR B 262 -7.50 -23.17 -4.09
C THR B 262 -6.47 -23.48 -5.16
N PHE B 263 -6.86 -24.04 -6.31
CA PHE B 263 -5.84 -24.54 -7.28
C PHE B 263 -4.92 -23.45 -7.81
N PRO B 264 -3.60 -23.73 -7.87
CA PRO B 264 -2.62 -22.79 -8.43
C PRO B 264 -2.66 -22.63 -9.95
N SER B 265 -2.34 -21.45 -10.46
CA SER B 265 -2.27 -21.26 -11.94
C SER B 265 -0.87 -20.76 -12.34
N GLY B 266 -0.07 -21.57 -13.04
CA GLY B 266 1.26 -21.14 -13.37
C GLY B 266 1.38 -20.11 -14.45
N ASP B 267 0.31 -19.90 -15.22
CA ASP B 267 0.36 -18.95 -16.32
C ASP B 267 0.42 -17.51 -15.81
N ILE B 268 -0.38 -17.19 -14.80
CA ILE B 268 -0.37 -15.85 -14.22
C ILE B 268 0.94 -15.59 -13.49
N GLN B 269 1.49 -16.62 -12.84
CA GLN B 269 2.80 -16.48 -12.19
C GLN B 269 3.91 -16.25 -13.22
N GLU B 270 3.83 -16.94 -14.36
CA GLU B 270 4.80 -16.72 -15.43
C GLU B 270 4.69 -15.31 -15.99
N GLN B 271 3.46 -14.79 -16.12
CA GLN B 271 3.25 -13.43 -16.58
C GLN B 271 3.84 -12.41 -15.59
N LEU B 272 3.68 -12.67 -14.28
CA LEU B 272 4.22 -11.77 -13.27
C LEU B 272 5.74 -11.73 -13.32
N ILE B 273 6.38 -12.90 -13.46
CA ILE B 273 7.83 -12.98 -13.52
C ILE B 273 8.37 -12.26 -14.77
N ARG B 274 7.74 -12.49 -15.92
CA ARG B 274 8.21 -11.87 -17.16
C ARG B 274 7.99 -10.36 -17.16
N SER B 275 6.87 -9.88 -16.60
CA SER B 275 6.61 -8.45 -16.57
C SER B 275 7.58 -7.73 -15.64
N LEU B 276 7.93 -8.40 -14.53
CA LEU B 276 8.86 -7.79 -13.53
C LEU B 276 10.24 -7.57 -14.18
N TYR B 277 10.88 -8.63 -14.68
CA TYR B 277 12.27 -8.47 -15.20
C TYR B 277 12.27 -7.52 -16.41
N GLN B 278 11.20 -7.53 -17.22
CA GLN B 278 11.11 -6.58 -18.36
C GLN B 278 11.13 -5.16 -17.82
N SER B 279 10.15 -4.81 -16.98
CA SER B 279 10.12 -3.50 -16.38
C SER B 279 11.39 -3.15 -15.62
N ALA B 280 12.06 -4.13 -15.02
CA ALA B 280 13.33 -3.84 -14.36
C ALA B 280 14.48 -3.64 -15.32
N GLY B 281 14.40 -4.19 -16.53
CA GLY B 281 15.47 -4.06 -17.50
C GLY B 281 16.60 -5.04 -17.37
N VAL B 282 16.37 -6.18 -16.71
CA VAL B 282 17.40 -7.20 -16.53
C VAL B 282 17.12 -8.35 -17.48
N ALA B 283 18.18 -8.92 -18.02
CA ALA B 283 18.03 -10.07 -18.89
C ALA B 283 17.79 -11.33 -18.06
N PRO B 284 17.04 -12.29 -18.61
CA PRO B 284 16.86 -13.57 -17.90
C PRO B 284 18.11 -14.43 -17.85
N GLU B 285 19.16 -14.11 -18.63
CA GLU B 285 20.39 -14.87 -18.57
C GLU B 285 21.18 -14.53 -17.32
N SER B 286 20.94 -13.38 -16.72
CA SER B 286 21.73 -12.89 -15.60
C SER B 286 21.33 -13.50 -14.26
N PHE B 287 20.28 -14.31 -14.23
CA PHE B 287 19.89 -14.99 -13.01
C PHE B 287 20.76 -16.22 -12.78
N GLU B 288 21.01 -16.52 -11.51
CA GLU B 288 21.67 -17.77 -11.16
C GLU B 288 20.91 -18.60 -10.14
N TYR B 289 19.97 -18.03 -9.41
CA TYR B 289 19.26 -18.78 -8.39
C TYR B 289 17.85 -18.22 -8.28
N ILE B 290 16.89 -19.10 -8.05
CA ILE B 290 15.53 -18.66 -7.75
C ILE B 290 15.01 -19.49 -6.59
N GLU B 291 14.59 -18.80 -5.53
CA GLU B 291 13.94 -19.46 -4.40
C GLU B 291 12.47 -19.62 -4.74
N ALA B 292 12.07 -20.85 -5.02
CA ALA B 292 10.69 -21.14 -5.39
C ALA B 292 9.80 -21.11 -4.16
N HIS B 293 8.48 -21.11 -4.38
CA HIS B 293 7.55 -21.29 -3.28
C HIS B 293 7.74 -22.66 -2.65
N GLY B 294 7.71 -23.71 -3.46
CA GLY B 294 8.20 -25.03 -3.08
C GLY B 294 7.53 -25.70 -1.91
N THR B 295 6.21 -25.65 -1.85
CA THR B 295 5.50 -26.17 -0.69
C THR B 295 5.40 -27.68 -0.68
N GLY B 296 5.68 -28.35 -1.78
CA GLY B 296 5.68 -29.80 -1.81
C GLY B 296 4.35 -30.45 -2.12
N THR B 297 3.39 -29.72 -2.66
CA THR B 297 2.10 -30.30 -2.98
C THR B 297 2.15 -31.03 -4.32
N LYS B 298 1.09 -31.80 -4.59
CA LYS B 298 1.09 -32.66 -5.77
C LYS B 298 0.82 -31.86 -7.04
N VAL B 299 -0.04 -30.86 -6.99
CA VAL B 299 -0.40 -30.08 -8.17
C VAL B 299 0.22 -28.70 -8.19
N GLY B 300 0.81 -28.24 -7.09
CA GLY B 300 1.37 -26.90 -7.08
C GLY B 300 2.78 -26.83 -7.63
N ASP B 301 3.58 -27.85 -7.30
CA ASP B 301 4.98 -27.88 -7.74
C ASP B 301 5.14 -27.97 -9.26
N PRO B 302 4.44 -28.85 -10.01
CA PRO B 302 4.59 -28.78 -11.48
C PRO B 302 4.10 -27.49 -12.10
N GLN B 303 3.04 -26.88 -11.56
CA GLN B 303 2.55 -25.61 -12.10
C GLN B 303 3.56 -24.50 -11.91
N GLU B 304 4.11 -24.38 -10.69
CA GLU B 304 5.10 -23.34 -10.42
C GLU B 304 6.38 -23.56 -11.20
N LEU B 305 6.88 -24.80 -11.27
CA LEU B 305 8.15 -25.02 -11.92
C LEU B 305 8.03 -24.95 -13.44
N ASN B 306 6.89 -25.31 -13.99
CA ASN B 306 6.69 -25.14 -15.43
C ASN B 306 6.50 -23.68 -15.80
N GLY B 307 5.88 -22.89 -14.93
CA GLY B 307 5.83 -21.46 -15.14
C GLY B 307 7.20 -20.81 -15.08
N ILE B 308 8.05 -21.27 -14.15
CA ILE B 308 9.42 -20.76 -14.06
C ILE B 308 10.21 -21.13 -15.30
N THR B 309 10.11 -22.37 -15.77
CA THR B 309 10.87 -22.76 -16.94
C THR B 309 10.30 -22.18 -18.24
N ARG B 310 9.07 -21.69 -18.26
CA ARG B 310 8.61 -20.97 -19.43
C ARG B 310 9.04 -19.52 -19.40
N ALA B 311 9.02 -18.88 -18.23
CA ALA B 311 9.39 -17.49 -18.14
C ALA B 311 10.89 -17.26 -18.21
N LEU B 312 11.68 -18.24 -17.79
CA LEU B 312 13.09 -18.03 -17.54
C LEU B 312 14.02 -18.90 -18.38
N CYS B 313 13.70 -20.17 -18.59
CA CYS B 313 14.64 -21.11 -19.19
C CYS B 313 14.38 -21.30 -20.68
N ALA B 314 13.98 -20.25 -21.38
CA ALA B 314 13.69 -20.37 -22.80
C ALA B 314 14.98 -20.41 -23.63
N THR B 315 15.73 -19.32 -23.61
CA THR B 315 17.03 -19.22 -24.26
C THR B 315 18.04 -18.85 -23.19
N ARG B 316 18.61 -19.84 -22.52
CA ARG B 316 19.42 -19.55 -21.35
C ARG B 316 20.84 -20.11 -21.47
N GLN B 317 20.95 -21.33 -22.00
CA GLN B 317 22.18 -22.11 -22.23
C GLN B 317 22.94 -22.46 -20.95
N GLU B 318 22.36 -22.29 -19.77
CA GLU B 318 22.97 -22.60 -18.49
C GLU B 318 21.91 -23.20 -17.58
N PRO B 319 22.29 -24.09 -16.67
CA PRO B 319 21.33 -24.54 -15.65
C PRO B 319 21.00 -23.42 -14.69
N LEU B 320 19.75 -23.39 -14.24
CA LEU B 320 19.28 -22.42 -13.26
C LEU B 320 19.08 -23.14 -11.94
N LEU B 321 19.73 -22.65 -10.89
CA LEU B 321 19.63 -23.28 -9.58
C LEU B 321 18.30 -22.94 -8.94
N ILE B 322 17.70 -23.91 -8.26
CA ILE B 322 16.41 -23.74 -7.62
C ILE B 322 16.48 -24.39 -6.25
N GLY B 323 15.79 -23.80 -5.27
CA GLY B 323 15.78 -24.34 -3.93
C GLY B 323 14.53 -23.92 -3.19
N SER B 324 14.38 -24.45 -1.99
CA SER B 324 13.22 -24.16 -1.16
C SER B 324 13.59 -24.38 0.31
N THR B 325 13.43 -23.34 1.11
CA THR B 325 13.74 -23.42 2.54
C THR B 325 12.67 -24.15 3.33
N LYS B 326 11.50 -24.41 2.74
CA LYS B 326 10.46 -25.14 3.44
C LYS B 326 10.81 -26.61 3.61
N SER B 327 11.68 -27.14 2.75
CA SER B 327 12.17 -28.50 2.94
C SER B 327 13.08 -28.61 4.15
N ASN B 328 13.79 -27.54 4.52
CA ASN B 328 14.61 -27.54 5.71
C ASN B 328 13.79 -27.22 6.96
N MET B 329 12.81 -26.33 6.82
CA MET B 329 12.19 -25.69 7.96
C MET B 329 10.73 -26.04 8.17
N GLY B 330 10.00 -26.40 7.13
CA GLY B 330 8.57 -26.39 7.19
C GLY B 330 8.04 -25.09 6.65
N HIS B 331 6.71 -24.95 6.68
CA HIS B 331 6.05 -23.82 6.03
C HIS B 331 5.31 -22.97 7.05
N PRO B 332 5.88 -21.84 7.46
CA PRO B 332 5.10 -20.84 8.18
C PRO B 332 4.25 -20.10 7.15
N GLU B 333 2.95 -20.01 7.41
CA GLU B 333 2.08 -19.51 6.33
C GLU B 333 2.28 -18.02 6.07
N PRO B 334 1.97 -17.08 6.96
CA PRO B 334 2.15 -15.67 6.56
C PRO B 334 3.56 -15.13 6.72
N ALA B 335 4.56 -15.98 6.98
CA ALA B 335 5.91 -15.51 7.24
C ALA B 335 6.89 -16.28 6.37
N SER B 336 6.39 -16.90 5.30
CA SER B 336 7.22 -17.72 4.43
C SER B 336 8.14 -16.91 3.54
N GLY B 337 7.77 -15.70 3.17
CA GLY B 337 8.60 -14.88 2.30
C GLY B 337 9.85 -14.37 2.98
N LEU B 338 9.71 -13.88 4.21
CA LEU B 338 10.87 -13.29 4.88
C LEU B 338 11.81 -14.37 5.40
N ALA B 339 11.29 -15.56 5.68
CA ALA B 339 12.16 -16.67 6.07
C ALA B 339 13.02 -17.14 4.89
N ALA B 340 12.42 -17.22 3.70
CA ALA B 340 13.17 -17.55 2.50
C ALA B 340 14.17 -16.46 2.14
N LEU B 341 13.79 -15.20 2.36
CA LEU B 341 14.71 -14.08 2.12
C LEU B 341 15.88 -14.12 3.10
N ALA B 342 15.62 -14.51 4.35
CA ALA B 342 16.69 -14.67 5.33
C ALA B 342 17.66 -15.78 4.93
N LYS B 343 17.13 -16.90 4.44
CA LYS B 343 18.01 -17.98 3.98
C LYS B 343 18.85 -17.54 2.79
N VAL B 344 18.25 -16.81 1.85
CA VAL B 344 18.97 -16.34 0.67
C VAL B 344 20.06 -15.35 1.05
N LEU B 345 19.77 -14.43 1.96
CA LEU B 345 20.76 -13.42 2.34
C LEU B 345 21.89 -14.03 3.18
N LEU B 346 21.58 -15.03 4.02
CA LEU B 346 22.63 -15.72 4.73
C LEU B 346 23.52 -16.52 3.80
N SER B 347 22.93 -17.15 2.77
CA SER B 347 23.69 -17.87 1.77
C SER B 347 24.59 -16.94 0.97
N LEU B 348 24.12 -15.74 0.67
CA LEU B 348 24.95 -14.78 -0.03
C LEU B 348 26.07 -14.25 0.85
N GLU B 349 25.80 -14.08 2.14
CA GLU B 349 26.82 -13.55 3.04
C GLU B 349 27.93 -14.57 3.30
N HIS B 350 27.59 -15.87 3.34
CA HIS B 350 28.61 -16.87 3.62
C HIS B 350 29.21 -17.50 2.37
N GLY B 351 28.73 -17.15 1.19
CA GLY B 351 29.33 -17.62 -0.04
C GLY B 351 28.91 -19.00 -0.51
N LEU B 352 28.00 -19.66 0.20
CA LEU B 352 27.60 -21.03 -0.11
C LEU B 352 26.08 -21.11 -0.15
N TRP B 353 25.54 -21.82 -1.14
CA TRP B 353 24.11 -22.04 -1.21
C TRP B 353 23.72 -23.19 -0.29
N ALA B 354 22.76 -22.95 0.59
CA ALA B 354 22.34 -23.99 1.53
C ALA B 354 21.51 -25.05 0.81
N PRO B 355 21.75 -26.33 1.08
CA PRO B 355 21.10 -27.39 0.30
C PRO B 355 19.66 -27.61 0.72
N ASN B 356 18.94 -28.33 -0.14
CA ASN B 356 17.61 -28.80 0.15
C ASN B 356 17.66 -30.14 0.86
N LEU B 357 16.60 -30.45 1.60
CA LEU B 357 16.43 -31.75 2.22
C LEU B 357 15.31 -32.50 1.52
N HIS B 358 15.32 -33.82 1.71
CA HIS B 358 14.24 -34.73 1.28
C HIS B 358 14.01 -34.71 -0.23
N PHE B 359 15.07 -34.56 -1.00
CA PHE B 359 14.98 -34.60 -2.46
C PHE B 359 15.74 -35.82 -2.95
N HIS B 360 15.01 -36.79 -3.50
CA HIS B 360 15.62 -38.03 -3.96
C HIS B 360 15.42 -38.27 -5.45
N SER B 361 14.18 -38.16 -5.95
CA SER B 361 13.91 -38.35 -7.35
C SER B 361 13.03 -37.22 -7.86
N PRO B 362 13.24 -36.77 -9.10
CA PRO B 362 12.46 -35.65 -9.62
C PRO B 362 11.01 -36.03 -9.90
N ASN B 363 10.16 -35.02 -9.86
CA ASN B 363 8.78 -35.17 -10.26
C ASN B 363 8.69 -35.40 -11.77
N PRO B 364 8.06 -36.48 -12.23
CA PRO B 364 8.02 -36.75 -13.68
C PRO B 364 7.18 -35.77 -14.47
N GLU B 365 6.31 -34.99 -13.84
CA GLU B 365 5.51 -34.01 -14.55
C GLU B 365 6.24 -32.70 -14.80
N ILE B 366 7.48 -32.57 -14.33
CA ILE B 366 8.28 -31.37 -14.58
C ILE B 366 9.41 -31.77 -15.51
N PRO B 367 9.29 -31.54 -16.81
CA PRO B 367 10.33 -32.01 -17.74
C PRO B 367 11.62 -31.20 -17.68
N ALA B 368 11.61 -30.01 -17.07
CA ALA B 368 12.83 -29.23 -16.95
C ALA B 368 13.78 -29.80 -15.90
N LEU B 369 13.27 -30.59 -14.97
CA LEU B 369 14.10 -31.24 -13.97
C LEU B 369 14.80 -32.49 -14.50
N LEU B 370 14.40 -32.99 -15.66
CA LEU B 370 14.92 -34.24 -16.19
C LEU B 370 15.97 -34.03 -17.27
N ASP B 371 16.11 -32.83 -17.81
CA ASP B 371 17.10 -32.57 -18.85
C ASP B 371 18.16 -31.55 -18.44
N GLY B 372 18.11 -31.02 -17.23
CA GLY B 372 19.16 -30.19 -16.71
C GLY B 372 18.94 -28.70 -16.82
N ARG B 373 17.79 -28.25 -17.31
CA ARG B 373 17.54 -26.81 -17.37
C ARG B 373 17.28 -26.22 -16.00
N LEU B 374 16.76 -27.02 -15.09
CA LEU B 374 16.62 -26.63 -13.69
C LEU B 374 17.42 -27.60 -12.84
N GLN B 375 18.16 -27.09 -11.88
CA GLN B 375 19.02 -27.90 -11.03
C GLN B 375 18.70 -27.61 -9.57
N VAL B 376 18.37 -28.66 -8.82
CA VAL B 376 18.05 -28.53 -7.41
C VAL B 376 19.34 -28.55 -6.61
N VAL B 377 19.49 -27.59 -5.70
CA VAL B 377 20.65 -27.52 -4.83
C VAL B 377 20.45 -28.55 -3.72
N ASP B 378 21.11 -29.70 -3.84
CA ASP B 378 21.07 -30.71 -2.80
C ASP B 378 22.41 -30.91 -2.10
N GLN B 379 23.46 -30.23 -2.55
CA GLN B 379 24.77 -30.20 -1.93
C GLN B 379 25.19 -28.74 -1.77
N PRO B 380 26.05 -28.42 -0.80
CA PRO B 380 26.54 -27.05 -0.71
C PRO B 380 27.46 -26.70 -1.87
N LEU B 381 27.05 -25.76 -2.70
CA LEU B 381 27.87 -25.35 -3.83
C LEU B 381 28.08 -23.84 -3.80
N PRO B 382 29.23 -23.34 -4.26
CA PRO B 382 29.57 -21.93 -4.04
C PRO B 382 28.75 -20.98 -4.91
N VAL B 383 28.66 -19.75 -4.42
CA VAL B 383 27.98 -18.67 -5.13
C VAL B 383 28.91 -18.13 -6.19
N ARG B 384 28.44 -18.12 -7.44
CA ARG B 384 29.23 -17.66 -8.57
C ARG B 384 28.98 -16.20 -8.92
N GLY B 385 27.72 -15.82 -9.15
CA GLY B 385 27.40 -14.44 -9.47
C GLY B 385 26.12 -14.30 -10.26
N GLY B 386 25.38 -13.21 -10.03
CA GLY B 386 24.13 -12.97 -10.78
C GLY B 386 22.98 -12.59 -9.86
N ASN B 387 21.74 -12.64 -10.36
CA ASN B 387 20.60 -12.17 -9.55
C ASN B 387 19.84 -13.34 -8.93
N VAL B 388 19.04 -13.07 -7.89
CA VAL B 388 18.25 -14.14 -7.21
C VAL B 388 16.78 -13.74 -7.20
N GLY B 389 15.88 -14.64 -7.61
CA GLY B 389 14.44 -14.35 -7.60
C GLY B 389 13.74 -15.04 -6.44
N ILE B 390 12.84 -14.33 -5.77
CA ILE B 390 12.10 -14.92 -4.61
C ILE B 390 10.60 -14.74 -4.87
N ASN B 391 9.84 -15.84 -4.93
CA ASN B 391 8.40 -15.74 -5.12
C ASN B 391 7.67 -16.51 -4.02
N SER B 392 6.53 -15.97 -3.60
CA SER B 392 5.66 -16.63 -2.65
C SER B 392 4.22 -16.43 -3.10
N PHE B 393 3.46 -17.53 -3.14
CA PHE B 393 2.11 -17.53 -3.69
C PHE B 393 1.15 -17.96 -2.60
N GLY B 394 0.13 -17.14 -2.35
CA GLY B 394 -0.89 -17.51 -1.39
C GLY B 394 -1.89 -18.47 -1.99
N PHE B 395 -2.60 -19.20 -1.13
CA PHE B 395 -3.57 -20.16 -1.64
C PHE B 395 -4.89 -19.50 -2.04
N GLY B 396 -5.08 -18.22 -1.71
CA GLY B 396 -6.21 -17.50 -2.25
C GLY B 396 -5.99 -17.06 -3.68
N GLY B 397 -4.72 -16.99 -4.10
CA GLY B 397 -4.42 -16.64 -5.47
C GLY B 397 -3.53 -15.43 -5.64
N SER B 398 -3.01 -14.92 -4.52
CA SER B 398 -2.13 -13.72 -4.56
C SER B 398 -0.70 -14.14 -4.93
N ASN B 399 -0.11 -13.52 -5.94
CA ASN B 399 1.25 -13.89 -6.40
C ASN B 399 2.19 -12.68 -6.23
N VAL B 400 3.35 -12.89 -5.60
CA VAL B 400 4.33 -11.79 -5.38
C VAL B 400 5.72 -12.29 -5.81
N HIS B 401 6.51 -11.41 -6.45
CA HIS B 401 7.84 -11.79 -6.90
C HIS B 401 8.82 -10.65 -6.65
N ILE B 402 10.03 -10.99 -6.23
CA ILE B 402 11.08 -10.02 -5.93
C ILE B 402 12.30 -10.35 -6.79
N ILE B 403 12.96 -9.32 -7.31
CA ILE B 403 14.27 -9.45 -7.94
C ILE B 403 15.26 -8.64 -7.11
N LEU B 404 16.33 -9.28 -6.66
CA LEU B 404 17.31 -8.56 -5.87
C LEU B 404 18.71 -8.89 -6.34
N ARG B 405 19.58 -7.88 -6.32
CA ARG B 405 20.95 -7.98 -6.77
C ARG B 405 21.89 -7.92 -5.59
N PRO B 406 22.70 -8.96 -5.37
CA PRO B 406 23.59 -8.98 -4.20
C PRO B 406 24.74 -8.00 -4.38
N ASN B 407 25.23 -7.48 -3.25
CA ASN B 407 26.35 -6.57 -3.27
C ASN B 407 27.64 -7.38 -3.16
N THR B 408 28.65 -6.95 -3.90
CA THR B 408 29.90 -7.69 -4.05
C THR B 408 31.04 -6.74 -3.73
N GLN B 409 30.90 -6.01 -2.62
CA GLN B 409 31.96 -5.11 -2.24
C GLN B 409 33.14 -5.88 -1.65
N PRO B 410 34.33 -5.73 -2.22
CA PRO B 410 35.49 -6.46 -1.71
C PRO B 410 36.00 -5.83 -0.43
N PRO B 411 36.78 -6.57 0.37
CA PRO B 411 37.43 -5.96 1.52
C PRO B 411 38.43 -4.91 1.10
N PRO B 412 38.63 -3.86 1.90
CA PRO B 412 39.44 -2.73 1.44
C PRO B 412 40.91 -3.03 1.40
N ALA B 413 41.64 -2.18 0.66
CA ALA B 413 43.08 -2.29 0.59
C ALA B 413 43.70 -1.91 1.93
N PRO B 414 44.81 -2.55 2.31
CA PRO B 414 45.47 -2.19 3.56
C PRO B 414 46.05 -0.79 3.54
N ALA B 415 45.99 -0.15 4.70
CA ALA B 415 46.42 1.23 4.90
C ALA B 415 47.28 1.31 6.15
N PRO B 416 48.19 2.30 6.23
CA PRO B 416 49.04 2.41 7.43
C PRO B 416 48.29 2.74 8.71
N HIS B 417 47.09 3.32 8.63
CA HIS B 417 46.32 3.60 9.84
C HIS B 417 45.58 2.38 10.37
N ALA B 418 45.58 1.27 9.63
CA ALA B 418 44.91 0.06 10.09
C ALA B 418 45.70 -0.70 11.14
N THR B 419 46.99 -0.38 11.30
CA THR B 419 47.82 -1.01 12.32
C THR B 419 47.73 -0.32 13.67
N LEU B 420 47.12 0.86 13.73
CA LEU B 420 46.98 1.56 15.00
C LEU B 420 45.91 0.88 15.85
N PRO B 421 46.06 0.92 17.18
CA PRO B 421 45.02 0.38 18.04
C PRO B 421 43.74 1.20 17.99
N ARG B 422 42.61 0.52 18.18
CA ARG B 422 41.29 1.16 18.16
C ARG B 422 40.61 0.95 19.50
N LEU B 423 39.53 1.71 19.70
CA LEU B 423 38.67 1.60 20.86
C LEU B 423 37.35 0.92 20.47
N LEU B 424 36.80 0.15 21.40
CA LEU B 424 35.51 -0.46 21.20
C LEU B 424 34.70 -0.27 22.48
N ARG B 425 33.56 0.38 22.38
CA ARG B 425 32.65 0.58 23.51
C ARG B 425 31.39 -0.25 23.29
N ALA B 426 30.75 -0.65 24.40
CA ALA B 426 29.57 -1.48 24.33
C ALA B 426 28.61 -1.11 25.44
N SER B 427 27.35 -1.50 25.27
CA SER B 427 26.30 -1.28 26.25
C SER B 427 25.35 -2.46 26.22
N GLY B 428 24.64 -2.68 27.33
CA GLY B 428 23.72 -3.80 27.37
C GLY B 428 22.87 -3.79 28.62
N ARG B 429 21.87 -4.67 28.63
CA ARG B 429 20.98 -4.76 29.78
C ARG B 429 21.63 -5.52 30.93
N THR B 430 22.55 -6.43 30.63
CA THR B 430 23.18 -7.32 31.60
C THR B 430 24.69 -7.24 31.38
N PRO B 431 25.49 -7.65 32.37
CA PRO B 431 26.93 -7.79 32.13
C PRO B 431 27.28 -8.81 31.06
N GLU B 432 26.46 -9.84 30.87
CA GLU B 432 26.74 -10.86 29.88
C GLU B 432 26.61 -10.33 28.46
N ALA B 433 25.70 -9.38 28.24
CA ALA B 433 25.55 -8.77 26.92
C ALA B 433 26.77 -7.94 26.54
N VAL B 434 27.29 -7.17 27.50
CA VAL B 434 28.49 -6.39 27.27
C VAL B 434 29.70 -7.30 27.06
N GLN B 435 29.77 -8.40 27.82
CA GLN B 435 30.85 -9.37 27.64
C GLN B 435 30.78 -10.02 26.26
N LYS B 436 29.58 -10.34 25.79
CA LYS B 436 29.41 -10.94 24.47
C LYS B 436 29.85 -10.01 23.37
N LEU B 437 29.46 -8.73 23.46
CA LEU B 437 29.86 -7.75 22.45
C LEU B 437 31.37 -7.52 22.46
N LEU B 438 31.97 -7.44 23.65
CA LEU B 438 33.41 -7.18 23.72
C LEU B 438 34.23 -8.36 23.25
N GLU B 439 33.80 -9.60 23.56
CA GLU B 439 34.56 -10.75 23.10
C GLU B 439 34.39 -10.98 21.61
N GLN B 440 33.23 -10.61 21.04
CA GLN B 440 33.08 -10.73 19.59
C GLN B 440 33.86 -9.64 18.87
N GLY B 441 33.99 -8.47 19.48
CA GLY B 441 34.88 -7.46 18.94
C GLY B 441 36.35 -7.86 19.02
N LEU B 442 36.74 -8.55 20.08
CA LEU B 442 38.10 -9.07 20.19
C LEU B 442 38.38 -10.15 19.14
N ARG B 443 37.38 -10.97 18.82
CA ARG B 443 37.57 -12.01 17.82
C ARG B 443 37.78 -11.45 16.42
N HIS B 444 37.27 -10.25 16.14
CA HIS B 444 37.34 -9.66 14.80
C HIS B 444 38.05 -8.32 14.83
N SER B 445 39.22 -8.26 15.47
CA SER B 445 39.89 -7.00 15.76
C SER B 445 40.39 -6.26 14.53
N GLN B 446 40.52 -6.94 13.39
CA GLN B 446 41.04 -6.31 12.19
C GLN B 446 39.95 -5.83 11.25
N ASP B 447 38.68 -6.03 11.59
CA ASP B 447 37.57 -5.65 10.74
C ASP B 447 37.12 -4.24 11.12
N LEU B 448 37.45 -3.26 10.29
CA LEU B 448 37.22 -1.86 10.64
C LEU B 448 35.75 -1.46 10.56
N ALA B 449 35.03 -1.93 9.54
CA ALA B 449 33.61 -1.59 9.41
C ALA B 449 32.78 -2.19 10.52
N PHE B 450 33.11 -3.43 10.93
CA PHE B 450 32.42 -4.08 12.03
C PHE B 450 32.56 -3.29 13.32
N LEU B 451 33.78 -2.83 13.62
CA LEU B 451 34.03 -2.04 14.81
C LEU B 451 33.36 -0.68 14.71
N SER B 452 33.27 -0.10 13.51
CA SER B 452 32.61 1.19 13.36
C SER B 452 31.11 1.09 13.64
N MET B 453 30.44 0.06 13.12
CA MET B 453 29.02 -0.07 13.43
C MET B 453 28.78 -0.46 14.89
N LEU B 454 29.68 -1.24 15.48
CA LEU B 454 29.56 -1.54 16.91
C LEU B 454 29.74 -0.30 17.77
N ASN B 455 30.64 0.60 17.39
CA ASN B 455 30.76 1.87 18.10
C ASN B 455 29.57 2.77 17.86
N ASP B 456 28.93 2.66 16.69
CA ASP B 456 27.78 3.50 16.40
C ASP B 456 26.56 3.09 17.22
N ILE B 457 26.39 1.81 17.49
CA ILE B 457 25.16 1.38 18.16
C ILE B 457 25.24 1.48 19.68
N ALA B 458 26.36 1.98 20.22
CA ALA B 458 26.59 1.93 21.65
C ALA B 458 26.13 3.17 22.40
N ALA B 459 25.58 4.17 21.72
CA ALA B 459 25.19 5.43 22.37
C ALA B 459 23.75 5.33 22.88
N VAL B 460 23.57 4.59 23.96
CA VAL B 460 22.27 4.41 24.60
C VAL B 460 22.34 5.05 25.98
N PRO B 461 21.28 5.72 26.45
CA PRO B 461 21.29 6.27 27.80
C PRO B 461 21.37 5.20 28.88
N ALA B 462 21.92 5.59 30.03
CA ALA B 462 22.15 4.66 31.12
C ALA B 462 20.85 4.18 31.78
N THR B 463 19.75 4.90 31.60
CA THR B 463 18.48 4.41 32.12
C THR B 463 17.96 3.26 31.29
N ALA B 464 18.28 3.21 30.00
CA ALA B 464 17.83 2.11 29.16
C ALA B 464 18.72 0.89 29.32
N MET B 465 20.03 1.05 29.11
CA MET B 465 20.98 -0.04 29.32
C MET B 465 21.97 0.33 30.40
N PRO B 466 21.88 -0.27 31.59
CA PRO B 466 22.66 0.19 32.74
C PRO B 466 24.07 -0.39 32.85
N PHE B 467 24.54 -1.17 31.90
CA PHE B 467 25.87 -1.77 31.96
C PHE B 467 26.63 -1.36 30.70
N ARG B 468 27.78 -0.72 30.88
CA ARG B 468 28.63 -0.33 29.77
C ARG B 468 30.00 -0.94 29.94
N GLY B 469 30.73 -1.04 28.83
CA GLY B 469 32.04 -1.63 28.85
C GLY B 469 32.91 -1.13 27.72
N TYR B 470 34.21 -1.41 27.83
CA TYR B 470 35.13 -1.02 26.78
C TYR B 470 36.29 -2.00 26.72
N ALA B 471 36.96 -2.01 25.57
CA ALA B 471 38.16 -2.80 25.35
C ALA B 471 38.99 -2.13 24.28
N VAL B 472 40.31 -2.09 24.50
CA VAL B 472 41.23 -1.52 23.54
C VAL B 472 41.80 -2.65 22.70
N LEU B 473 41.54 -2.62 21.40
CA LEU B 473 41.92 -3.67 20.48
C LEU B 473 43.14 -3.26 19.67
N GLY B 474 43.96 -4.25 19.33
CA GLY B 474 45.18 -3.98 18.61
C GLY B 474 46.35 -3.57 19.46
N GLY B 475 46.17 -3.44 20.78
CA GLY B 475 47.25 -3.16 21.69
C GLY B 475 47.89 -4.44 22.19
N GLU B 476 48.77 -4.29 23.18
CA GLU B 476 49.42 -5.48 23.72
C GLU B 476 48.86 -5.88 25.08
N ARG B 477 48.25 -4.95 25.81
CA ARG B 477 47.70 -5.30 27.12
C ARG B 477 46.32 -5.94 26.98
N GLY B 478 45.35 -5.18 26.47
CA GLY B 478 44.00 -5.69 26.33
C GLY B 478 43.26 -5.82 27.64
N GLY B 479 42.09 -6.44 27.61
CA GLY B 479 41.32 -6.68 28.80
C GLY B 479 40.04 -5.89 28.82
N PRO B 480 38.90 -6.58 28.74
CA PRO B 480 37.60 -5.90 28.85
C PRO B 480 37.36 -5.41 30.26
N GLU B 481 36.71 -4.25 30.37
CA GLU B 481 36.36 -3.65 31.65
C GLU B 481 34.86 -3.36 31.64
N VAL B 482 34.11 -4.02 32.52
CA VAL B 482 32.66 -3.91 32.57
C VAL B 482 32.25 -3.41 33.94
N GLN B 483 31.40 -2.39 33.99
CA GLN B 483 30.89 -1.89 35.26
C GLN B 483 29.50 -1.30 35.04
N GLN B 484 28.77 -1.12 36.13
CA GLN B 484 27.44 -0.54 36.09
C GLN B 484 27.53 0.96 36.21
N VAL B 485 26.88 1.67 35.29
CA VAL B 485 26.94 3.13 35.26
C VAL B 485 25.80 3.69 36.11
N PRO B 486 26.06 4.63 37.01
CA PRO B 486 24.97 5.29 37.72
C PRO B 486 24.17 6.20 36.78
N ALA B 487 22.87 6.24 37.02
CA ALA B 487 21.98 7.02 36.17
C ALA B 487 22.10 8.51 36.48
N GLY B 488 21.73 9.32 35.51
CA GLY B 488 21.77 10.77 35.66
C GLY B 488 22.86 11.39 34.81
N GLU B 489 22.92 12.71 34.88
CA GLU B 489 23.91 13.49 34.15
C GLU B 489 25.05 13.81 35.11
N ARG B 490 26.29 13.73 34.60
CA ARG B 490 27.47 14.09 35.37
C ARG B 490 28.22 15.19 34.64
N PRO B 491 28.58 16.28 35.29
CA PRO B 491 29.30 17.35 34.60
C PRO B 491 30.73 16.97 34.27
N LEU B 492 31.21 17.49 33.15
CA LEU B 492 32.55 17.21 32.66
C LEU B 492 33.42 18.44 32.87
N TRP B 493 34.57 18.25 33.50
CA TRP B 493 35.45 19.35 33.87
C TRP B 493 36.83 19.14 33.28
N PHE B 494 37.44 20.22 32.84
CA PHE B 494 38.76 20.20 32.20
C PHE B 494 39.76 20.86 33.14
N ILE B 495 40.82 20.14 33.47
CA ILE B 495 41.92 20.69 34.26
C ILE B 495 43.21 20.45 33.50
N CYS B 496 43.92 21.52 33.18
CA CYS B 496 45.19 21.42 32.48
C CYS B 496 46.30 22.02 33.34
N SER B 497 47.36 21.24 33.54
CA SER B 497 48.40 21.57 34.49
C SER B 497 49.39 22.55 33.90
N GLY B 498 50.39 22.92 34.69
CA GLY B 498 51.37 23.90 34.27
C GLY B 498 52.68 23.30 33.83
N MET B 499 53.78 23.86 34.31
CA MET B 499 55.10 23.46 33.88
C MET B 499 55.62 22.33 34.79
N GLY B 500 56.81 21.83 34.47
CA GLY B 500 57.38 20.74 35.23
C GLY B 500 56.90 19.36 34.84
N THR B 501 56.17 19.23 33.74
CA THR B 501 55.62 17.94 33.31
C THR B 501 56.14 17.49 31.96
N GLN B 502 57.22 18.11 31.46
CA GLN B 502 57.78 17.73 30.18
C GLN B 502 58.75 16.57 30.35
N TRP B 503 58.99 15.86 29.24
CA TRP B 503 59.91 14.73 29.24
C TRP B 503 60.44 14.53 27.83
N ARG B 504 61.17 13.44 27.63
CA ARG B 504 61.80 13.18 26.34
C ARG B 504 60.85 12.41 25.44
N GLY B 505 60.30 13.10 24.43
CA GLY B 505 59.30 12.46 23.54
C GLY B 505 57.90 12.82 23.98
N MET B 506 57.50 14.09 23.81
CA MET B 506 56.18 14.55 24.30
C MET B 506 55.09 14.31 23.23
N GLY B 507 54.26 13.28 23.38
CA GLY B 507 53.13 13.06 22.45
C GLY B 507 53.48 12.37 21.14
N LEU B 508 54.70 11.87 21.01
CA LEU B 508 55.14 11.18 19.76
C LEU B 508 54.18 10.03 19.43
N SER B 509 53.90 9.14 20.40
CA SER B 509 53.06 7.98 20.16
C SER B 509 51.73 8.34 19.51
N LEU B 510 51.14 9.47 19.88
CA LEU B 510 49.89 9.91 19.26
C LEU B 510 50.11 10.99 18.22
N MET B 511 51.33 11.08 17.67
CA MET B 511 51.53 11.85 16.45
C MET B 511 51.00 11.09 15.24
N ARG B 512 50.78 9.78 15.37
CA ARG B 512 50.20 8.98 14.29
C ARG B 512 48.75 9.35 14.01
N LEU B 513 48.04 9.90 14.98
CA LEU B 513 46.70 10.40 14.71
C LEU B 513 46.78 11.63 13.83
N ASP B 514 45.83 11.73 12.88
CA ASP B 514 45.94 12.76 11.86
C ASP B 514 45.58 14.14 12.40
N ARG B 515 44.57 14.22 13.28
CA ARG B 515 44.12 15.52 13.75
C ARG B 515 45.09 16.14 14.73
N PHE B 516 45.74 15.31 15.57
CA PHE B 516 46.79 15.78 16.45
C PHE B 516 47.97 16.31 15.65
N ARG B 517 48.35 15.59 14.58
CA ARG B 517 49.45 16.04 13.73
C ARG B 517 49.10 17.33 13.00
N ASP B 518 47.83 17.47 12.59
CA ASP B 518 47.40 18.71 11.95
C ASP B 518 47.45 19.89 12.92
N SER B 519 47.05 19.68 14.17
CA SER B 519 47.15 20.74 15.17
C SER B 519 48.60 21.11 15.46
N ILE B 520 49.49 20.10 15.52
CA ILE B 520 50.90 20.35 15.75
C ILE B 520 51.51 21.14 14.60
N LEU B 521 51.17 20.80 13.37
CA LEU B 521 51.71 21.55 12.22
C LEU B 521 51.09 22.94 12.12
N ARG B 522 49.85 23.13 12.58
CA ARG B 522 49.28 24.47 12.63
C ARG B 522 50.02 25.35 13.63
N SER B 523 50.32 24.81 14.81
CA SER B 523 51.15 25.54 15.76
C SER B 523 52.56 25.75 15.23
N ASP B 524 53.05 24.79 14.43
CA ASP B 524 54.37 24.90 13.83
C ASP B 524 54.46 26.06 12.85
N GLU B 525 53.47 26.17 11.95
CA GLU B 525 53.50 27.25 10.93
C GLU B 525 53.28 28.59 11.66
N ALA B 526 52.62 28.57 12.82
CA ALA B 526 52.39 29.80 13.60
C ALA B 526 53.71 30.29 14.19
N VAL B 527 54.54 29.37 14.69
CA VAL B 527 55.84 29.75 15.33
C VAL B 527 56.96 29.67 14.28
N LYS B 528 56.64 29.18 13.09
CA LYS B 528 57.66 29.02 12.01
C LYS B 528 58.43 30.34 11.80
N PRO B 529 57.77 31.50 11.56
CA PRO B 529 58.50 32.73 11.29
C PRO B 529 59.37 33.13 12.48
N PHE B 530 58.93 32.79 13.70
CA PHE B 530 59.69 33.18 14.92
C PHE B 530 60.88 32.25 15.11
N GLY B 531 61.64 32.00 14.05
CA GLY B 531 62.83 31.17 14.18
C GLY B 531 62.66 29.91 14.98
N LEU B 532 61.48 29.30 14.98
CA LEU B 532 61.22 28.11 15.77
C LEU B 532 60.32 27.15 15.00
N LYS B 533 60.48 25.86 15.28
CA LYS B 533 59.57 24.82 14.80
C LYS B 533 59.54 23.70 15.83
N VAL B 534 58.34 23.34 16.29
CA VAL B 534 58.20 22.37 17.36
C VAL B 534 58.27 20.94 16.88
N SER B 535 58.41 20.73 15.56
CA SER B 535 58.53 19.37 15.03
C SER B 535 59.87 18.73 15.41
N GLN B 536 60.97 19.49 15.37
CA GLN B 536 62.22 18.93 15.86
C GLN B 536 62.26 18.86 17.38
N LEU B 537 61.48 19.68 18.06
CA LEU B 537 61.33 19.53 19.51
C LEU B 537 60.52 18.30 19.87
N LEU B 538 59.79 17.74 18.91
CA LEU B 538 59.02 16.51 19.08
C LEU B 538 59.85 15.29 18.69
N LEU B 539 60.34 15.27 17.44
CA LEU B 539 61.06 14.13 16.90
C LEU B 539 62.52 14.10 17.33
N SER B 540 63.22 15.22 17.22
CA SER B 540 64.68 15.27 17.41
C SER B 540 65.05 15.70 18.82
N THR B 541 64.24 15.29 19.80
CA THR B 541 64.46 15.69 21.18
C THR B 541 65.68 14.97 21.77
N ASP B 542 66.54 15.72 22.44
CA ASP B 542 67.54 15.18 23.36
C ASP B 542 67.50 16.02 24.62
N GLU B 543 68.48 15.82 25.49
CA GLU B 543 68.49 16.51 26.78
C GLU B 543 69.08 17.91 26.70
N SER B 544 69.45 18.38 25.52
CA SER B 544 69.90 19.75 25.34
C SER B 544 68.77 20.69 24.91
N THR B 545 67.54 20.19 24.81
CA THR B 545 66.44 20.98 24.25
C THR B 545 65.42 21.41 25.28
N PHE B 546 64.96 20.50 26.15
CA PHE B 546 63.88 20.83 27.07
C PHE B 546 64.37 21.40 28.39
N ASP B 547 65.68 21.46 28.61
CA ASP B 547 66.22 22.26 29.70
C ASP B 547 66.08 23.75 29.41
N ASP B 548 66.01 24.13 28.14
CA ASP B 548 65.53 25.45 27.78
C ASP B 548 64.05 25.58 28.14
N ILE B 549 63.66 26.79 28.48
CA ILE B 549 62.31 27.05 28.97
C ILE B 549 61.39 27.58 27.86
N VAL B 550 61.95 28.12 26.78
CA VAL B 550 61.14 28.54 25.65
C VAL B 550 60.55 27.32 24.94
N HIS B 551 61.41 26.33 24.67
CA HIS B 551 60.97 25.09 24.02
C HIS B 551 59.98 24.34 24.89
N SER B 552 60.20 24.34 26.21
CA SER B 552 59.27 23.71 27.14
C SER B 552 57.92 24.40 27.12
N PHE B 553 57.91 25.73 26.99
CA PHE B 553 56.65 26.48 26.98
C PHE B 553 55.84 26.17 25.73
N VAL B 554 56.49 26.21 24.55
CA VAL B 554 55.74 25.95 23.33
C VAL B 554 55.36 24.47 23.22
N SER B 555 56.20 23.57 23.72
CA SER B 555 55.92 22.15 23.69
C SER B 555 54.96 21.71 24.78
N LEU B 556 54.66 22.56 25.72
CA LEU B 556 53.50 22.33 26.57
C LEU B 556 52.22 22.83 25.95
N THR B 557 52.23 24.07 25.43
CA THR B 557 50.99 24.66 24.92
C THR B 557 50.50 23.96 23.67
N ALA B 558 51.42 23.53 22.79
CA ALA B 558 51.03 22.84 21.56
C ALA B 558 50.40 21.48 21.85
N ILE B 559 50.97 20.73 22.81
CA ILE B 559 50.44 19.43 23.18
C ILE B 559 49.07 19.58 23.83
N GLN B 560 48.90 20.59 24.69
CA GLN B 560 47.60 20.80 25.32
C GLN B 560 46.55 21.24 24.31
N ILE B 561 46.94 22.07 23.34
CA ILE B 561 46.03 22.50 22.28
C ILE B 561 45.63 21.31 21.41
N GLY B 562 46.57 20.43 21.10
CA GLY B 562 46.25 19.24 20.32
C GLY B 562 45.34 18.27 21.05
N LEU B 563 45.55 18.12 22.35
CA LEU B 563 44.64 17.29 23.15
C LEU B 563 43.24 17.88 23.22
N ILE B 564 43.14 19.20 23.36
CA ILE B 564 41.83 19.86 23.38
C ILE B 564 41.14 19.74 22.03
N ASP B 565 41.92 19.79 20.93
CA ASP B 565 41.36 19.60 19.60
C ASP B 565 40.84 18.18 19.39
N LEU B 566 41.59 17.19 19.89
CA LEU B 566 41.15 15.80 19.84
C LEU B 566 39.87 15.60 20.63
N LEU B 567 39.79 16.23 21.80
CA LEU B 567 38.57 16.15 22.62
C LEU B 567 37.41 16.90 21.99
N SER B 568 37.69 17.94 21.21
CA SER B 568 36.64 18.71 20.57
C SER B 568 36.05 17.99 19.37
N CYS B 569 36.89 17.32 18.58
CA CYS B 569 36.36 16.50 17.49
C CYS B 569 35.68 15.24 18.00
N MET B 570 35.96 14.86 19.26
CA MET B 570 35.37 13.71 19.89
C MET B 570 33.89 13.92 20.16
N GLY B 571 33.43 15.16 20.14
CA GLY B 571 32.05 15.52 20.41
C GLY B 571 31.81 16.13 21.77
N LEU B 572 32.86 16.43 22.53
CA LEU B 572 32.73 16.76 23.95
C LEU B 572 32.88 18.25 24.19
N ARG B 573 31.96 18.81 24.97
CA ARG B 573 31.90 20.21 25.29
C ARG B 573 31.99 20.37 26.80
N PRO B 574 33.03 21.02 27.32
CA PRO B 574 33.24 21.03 28.77
C PRO B 574 32.24 21.91 29.50
N ASP B 575 31.97 21.56 30.75
CA ASP B 575 31.09 22.33 31.61
C ASP B 575 31.84 23.27 32.54
N GLY B 576 33.07 22.94 32.89
CA GLY B 576 33.88 23.82 33.72
C GLY B 576 35.35 23.69 33.40
N ILE B 577 36.04 24.84 33.32
CA ILE B 577 37.44 24.87 32.97
C ILE B 577 38.19 25.55 34.10
N VAL B 578 39.29 24.95 34.54
CA VAL B 578 40.15 25.53 35.56
C VAL B 578 41.59 25.07 35.30
N GLY B 579 42.51 26.01 35.23
CA GLY B 579 43.88 25.69 34.86
C GLY B 579 44.87 26.08 35.93
N HIS B 580 46.14 25.97 35.58
CA HIS B 580 47.25 26.18 36.49
C HIS B 580 48.38 26.81 35.69
N SER B 581 48.50 28.13 35.78
CA SER B 581 49.56 28.96 35.16
C SER B 581 49.43 28.65 33.67
N LEU B 582 50.49 28.21 32.98
CA LEU B 582 50.38 27.90 31.56
C LEU B 582 49.20 27.03 31.15
N GLY B 583 48.72 26.19 32.06
CA GLY B 583 47.43 25.57 31.87
C GLY B 583 46.31 26.60 31.75
N GLU B 584 46.39 27.66 32.56
CA GLU B 584 45.38 28.71 32.44
C GLU B 584 45.57 29.53 31.17
N VAL B 585 46.80 29.53 30.62
CA VAL B 585 46.98 30.08 29.28
C VAL B 585 46.26 29.23 28.23
N ALA B 586 46.39 27.91 28.32
CA ALA B 586 45.67 27.02 27.40
C ALA B 586 44.16 26.99 27.66
N CYS B 587 43.72 27.45 28.83
CA CYS B 587 42.30 27.55 29.13
C CYS B 587 41.59 28.56 28.24
N GLY B 588 42.33 29.52 27.68
CA GLY B 588 41.75 30.44 26.73
C GLY B 588 41.30 29.75 25.45
N TYR B 589 42.14 28.85 24.93
CA TYR B 589 41.73 28.06 23.78
C TYR B 589 40.67 27.03 24.18
N ALA B 590 40.72 26.54 25.42
CA ALA B 590 39.69 25.62 25.88
C ALA B 590 38.33 26.29 25.94
N ASP B 591 38.29 27.56 26.34
CA ASP B 591 37.06 28.32 26.47
C ASP B 591 36.58 28.92 25.15
N GLY B 592 37.45 29.02 24.15
CA GLY B 592 37.10 29.64 22.90
C GLY B 592 37.38 31.13 22.83
N CYS B 593 37.85 31.73 23.93
CA CYS B 593 38.17 33.15 23.91
C CYS B 593 39.53 33.42 23.29
N LEU B 594 40.34 32.38 23.08
CA LEU B 594 41.59 32.48 22.36
C LEU B 594 41.56 31.59 21.12
N SER B 595 42.55 31.77 20.25
CA SER B 595 42.74 30.88 19.11
C SER B 595 44.10 30.21 19.23
N GLN B 596 44.48 29.48 18.18
CA GLN B 596 45.75 28.75 18.18
C GLN B 596 46.94 29.69 18.24
N GLU B 597 46.99 30.65 17.31
CA GLU B 597 48.18 31.48 17.13
C GLU B 597 48.43 32.40 18.30
N GLU B 598 47.38 32.99 18.87
CA GLU B 598 47.55 33.87 20.02
C GLU B 598 48.05 33.10 21.24
N ALA B 599 47.56 31.88 21.45
CA ALA B 599 48.01 31.06 22.57
C ALA B 599 49.48 30.66 22.43
N VAL B 600 49.87 30.21 21.22
CA VAL B 600 51.25 29.77 21.02
C VAL B 600 52.22 30.95 21.10
N LEU B 601 51.87 32.09 20.48
CA LEU B 601 52.74 33.26 20.58
C LEU B 601 52.77 33.84 21.99
N ALA B 602 51.67 33.74 22.76
CA ALA B 602 51.69 34.21 24.14
C ALA B 602 52.62 33.37 25.00
N ALA B 603 52.56 32.04 24.83
CA ALA B 603 53.47 31.15 25.56
C ALA B 603 54.92 31.40 25.16
N TYR B 604 55.19 31.57 23.87
CA TYR B 604 56.56 31.78 23.44
C TYR B 604 57.07 33.14 23.89
N TRP B 605 56.20 34.14 23.95
CA TRP B 605 56.65 35.46 24.37
C TRP B 605 56.86 35.53 25.87
N ARG B 606 56.09 34.76 26.64
CA ARG B 606 56.38 34.61 28.06
C ARG B 606 57.77 34.00 28.27
N GLY B 607 58.06 32.92 27.53
CA GLY B 607 59.38 32.32 27.60
C GLY B 607 60.49 33.23 27.12
N GLN B 608 60.21 34.01 26.06
CA GLN B 608 61.22 34.89 25.49
C GLN B 608 61.54 36.06 26.40
N CYS B 609 60.52 36.65 27.03
CA CYS B 609 60.77 37.74 27.97
C CYS B 609 61.46 37.24 29.22
N ILE B 610 61.11 36.03 29.69
CA ILE B 610 61.77 35.45 30.86
C ILE B 610 63.24 35.16 30.55
N LYS B 611 63.50 34.64 29.35
CA LYS B 611 64.90 34.28 28.99
C LYS B 611 65.66 35.53 28.56
N GLU B 612 64.94 36.60 28.21
CA GLU B 612 65.60 37.88 27.81
C GLU B 612 66.28 38.49 29.04
N ALA B 613 65.49 38.93 30.03
CA ALA B 613 66.06 39.51 31.26
C ALA B 613 66.59 38.39 32.16
N HIS B 614 67.40 38.75 33.16
CA HIS B 614 67.99 37.72 34.07
C HIS B 614 67.81 38.15 35.52
N LEU B 615 67.31 37.24 36.37
CA LEU B 615 67.12 37.56 37.81
C LEU B 615 67.80 36.46 38.65
N PRO B 616 68.07 36.69 39.96
CA PRO B 616 68.78 35.71 40.77
C PRO B 616 68.12 34.33 40.69
N PRO B 617 68.89 33.22 40.56
CA PRO B 617 68.31 31.88 40.42
C PRO B 617 67.28 31.63 41.52
N GLY B 618 66.12 31.09 41.16
CA GLY B 618 65.05 30.89 42.15
C GLY B 618 64.86 29.42 42.53
N ALA B 619 63.93 29.16 43.46
CA ALA B 619 63.65 27.80 43.90
C ALA B 619 62.16 27.54 44.02
N MET B 620 61.80 26.26 43.92
CA MET B 620 60.44 25.76 44.14
C MET B 620 60.44 24.54 45.06
N ALA B 621 61.03 24.71 46.23
CA ALA B 621 60.86 23.73 47.30
C ALA B 621 59.39 23.63 47.69
N ALA B 622 58.97 22.41 48.00
CA ALA B 622 57.59 22.14 48.42
C ALA B 622 57.62 21.60 49.83
N VAL B 623 56.75 22.16 50.68
CA VAL B 623 56.77 21.84 52.11
C VAL B 623 55.42 21.25 52.50
N GLY B 624 55.43 20.52 53.61
CA GLY B 624 54.22 19.93 54.15
C GLY B 624 53.53 20.83 55.14
N LEU B 625 53.16 22.04 54.71
CA LEU B 625 52.54 23.03 55.56
C LEU B 625 51.35 23.63 54.83
N SER B 626 50.42 24.19 55.60
CA SER B 626 49.23 24.78 55.02
C SER B 626 49.54 26.18 54.50
N TRP B 627 48.51 26.82 53.93
CA TRP B 627 48.68 28.15 53.33
C TRP B 627 48.91 29.22 54.39
N GLU B 628 48.23 29.12 55.53
CA GLU B 628 48.37 30.12 56.57
C GLU B 628 49.66 29.98 57.38
N GLU B 629 50.15 28.75 57.57
CA GLU B 629 51.37 28.57 58.35
C GLU B 629 52.60 28.96 57.54
N CYS B 630 52.50 28.95 56.21
CA CYS B 630 53.64 29.29 55.37
C CYS B 630 53.94 30.78 55.37
N LYS B 631 52.95 31.63 55.60
CA LYS B 631 53.19 33.07 55.60
C LYS B 631 53.96 33.52 56.84
N GLN B 632 53.80 32.82 57.95
CA GLN B 632 54.41 33.22 59.20
C GLN B 632 55.75 32.55 59.46
N ARG B 633 56.15 31.60 58.62
CA ARG B 633 57.40 30.87 58.84
C ARG B 633 58.42 31.13 57.73
N CYS B 634 58.06 31.90 56.71
CA CYS B 634 59.03 32.27 55.68
C CYS B 634 59.82 33.49 56.15
N PRO B 635 61.06 33.65 55.69
CA PRO B 635 61.75 34.93 55.90
C PRO B 635 61.13 36.00 55.03
N PRO B 636 61.31 37.28 55.39
CA PRO B 636 60.85 38.37 54.51
C PRO B 636 61.54 38.35 53.16
N GLY B 637 60.79 38.70 52.12
CA GLY B 637 61.25 38.55 50.76
C GLY B 637 61.03 37.19 50.16
N VAL B 638 60.39 36.27 50.89
CA VAL B 638 60.11 34.92 50.42
C VAL B 638 58.61 34.69 50.51
N VAL B 639 58.00 34.39 49.38
CA VAL B 639 56.53 34.37 49.25
C VAL B 639 56.09 32.94 48.93
N PRO B 640 55.01 32.44 49.53
CA PRO B 640 54.41 31.19 49.04
C PRO B 640 53.87 31.37 47.62
N ALA B 641 54.00 30.31 46.82
CA ALA B 641 53.75 30.39 45.39
C ALA B 641 52.52 29.62 44.95
N CYS B 642 52.41 28.34 45.30
CA CYS B 642 51.37 27.49 44.76
C CYS B 642 50.53 26.90 45.88
N HIS B 643 49.23 27.13 45.83
CA HIS B 643 48.29 26.54 46.79
C HIS B 643 47.62 25.32 46.18
N ASN B 644 48.38 24.23 46.10
CA ASN B 644 47.87 23.00 45.51
C ASN B 644 46.81 22.35 46.39
N SER B 645 47.09 22.19 47.67
CA SER B 645 46.18 21.49 48.56
C SER B 645 46.32 22.09 49.96
N LYS B 646 45.66 21.46 50.93
CA LYS B 646 45.71 21.96 52.29
C LYS B 646 47.01 21.58 52.98
N ASP B 647 47.77 20.63 52.40
CA ASP B 647 49.01 20.16 53.00
C ASP B 647 50.22 20.40 52.12
N THR B 648 50.03 20.79 50.86
CA THR B 648 51.12 20.98 49.92
C THR B 648 51.11 22.43 49.44
N VAL B 649 52.16 23.17 49.80
CA VAL B 649 52.31 24.56 49.39
C VAL B 649 53.74 24.76 48.90
N THR B 650 53.90 25.29 47.69
CA THR B 650 55.22 25.50 47.11
C THR B 650 55.74 26.87 47.51
N ILE B 651 56.99 26.92 47.97
CA ILE B 651 57.66 28.14 48.38
C ILE B 651 58.52 28.61 47.22
N SER B 652 58.82 29.91 47.19
CA SER B 652 59.61 30.51 46.13
C SER B 652 60.64 31.47 46.70
N GLY B 653 61.88 31.39 46.20
CA GLY B 653 62.93 32.25 46.67
C GLY B 653 64.31 31.83 46.20
N PRO B 654 65.35 32.50 46.69
CA PRO B 654 66.72 32.19 46.25
C PRO B 654 67.24 30.91 46.90
N GLN B 655 68.54 30.66 46.66
CA GLN B 655 69.17 29.42 47.10
C GLN B 655 69.32 29.36 48.62
N ALA B 656 69.65 30.49 49.23
CA ALA B 656 69.85 30.50 50.68
C ALA B 656 68.55 30.38 51.48
N PRO B 657 67.41 30.98 51.09
CA PRO B 657 66.14 30.52 51.70
C PRO B 657 65.78 29.08 51.35
N VAL B 658 66.21 28.58 50.19
CA VAL B 658 65.99 27.17 49.87
C VAL B 658 66.84 26.28 50.77
N PHE B 659 68.06 26.72 51.07
CA PHE B 659 68.91 25.95 51.98
C PHE B 659 68.44 26.08 53.42
N GLU B 660 67.67 27.12 53.72
CA GLU B 660 67.15 27.34 55.07
C GLU B 660 66.16 26.24 55.47
N PHE B 661 65.30 25.82 54.54
CA PHE B 661 64.25 24.87 54.89
C PHE B 661 64.68 23.44 54.66
N VAL B 662 65.95 23.23 54.29
CA VAL B 662 66.50 21.88 54.29
C VAL B 662 66.56 21.33 55.72
N GLU B 663 66.98 22.18 56.66
CA GLU B 663 67.10 21.75 58.05
C GLU B 663 65.73 21.54 58.68
N GLN B 664 64.74 22.36 58.30
CA GLN B 664 63.40 22.20 58.85
C GLN B 664 62.67 21.02 58.21
N LEU B 665 63.16 20.56 57.05
CA LEU B 665 62.62 19.34 56.45
C LEU B 665 63.00 18.11 57.26
N ARG B 666 64.16 18.16 57.93
CA ARG B 666 64.52 17.12 58.89
C ARG B 666 63.59 17.11 60.10
N LYS B 667 63.10 18.27 60.50
CA LYS B 667 62.26 18.42 61.68
C LYS B 667 60.84 17.98 61.33
N GLU B 668 60.32 17.02 62.11
CA GLU B 668 58.99 16.42 61.98
C GLU B 668 58.71 15.73 60.65
N GLY B 669 57.48 15.85 60.15
CA GLY B 669 57.16 15.30 58.84
C GLY B 669 56.98 16.46 57.90
N VAL B 670 58.07 16.84 57.21
CA VAL B 670 58.07 17.93 56.25
C VAL B 670 58.72 17.41 54.97
N PHE B 671 58.03 17.58 53.85
CA PHE B 671 58.54 17.19 52.55
C PHE B 671 59.72 18.06 52.16
N ALA B 672 60.70 17.43 51.51
CA ALA B 672 61.89 18.15 51.06
C ALA B 672 61.99 18.11 49.55
N LYS B 673 60.83 18.09 48.88
CA LYS B 673 60.80 18.11 47.42
C LYS B 673 61.20 19.48 46.90
N GLU B 674 62.40 19.56 46.32
CA GLU B 674 62.94 20.82 45.82
C GLU B 674 63.08 20.80 44.30
N VAL B 675 62.05 20.30 43.59
CA VAL B 675 62.12 20.24 42.14
C VAL B 675 62.02 21.65 41.56
N ARG B 676 62.98 21.99 40.70
CA ARG B 676 63.04 23.28 40.05
C ARG B 676 62.92 23.11 38.55
N THR B 677 62.57 24.21 37.89
CA THR B 677 62.53 24.23 36.43
C THR B 677 63.40 25.36 35.91
N GLY B 678 64.68 25.07 35.68
CA GLY B 678 65.61 26.07 35.21
C GLY B 678 66.14 27.02 36.26
N GLY B 679 65.78 26.82 37.53
CA GLY B 679 66.22 27.70 38.59
C GLY B 679 65.67 29.11 38.49
N MET B 680 64.37 29.25 38.25
CA MET B 680 63.74 30.55 38.08
C MET B 680 62.54 30.62 39.02
N ALA B 681 62.36 31.77 39.68
CA ALA B 681 61.32 31.92 40.70
C ALA B 681 60.06 32.50 40.09
N PHE B 682 59.30 31.66 39.39
CA PHE B 682 57.95 32.00 38.96
C PHE B 682 57.03 32.18 40.15
N HIS B 683 55.98 33.00 39.93
CA HIS B 683 54.95 33.37 40.91
C HIS B 683 55.58 33.97 42.16
N SER B 684 56.31 35.06 41.96
CA SER B 684 57.13 35.63 43.01
C SER B 684 57.25 37.13 42.79
N TYR B 685 57.98 37.80 43.68
CA TYR B 685 58.18 39.25 43.58
C TYR B 685 59.37 39.61 42.71
N PHE B 686 60.18 38.62 42.31
CA PHE B 686 61.34 38.88 41.47
C PHE B 686 60.98 39.24 40.04
N MET B 687 59.75 38.96 39.60
CA MET B 687 59.31 39.33 38.27
C MET B 687 58.29 40.46 38.25
N GLU B 688 58.34 41.38 39.22
CA GLU B 688 57.54 42.58 39.10
C GLU B 688 58.04 43.47 37.97
N ALA B 689 59.34 43.38 37.65
CA ALA B 689 59.90 44.14 36.53
C ALA B 689 59.83 43.38 35.21
N ILE B 690 59.47 42.10 35.23
CA ILE B 690 59.41 41.31 34.00
C ILE B 690 58.17 41.69 33.18
N ALA B 691 57.07 42.02 33.86
CA ALA B 691 55.82 42.34 33.18
C ALA B 691 55.84 43.56 32.24
N PRO B 692 56.45 44.72 32.54
CA PRO B 692 56.36 45.87 31.59
C PRO B 692 57.04 45.64 30.24
N PRO B 693 58.17 44.90 30.11
CA PRO B 693 58.69 44.57 28.78
C PRO B 693 57.74 43.57 28.14
N LEU B 694 57.29 42.58 28.93
CA LEU B 694 56.39 41.51 28.39
C LEU B 694 55.06 42.12 27.93
N LEU B 695 54.46 42.99 28.74
CA LEU B 695 53.13 43.56 28.39
C LEU B 695 53.22 44.24 27.02
N GLN B 696 54.30 44.99 26.77
CA GLN B 696 54.46 45.70 25.47
C GLN B 696 54.34 44.70 24.32
N GLU B 697 55.07 43.59 24.40
CA GLU B 697 55.06 42.59 23.31
C GLU B 697 53.67 41.96 23.17
N LEU B 698 52.97 41.75 24.28
CA LEU B 698 51.65 41.05 24.23
C LEU B 698 50.59 41.92 23.54
N LYS B 699 50.60 43.24 23.75
CA LYS B 699 49.54 44.06 23.18
C LYS B 699 49.42 43.91 21.67
N LYS B 700 50.43 43.32 21.03
CA LYS B 700 50.44 43.18 19.58
C LYS B 700 49.89 41.84 19.10
N VAL B 701 49.42 40.99 20.01
CA VAL B 701 48.93 39.66 19.66
C VAL B 701 47.49 39.44 20.12
N ILE B 702 47.16 39.83 21.35
CA ILE B 702 45.83 39.58 21.89
C ILE B 702 45.17 40.96 21.98
N ARG B 703 45.46 41.78 20.97
CA ARG B 703 44.64 42.98 20.74
C ARG B 703 43.21 42.58 20.44
N GLU B 704 42.27 43.50 20.78
CA GLU B 704 40.81 43.37 20.85
C GLU B 704 40.40 42.06 21.51
N PRO B 705 40.55 41.92 22.83
CA PRO B 705 40.28 40.64 23.49
C PRO B 705 38.78 40.35 23.60
N LYS B 706 38.48 39.08 23.88
CA LYS B 706 37.14 38.53 24.05
C LYS B 706 36.87 38.24 25.52
N PRO B 707 35.63 38.38 25.99
CA PRO B 707 35.34 38.17 27.42
C PRO B 707 35.41 36.70 27.81
N ARG B 708 35.83 36.46 29.04
CA ARG B 708 35.85 35.11 29.59
C ARG B 708 34.45 34.66 29.94
N SER B 709 34.23 33.35 29.90
CA SER B 709 32.93 32.78 30.19
C SER B 709 32.81 32.45 31.67
N ALA B 710 31.58 32.11 32.07
CA ALA B 710 31.33 31.75 33.47
C ALA B 710 31.86 30.36 33.81
N ARG B 711 32.11 29.52 32.81
CA ARG B 711 32.62 28.19 33.07
C ARG B 711 34.10 28.22 33.46
N TRP B 712 34.84 29.18 32.92
CA TRP B 712 36.25 29.33 33.26
C TRP B 712 36.37 29.93 34.65
N LEU B 713 36.98 29.17 35.57
CA LEU B 713 37.23 29.61 36.93
C LEU B 713 38.68 30.07 37.02
N SER B 714 38.88 31.34 37.33
CA SER B 714 40.22 31.89 37.37
C SER B 714 40.99 31.38 38.57
N THR B 715 42.30 31.17 38.39
CA THR B 715 43.16 30.72 39.47
C THR B 715 44.22 31.75 39.85
N SER B 716 44.38 32.82 39.09
CA SER B 716 45.28 33.90 39.45
C SER B 716 44.55 35.10 40.05
N ILE B 717 43.23 35.05 40.11
CA ILE B 717 42.41 36.14 40.62
C ILE B 717 41.67 35.62 41.85
N PRO B 718 41.69 36.33 42.97
CA PRO B 718 40.92 35.90 44.14
C PRO B 718 39.42 36.02 43.89
N GLU B 719 38.66 35.35 44.77
CA GLU B 719 37.23 35.17 44.59
C GLU B 719 36.47 36.50 44.63
N ALA B 720 36.87 37.41 45.51
CA ALA B 720 36.17 38.68 45.62
C ALA B 720 36.44 39.63 44.46
N GLN B 721 37.47 39.37 43.65
CA GLN B 721 37.78 40.18 42.49
C GLN B 721 37.31 39.54 41.18
N TRP B 722 36.41 38.56 41.25
CA TRP B 722 36.00 37.85 40.04
C TRP B 722 35.12 38.71 39.14
N HIS B 723 34.46 39.72 39.69
CA HIS B 723 33.59 40.59 38.90
C HIS B 723 34.29 41.85 38.41
N SER B 724 35.59 41.98 38.65
CA SER B 724 36.30 43.20 38.32
C SER B 724 36.53 43.31 36.81
N SER B 725 37.01 44.48 36.39
CA SER B 725 37.24 44.73 34.97
C SER B 725 38.47 44.01 34.44
N LEU B 726 39.36 43.54 35.33
CA LEU B 726 40.55 42.84 34.88
C LEU B 726 40.25 41.38 34.56
N ALA B 727 39.27 40.78 35.25
CA ALA B 727 39.01 39.35 35.16
C ALA B 727 37.76 39.03 34.34
N ARG B 728 37.25 39.98 33.57
CA ARG B 728 36.13 39.66 32.69
C ARG B 728 36.60 39.22 31.31
N THR B 729 37.66 39.85 30.82
CA THR B 729 38.23 39.51 29.52
C THR B 729 39.60 38.87 29.68
N SER B 730 40.01 38.11 28.67
CA SER B 730 41.32 37.46 28.67
C SER B 730 42.31 38.31 27.87
N SER B 731 42.62 39.47 28.42
CA SER B 731 43.44 40.46 27.76
C SER B 731 44.92 40.17 27.99
N ALA B 732 45.75 41.11 27.55
CA ALA B 732 47.19 41.02 27.80
C ALA B 732 47.53 41.27 29.26
N GLU B 733 46.76 42.12 29.95
CA GLU B 733 47.01 42.36 31.37
C GLU B 733 46.59 41.17 32.22
N TYR B 734 45.64 40.36 31.72
CA TYR B 734 45.27 39.14 32.42
C TYR B 734 46.41 38.13 32.43
N ASN B 735 47.15 38.04 31.33
CA ASN B 735 48.21 37.04 31.23
C ASN B 735 49.46 37.46 32.01
N VAL B 736 49.77 38.75 32.05
CA VAL B 736 50.95 39.19 32.79
C VAL B 736 50.68 39.21 34.29
N ASN B 737 49.42 39.24 34.71
CA ASN B 737 49.11 39.16 36.13
C ASN B 737 49.26 37.72 36.61
N ASN B 738 49.12 36.76 35.69
CA ASN B 738 49.28 35.35 36.02
C ASN B 738 50.71 35.05 36.46
N LEU B 739 51.69 35.72 35.86
CA LEU B 739 53.08 35.46 36.19
C LEU B 739 53.47 36.08 37.54
N VAL B 740 52.85 37.20 37.91
CA VAL B 740 53.26 37.96 39.08
C VAL B 740 52.37 37.70 40.28
N SER B 741 51.45 36.74 40.20
CA SER B 741 50.57 36.45 41.31
C SER B 741 50.66 34.98 41.66
N PRO B 742 50.45 34.61 42.93
CA PRO B 742 50.42 33.18 43.28
C PRO B 742 49.20 32.49 42.72
N VAL B 743 49.35 31.22 42.39
CA VAL B 743 48.26 30.43 41.83
C VAL B 743 47.41 29.86 42.96
N LEU B 744 46.12 30.14 42.91
CA LEU B 744 45.16 29.73 43.94
C LEU B 744 44.41 28.51 43.41
N PHE B 745 45.00 27.33 43.60
CA PHE B 745 44.47 26.08 43.06
C PHE B 745 43.64 25.30 44.07
N GLN B 746 43.19 25.96 45.15
CA GLN B 746 42.37 25.30 46.15
C GLN B 746 40.94 25.83 46.17
N GLU B 747 40.77 27.14 46.18
CA GLU B 747 39.44 27.73 46.21
C GLU B 747 38.70 27.54 44.90
N ALA B 748 39.42 27.34 43.79
CA ALA B 748 38.76 26.97 42.55
C ALA B 748 38.24 25.54 42.62
N LEU B 749 38.94 24.66 43.32
CA LEU B 749 38.57 23.25 43.40
C LEU B 749 37.34 23.00 44.26
N TRP B 750 37.01 23.89 45.19
CA TRP B 750 35.82 23.67 46.00
C TRP B 750 34.53 24.06 45.29
N HIS B 751 34.62 24.70 44.13
CA HIS B 751 33.44 25.01 43.35
C HIS B 751 33.05 23.88 42.41
N VAL B 752 33.84 22.82 42.34
CA VAL B 752 33.53 21.67 41.49
C VAL B 752 32.38 20.89 42.11
N PRO B 753 31.36 20.51 41.35
CA PRO B 753 30.20 19.82 41.93
C PRO B 753 30.51 18.41 42.40
N GLU B 754 29.45 17.75 42.89
CA GLU B 754 29.59 16.51 43.64
C GLU B 754 30.02 15.34 42.77
N HIS B 755 29.38 15.16 41.61
CA HIS B 755 29.58 13.98 40.79
C HIS B 755 30.26 14.30 39.47
N ALA B 756 31.21 15.22 39.49
CA ALA B 756 31.87 15.65 38.27
C ALA B 756 32.87 14.62 37.79
N VAL B 757 33.07 14.58 36.49
CA VAL B 757 34.10 13.76 35.86
C VAL B 757 35.21 14.69 35.43
N VAL B 758 36.40 14.49 35.97
CA VAL B 758 37.51 15.42 35.81
C VAL B 758 38.50 14.83 34.82
N LEU B 759 38.81 15.60 33.78
CA LEU B 759 39.75 15.20 32.75
C LEU B 759 41.01 16.02 32.91
N GLU B 760 42.16 15.36 32.92
CA GLU B 760 43.44 16.05 33.07
C GLU B 760 44.11 16.16 31.72
N ILE B 761 44.34 17.39 31.28
CA ILE B 761 44.96 17.67 29.98
C ILE B 761 46.41 18.04 30.27
N ALA B 762 47.31 17.06 30.15
CA ALA B 762 48.71 17.25 30.46
C ALA B 762 49.51 16.18 29.73
N PRO B 763 50.74 16.48 29.33
CA PRO B 763 51.62 15.43 28.79
C PRO B 763 52.07 14.42 29.83
N HIS B 764 51.97 14.74 31.11
CA HIS B 764 52.15 13.76 32.17
C HIS B 764 51.32 14.21 33.35
N ALA B 765 50.47 13.32 33.87
CA ALA B 765 49.51 13.66 34.90
C ALA B 765 50.19 13.58 36.26
N LEU B 766 50.96 14.61 36.57
CA LEU B 766 51.59 14.73 37.89
C LEU B 766 50.71 15.43 38.91
N LEU B 767 49.57 15.95 38.49
CA LEU B 767 48.60 16.57 39.38
C LEU B 767 47.49 15.62 39.79
N GLN B 768 47.64 14.33 39.50
CA GLN B 768 46.59 13.36 39.81
C GLN B 768 46.47 13.12 41.31
N ALA B 769 47.60 13.08 42.01
CA ALA B 769 47.55 12.88 43.46
C ALA B 769 47.04 14.12 44.18
N VAL B 770 47.30 15.31 43.64
CA VAL B 770 46.81 16.55 44.21
C VAL B 770 45.30 16.63 44.08
N LEU B 771 44.76 16.25 42.91
CA LEU B 771 43.33 16.32 42.66
C LEU B 771 42.56 15.27 43.44
N LYS B 772 43.19 14.17 43.84
CA LYS B 772 42.47 13.14 44.59
C LYS B 772 42.13 13.61 45.99
N ARG B 773 43.11 14.20 46.69
CA ARG B 773 42.86 14.67 48.04
C ARG B 773 42.24 16.07 48.04
N GLY B 774 42.30 16.77 46.91
CA GLY B 774 41.77 18.14 46.87
C GLY B 774 40.31 18.22 46.48
N LEU B 775 39.76 17.19 45.87
CA LEU B 775 38.38 17.20 45.43
C LEU B 775 37.52 16.30 46.30
N LYS B 776 36.21 16.37 46.05
CA LYS B 776 35.26 15.53 46.76
C LYS B 776 35.43 14.07 46.33
N PRO B 777 35.17 13.11 47.23
CA PRO B 777 35.41 11.70 46.89
C PRO B 777 34.43 11.10 45.89
N SER B 778 33.38 11.82 45.50
CA SER B 778 32.44 11.34 44.50
C SER B 778 32.80 11.82 43.09
N CYS B 779 34.07 12.12 42.86
CA CYS B 779 34.54 12.59 41.56
C CYS B 779 35.51 11.57 40.98
N THR B 780 35.53 11.49 39.65
CA THR B 780 36.41 10.59 38.93
C THR B 780 37.47 11.41 38.21
N ILE B 781 38.73 11.03 38.38
CA ILE B 781 39.86 11.71 37.76
C ILE B 781 40.44 10.79 36.70
N ILE B 782 40.48 11.26 35.46
CA ILE B 782 41.00 10.45 34.36
C ILE B 782 42.23 11.11 33.76
N PRO B 783 43.39 10.49 33.83
CA PRO B 783 44.55 11.01 33.12
C PRO B 783 44.48 10.68 31.64
N LEU B 784 45.25 11.43 30.86
CA LEU B 784 45.29 11.23 29.41
C LEU B 784 46.65 10.84 28.89
N MET B 785 47.73 11.25 29.53
CA MET B 785 49.07 10.85 29.12
C MET B 785 49.88 10.46 30.34
N LYS B 786 50.88 9.61 30.13
CA LYS B 786 51.75 9.13 31.19
C LYS B 786 53.18 9.24 30.72
N LYS B 787 54.06 9.76 31.58
CA LYS B 787 55.46 9.96 31.24
C LYS B 787 56.16 8.61 31.07
N ASP B 788 56.95 8.50 29.99
CA ASP B 788 57.76 7.34 29.65
C ASP B 788 56.91 6.07 29.48
N HIS B 789 55.82 6.24 28.75
CA HIS B 789 54.96 5.14 28.33
C HIS B 789 55.32 4.75 26.91
N ARG B 790 55.38 3.43 26.66
CA ARG B 790 55.84 2.94 25.37
C ARG B 790 54.83 3.23 24.27
N ASP B 791 53.53 3.08 24.56
CA ASP B 791 52.46 3.43 23.63
C ASP B 791 51.49 4.33 24.37
N ASN B 792 51.67 5.64 24.19
CA ASN B 792 50.80 6.60 24.86
C ASN B 792 49.47 6.74 24.15
N LEU B 793 49.35 6.21 22.93
CA LEU B 793 48.06 6.20 22.25
C LEU B 793 47.10 5.20 22.89
N GLU B 794 47.64 4.07 23.39
CA GLU B 794 46.81 3.13 24.13
C GLU B 794 46.37 3.71 25.46
N PHE B 795 47.22 4.54 26.08
CA PHE B 795 46.84 5.18 27.33
C PHE B 795 45.76 6.23 27.12
N PHE B 796 45.82 6.94 25.99
CA PHE B 796 44.78 7.92 25.67
C PHE B 796 43.46 7.22 25.37
N LEU B 797 43.50 6.09 24.67
CA LEU B 797 42.28 5.39 24.30
C LEU B 797 41.63 4.72 25.51
N ALA B 798 42.43 4.34 26.51
CA ALA B 798 41.85 3.80 27.73
C ALA B 798 41.15 4.88 28.55
N GLY B 799 41.64 6.12 28.47
CA GLY B 799 40.96 7.22 29.14
C GLY B 799 39.63 7.55 28.53
N ILE B 800 39.54 7.49 27.19
CA ILE B 800 38.27 7.67 26.50
C ILE B 800 37.33 6.52 26.81
N GLY B 801 37.87 5.32 26.97
CA GLY B 801 37.04 4.16 27.27
C GLY B 801 36.41 4.23 28.65
N ARG B 802 37.18 4.67 29.65
CA ARG B 802 36.61 4.81 30.98
C ARG B 802 35.80 6.10 31.12
N LEU B 803 35.90 7.00 30.16
CA LEU B 803 34.97 8.12 30.08
C LEU B 803 33.60 7.64 29.62
N HIS B 804 33.55 6.59 28.81
CA HIS B 804 32.28 5.97 28.45
C HIS B 804 31.67 5.24 29.64
N LEU B 805 32.52 4.72 30.53
CA LEU B 805 32.03 3.93 31.70
C LEU B 805 31.50 4.87 32.79
N SER B 806 31.84 6.16 32.71
CA SER B 806 31.34 7.16 33.70
C SER B 806 29.91 7.56 33.34
N GLY B 807 29.62 7.72 32.04
CA GLY B 807 28.30 8.09 31.59
C GLY B 807 28.28 9.13 30.49
N ILE B 808 29.45 9.63 30.10
CA ILE B 808 29.56 10.65 29.07
C ILE B 808 29.69 9.97 27.71
N ASP B 809 28.81 10.33 26.78
CA ASP B 809 28.83 9.74 25.44
C ASP B 809 29.94 10.35 24.61
N ALA B 810 30.78 9.50 24.02
CA ALA B 810 31.96 9.94 23.29
C ALA B 810 32.32 8.87 22.27
N ASN B 811 32.17 9.19 20.98
CA ASN B 811 32.29 8.20 19.92
C ASN B 811 33.70 8.20 19.35
N PRO B 812 34.49 7.13 19.53
CA PRO B 812 35.89 7.18 19.08
C PRO B 812 36.06 6.97 17.58
N ASN B 813 34.98 6.89 16.81
CA ASN B 813 35.10 6.79 15.36
C ASN B 813 35.62 8.09 14.75
N ALA B 814 35.44 9.21 15.45
CA ALA B 814 35.83 10.51 14.91
C ALA B 814 37.35 10.70 14.95
N LEU B 815 38.05 9.89 15.72
CA LEU B 815 39.50 10.03 15.85
C LEU B 815 40.21 9.54 14.59
N PHE B 816 39.67 8.51 13.97
CA PHE B 816 40.31 7.81 12.86
C PHE B 816 39.67 8.24 11.54
N PRO B 817 40.31 7.95 10.40
CA PRO B 817 39.66 8.17 9.10
C PRO B 817 38.40 7.35 8.95
N PRO B 818 37.37 7.91 8.32
CA PRO B 818 36.08 7.20 8.23
C PRO B 818 36.13 6.04 7.25
N VAL B 819 35.23 5.09 7.49
CA VAL B 819 35.10 3.88 6.68
C VAL B 819 34.15 4.20 5.52
N GLU B 820 34.43 3.61 4.35
CA GLU B 820 33.60 3.78 3.16
C GLU B 820 32.19 3.26 3.38
N PHE B 821 31.21 3.88 2.70
CA PHE B 821 29.81 3.80 3.14
C PHE B 821 29.19 2.41 3.01
N PRO B 822 29.33 1.66 1.91
CA PRO B 822 28.87 0.27 1.98
C PRO B 822 29.91 -0.62 2.64
N ALA B 823 29.49 -1.35 3.65
CA ALA B 823 30.39 -2.32 4.25
C ALA B 823 30.59 -3.50 3.31
N PRO B 824 31.79 -4.06 3.24
CA PRO B 824 32.01 -5.23 2.37
C PRO B 824 31.28 -6.46 2.88
N ARG B 825 30.92 -7.34 1.95
CA ARG B 825 30.16 -8.52 2.34
C ARG B 825 31.07 -9.51 3.06
N GLY B 826 30.47 -10.31 3.93
CA GLY B 826 31.21 -11.12 4.86
C GLY B 826 31.51 -10.43 6.17
N THR B 827 31.05 -9.20 6.34
CA THR B 827 31.12 -8.53 7.61
C THR B 827 30.24 -9.28 8.61
N PRO B 828 30.74 -9.56 9.82
CA PRO B 828 29.98 -10.43 10.75
C PRO B 828 28.66 -9.82 11.19
N LEU B 829 27.71 -10.70 11.49
CA LEU B 829 26.37 -10.29 11.88
C LEU B 829 26.38 -9.67 13.27
N ILE B 830 25.45 -8.75 13.50
CA ILE B 830 25.35 -8.05 14.77
C ILE B 830 24.13 -8.49 15.56
N SER B 831 23.01 -8.77 14.89
CA SER B 831 21.80 -9.20 15.59
C SER B 831 21.89 -10.48 16.44
N PRO B 832 22.77 -11.46 16.18
CA PRO B 832 22.94 -12.52 17.20
C PRO B 832 23.71 -12.10 18.43
N LEU B 833 24.29 -10.92 18.47
CA LEU B 833 25.11 -10.50 19.60
C LEU B 833 24.34 -9.70 20.65
N ILE B 834 23.03 -9.53 20.46
CA ILE B 834 22.23 -8.73 21.38
C ILE B 834 21.52 -9.67 22.35
N LYS B 835 21.74 -9.44 23.64
CA LYS B 835 21.15 -10.26 24.68
C LYS B 835 20.30 -9.39 25.59
N TRP B 836 19.20 -9.97 26.07
CA TRP B 836 18.21 -9.25 26.85
C TRP B 836 18.18 -9.78 28.27
N ASP B 837 17.40 -9.09 29.10
CA ASP B 837 17.12 -9.51 30.48
C ASP B 837 15.91 -10.43 30.43
N HIS B 838 16.15 -11.72 30.36
CA HIS B 838 15.10 -12.72 30.21
C HIS B 838 14.92 -13.57 31.46
N SER B 839 15.00 -12.96 32.64
CA SER B 839 14.89 -13.70 33.88
C SER B 839 13.46 -14.02 34.28
N LEU B 840 12.47 -13.42 33.64
CA LEU B 840 11.08 -13.61 34.00
C LEU B 840 10.35 -14.41 32.93
N ALA B 841 9.27 -15.06 33.33
CA ALA B 841 8.44 -15.86 32.45
C ALA B 841 7.04 -15.28 32.40
N TRP B 842 6.48 -15.17 31.20
CA TRP B 842 5.18 -14.55 30.99
C TRP B 842 4.18 -15.59 30.50
N ASP B 843 2.91 -15.21 30.55
CA ASP B 843 1.84 -16.16 30.25
C ASP B 843 1.76 -16.46 28.77
N VAL B 844 1.54 -17.74 28.45
CA VAL B 844 1.34 -18.21 27.09
C VAL B 844 0.09 -19.06 27.11
N PRO B 845 -0.85 -18.90 26.17
CA PRO B 845 -2.04 -19.76 26.15
C PRO B 845 -1.72 -21.22 25.88
N ALA B 846 -2.47 -22.09 26.53
CA ALA B 846 -2.33 -23.53 26.39
C ALA B 846 -3.40 -24.05 25.45
N ALA B 847 -3.32 -25.33 25.13
CA ALA B 847 -4.32 -25.95 24.27
C ALA B 847 -5.65 -26.15 24.96
N GLU B 848 -5.69 -26.09 26.28
CA GLU B 848 -6.91 -26.27 27.05
C GLU B 848 -7.77 -25.00 27.09
N ASP B 849 -7.26 -23.86 26.65
CA ASP B 849 -8.00 -22.62 26.62
C ASP B 849 -8.78 -22.41 25.33
N PHE B 850 -8.96 -23.47 24.55
CA PHE B 850 -9.64 -23.41 23.27
C PHE B 850 -10.75 -24.45 23.26
N PRO B 851 -11.84 -24.21 22.52
CA PRO B 851 -12.96 -25.14 22.55
C PRO B 851 -12.62 -26.48 21.92
N ASN B 852 -12.95 -27.56 22.64
CA ASN B 852 -12.70 -28.92 22.16
C ASN B 852 -13.99 -29.67 21.88
N GLY B 853 -15.11 -28.96 21.78
CA GLY B 853 -16.37 -29.60 21.44
C GLY B 853 -17.10 -30.14 22.65
N SER B 854 -16.68 -29.72 23.84
CA SER B 854 -17.31 -30.18 25.08
C SER B 854 -18.60 -29.42 25.35
N ASP C 1 -1.71 3.92 37.80
CA ASP C 1 -1.65 3.86 36.32
C ASP C 1 -2.84 4.61 35.72
O 4HH C 2 -6.07 5.76 34.86
C 4HH C 2 -5.34 4.96 34.23
CA 4HH C 2 -3.99 5.46 33.71
N 4HH C 2 -2.88 4.74 34.39
CB 4HH C 2 -3.90 5.29 32.22
OG 4HH C 2 -5.20 5.07 31.67
CJ 4HH C 2 -6.15 6.65 29.20
CK 4HH C 2 -6.08 8.15 28.91
CL1 4HH C 2 -5.11 8.37 27.74
CL2 4HH C 2 -5.54 8.89 30.13
CL3 4HH C 2 -8.43 7.71 27.86
CM 4HH C 2 -7.48 8.68 28.55
OM 4HH C 2 -7.31 9.84 27.74
NN 4HH C 2 -8.16 7.36 26.62
ON 4HH C 2 -9.41 7.27 28.48
P 4HH C 2 -6.84 5.15 31.23
O1P 4HH C 2 -6.90 3.99 30.25
O2P 4HH C 2 -8.04 5.16 32.17
O3P 4HH C 2 -7.02 6.48 30.35
CO 4HH C 2 -8.73 8.05 25.46
CP 4HH C 2 -9.37 7.10 24.48
CQ 4HH C 2 -9.72 7.78 23.18
CS 4HH C 2 -9.04 7.62 20.81
CT 4HH C 2 -10.11 7.86 19.78
NR 4HH C 2 -9.58 7.07 22.05
OR 4HH C 2 -10.11 8.95 23.16
SU 4HH C 2 -9.42 8.43 18.21
N LEU C 3 -5.65 3.68 33.97
CA LEU C 3 -6.96 3.12 34.40
C LEU C 3 -6.94 2.89 35.91
N MET C 4 -5.75 2.76 36.49
CA MET C 4 -5.63 2.51 37.96
C MET C 4 -5.67 3.84 38.73
N SER C 5 -6.05 4.94 38.07
CA SER C 5 -6.19 6.20 38.86
C SER C 5 -7.47 6.17 39.68
N VAL C 6 -8.49 5.42 39.21
CA VAL C 6 -9.75 5.29 40.00
C VAL C 6 -9.40 4.60 41.32
N GLU C 7 -8.75 3.43 41.25
CA GLU C 7 -8.32 2.71 42.48
C GLU C 7 -7.39 3.62 43.29
N VAL C 8 -6.59 4.44 42.60
CA VAL C 8 -5.63 5.36 43.30
C VAL C 8 -6.43 6.31 44.20
N ARG C 9 -7.43 7.00 43.63
CA ARG C 9 -8.27 7.95 44.40
C ARG C 9 -9.04 7.18 45.48
N GLN C 10 -9.42 5.93 45.20
CA GLN C 10 -10.11 5.11 46.22
C GLN C 10 -9.20 4.96 47.44
N THR C 11 -7.95 4.53 47.22
CA THR C 11 -6.99 4.36 48.34
C THR C 11 -6.74 5.72 49.00
N LEU C 12 -6.73 6.80 48.23
CA LEU C 12 -6.49 8.16 48.77
C LEU C 12 -7.61 8.50 49.78
N GLU C 13 -8.86 8.23 49.41
CA GLU C 13 -10.01 8.51 50.30
C GLU C 13 -9.96 7.57 51.50
N ARG C 14 -9.52 6.32 51.29
CA ARG C 14 -9.40 5.34 52.40
C ARG C 14 -8.38 5.86 53.42
N GLU C 15 -7.32 6.52 52.93
CA GLU C 15 -6.31 7.11 53.83
C GLU C 15 -6.89 8.39 54.45
N LEU C 16 -7.64 9.16 53.65
CA LEU C 16 -8.30 10.39 54.14
C LEU C 16 -9.43 10.00 55.11
#